data_8H2T
#
_entry.id   8H2T
#
_cell.length_a   1.00
_cell.length_b   1.00
_cell.length_c   1.00
_cell.angle_alpha   90.00
_cell.angle_beta   90.00
_cell.angle_gamma   90.00
#
_symmetry.space_group_name_H-M   'P 1'
#
loop_
_entity.id
_entity.type
_entity.pdbx_description
1 polymer 'Rieske (2Fe-2S) domain protein'
2 polymer 'Aromatic-ring-hydroxylating dioxygenase beta subunit'
3 non-polymer 'FE2/S2 (INORGANIC) CLUSTER'
4 non-polymer '1H-INDOL-3-YLACETIC ACID'
5 non-polymer 'FE (III) ION'
#
loop_
_entity_poly.entity_id
_entity_poly.type
_entity_poly.pdbx_seq_one_letter_code
_entity_poly.pdbx_strand_id
1 'polypeptide(L)'
;MTSYRDNPDAIRALVQDDRVHRDLYTSQELFELEQEHFFANTWNYVGHESQLPKPGDWISNEIAGRPLIVARHSDGSVRA
MMNRCAHKGSRLVNGPCGNTGKFFRCPYHAWTFKTDGSLLAIPLKTGYENTALHECESAKGLTTLRYVRSHRGFIFVKIS
DAGPDFDDYFGDSLSSIDNMADRSPEGELEIAGGCLRFMHQCNWKMFVENLNDTMHPMVAHESSAGTAKRMWADKPEDEP
KPMAVEQFAPFMSDYKFFEDMGIRTYDNGHSFTGVHFSIHSKYKAIPAYDDAMKARYGEAKTAQILGMARHNTVYYPNLT
IKGAIQAIRVVKPISADRTLIESWTFRLKGAPPELLQRTTMYNRLINSPFSVVGHDDLQAYRGMQAGLHASGNEWVSLHR
NYDPSELKGGEITTGGTNELPMRNQYRAWVQRMTETM
;
B,D,G
2 'polypeptide(L)'
;MAGTEVTRQDLIDFVVNEAHLLDTRRYEEWNALFTDDAFYWVPLVPDQEDGLNHTSHLYEDKLLRELRIERLKSPRAFSQ
QPPSRCHHLLQVPVVEQFDAEGNRFVLRTGFHYTESQGDELQFYVGTFFHHLTVRDGALRMTLKRVNLLNCDAALPAVQL
FI
;
A,E,H
#
loop_
_chem_comp.id
_chem_comp.type
_chem_comp.name
_chem_comp.formula
FE non-polymer 'FE (III) ION' 'Fe 3'
FES non-polymer 'FE2/S2 (INORGANIC) CLUSTER' 'Fe2 S2'
IAC non-polymer '1H-INDOL-3-YLACETIC ACID' 'C10 H9 N O2'
#
# COMPACT_ATOMS: atom_id res chain seq x y z
N SER A 3 25.59 4.51 9.56
CA SER A 3 26.44 4.65 10.73
C SER A 3 26.91 6.09 10.91
N TYR A 4 25.96 7.02 10.98
CA TYR A 4 26.25 8.43 11.21
C TYR A 4 25.93 8.88 12.63
N ARG A 5 25.14 8.10 13.37
CA ARG A 5 24.72 8.51 14.70
C ARG A 5 25.91 8.71 15.62
N ASP A 6 25.94 9.85 16.32
CA ASP A 6 27.03 10.19 17.24
C ASP A 6 28.39 10.14 16.54
N ASN A 7 28.41 10.39 15.24
CA ASN A 7 29.60 10.26 14.42
C ASN A 7 29.73 11.53 13.57
N PRO A 8 30.01 12.67 14.22
CA PRO A 8 29.96 13.95 13.49
C PRO A 8 30.99 14.10 12.40
N ASP A 9 32.19 13.52 12.55
CA ASP A 9 33.20 13.65 11.50
C ASP A 9 32.76 12.93 10.23
N ALA A 10 32.06 11.80 10.36
CA ALA A 10 31.52 11.15 9.17
C ALA A 10 30.35 11.95 8.60
N ILE A 11 29.72 12.80 9.41
CA ILE A 11 28.73 13.73 8.87
C ILE A 11 29.40 14.81 8.05
N ARG A 12 30.54 15.32 8.53
CA ARG A 12 31.28 16.33 7.78
C ARG A 12 31.91 15.75 6.53
N ALA A 13 32.26 14.47 6.54
CA ALA A 13 32.95 13.85 5.41
C ALA A 13 32.07 13.67 4.19
N LEU A 14 30.75 13.84 4.31
CA LEU A 14 29.88 13.69 3.15
C LEU A 14 29.77 14.94 2.30
N VAL A 15 30.40 16.04 2.72
CA VAL A 15 30.39 17.30 1.98
C VAL A 15 31.82 17.77 1.81
N GLN A 16 32.20 18.08 0.58
CA GLN A 16 33.49 18.67 0.26
C GLN A 16 33.29 20.07 -0.29
N ASP A 17 34.39 20.69 -0.73
CA ASP A 17 34.35 22.09 -1.12
C ASP A 17 33.46 22.31 -2.34
N ASP A 18 33.53 21.40 -3.33
CA ASP A 18 32.81 21.59 -4.58
C ASP A 18 32.01 20.37 -5.02
N ARG A 19 31.80 19.40 -4.13
CA ARG A 19 31.01 18.23 -4.47
C ARG A 19 30.42 17.64 -3.19
N VAL A 20 29.39 16.81 -3.36
CA VAL A 20 28.71 16.19 -2.24
C VAL A 20 28.60 14.68 -2.50
N HIS A 21 28.21 13.95 -1.46
CA HIS A 21 28.03 12.51 -1.57
C HIS A 21 26.59 12.17 -1.89
N ARG A 22 26.37 10.94 -2.37
CA ARG A 22 25.03 10.51 -2.73
C ARG A 22 24.18 10.21 -1.50
N ASP A 23 24.80 9.91 -0.36
CA ASP A 23 24.05 9.58 0.85
C ASP A 23 23.18 10.74 1.32
N LEU A 24 23.48 11.97 0.86
CA LEU A 24 22.65 13.11 1.23
C LEU A 24 21.27 13.06 0.58
N TYR A 25 21.05 12.18 -0.39
CA TYR A 25 19.77 12.10 -1.06
C TYR A 25 19.05 10.77 -0.90
N THR A 26 19.67 9.76 -0.29
CA THR A 26 19.08 8.43 -0.21
C THR A 26 19.00 7.88 1.21
N SER A 27 20.01 8.19 2.03
CA SER A 27 20.16 7.56 3.33
C SER A 27 18.99 7.91 4.25
N GLN A 28 18.26 6.88 4.69
CA GLN A 28 17.11 7.09 5.59
C GLN A 28 17.56 7.46 7.00
N GLU A 29 18.63 6.83 7.48
CA GLU A 29 19.16 7.20 8.79
C GLU A 29 19.59 8.66 8.81
N LEU A 30 20.11 9.17 7.69
CA LEU A 30 20.43 10.59 7.60
C LEU A 30 19.16 11.43 7.68
N PHE A 31 18.05 10.96 7.09
CA PHE A 31 16.80 11.69 7.20
C PHE A 31 16.32 11.75 8.64
N GLU A 32 16.41 10.64 9.36
CA GLU A 32 16.00 10.64 10.78
C GLU A 32 16.89 11.57 11.59
N LEU A 33 18.20 11.55 11.34
CA LEU A 33 19.11 12.45 12.04
C LEU A 33 18.76 13.90 11.74
N GLU A 34 18.40 14.20 10.49
CA GLU A 34 17.95 15.55 10.15
C GLU A 34 16.72 15.94 10.95
N GLN A 35 15.71 15.06 10.97
CA GLN A 35 14.49 15.35 11.71
C GLN A 35 14.78 15.59 13.19
N GLU A 36 15.77 14.90 13.73
CA GLU A 36 16.16 15.15 15.12
C GLU A 36 16.99 16.41 15.28
N HIS A 37 17.85 16.74 14.31
CA HIS A 37 18.85 17.78 14.50
C HIS A 37 18.65 18.99 13.59
N PHE A 38 18.63 18.79 12.26
CA PHE A 38 18.71 19.94 11.36
C PHE A 38 17.45 20.79 11.40
N PHE A 39 16.28 20.15 11.27
CA PHE A 39 15.04 20.90 11.20
C PHE A 39 14.61 21.45 12.55
N ALA A 40 15.23 21.02 13.63
CA ALA A 40 15.00 21.61 14.94
C ALA A 40 15.93 22.78 15.24
N ASN A 41 16.90 23.04 14.37
CA ASN A 41 17.89 24.09 14.59
C ASN A 41 17.80 25.20 13.55
N THR A 42 16.68 25.32 12.85
CA THR A 42 16.52 26.35 11.84
C THR A 42 15.12 26.94 11.94
N TRP A 43 14.95 28.12 11.36
CA TRP A 43 13.65 28.76 11.32
C TRP A 43 12.84 28.22 10.15
N ASN A 44 11.58 27.89 10.42
CA ASN A 44 10.72 27.25 9.43
C ASN A 44 9.39 27.99 9.34
N TYR A 45 8.94 28.21 8.12
CA TYR A 45 7.67 28.88 7.89
C TYR A 45 6.52 27.97 8.33
N VAL A 46 5.67 28.49 9.21
CA VAL A 46 4.52 27.72 9.70
C VAL A 46 3.19 28.32 9.24
N GLY A 47 3.15 29.58 8.84
CA GLY A 47 1.92 30.15 8.34
C GLY A 47 1.99 31.66 8.25
N HIS A 48 0.84 32.26 7.98
CA HIS A 48 0.69 33.69 7.87
C HIS A 48 -0.34 34.18 8.89
N GLU A 49 -0.19 35.44 9.29
CA GLU A 49 -1.08 36.02 10.30
C GLU A 49 -2.51 36.14 9.82
N SER A 50 -2.74 36.26 8.51
CA SER A 50 -4.09 36.39 8.00
C SER A 50 -4.87 35.09 8.08
N GLN A 51 -4.22 33.97 8.37
CA GLN A 51 -4.91 32.69 8.55
C GLN A 51 -5.54 32.56 9.93
N LEU A 52 -5.13 33.37 10.90
CA LEU A 52 -5.67 33.34 12.26
C LEU A 52 -5.92 34.76 12.75
N PRO A 53 -6.88 35.46 12.14
CA PRO A 53 -7.06 36.88 12.47
C PRO A 53 -7.71 37.13 13.83
N LYS A 54 -8.75 36.37 14.16
CA LYS A 54 -9.54 36.60 15.37
C LYS A 54 -8.90 35.94 16.59
N PRO A 55 -9.18 36.44 17.80
CA PRO A 55 -8.68 35.78 19.00
C PRO A 55 -9.24 34.37 19.11
N GLY A 56 -8.39 33.45 19.57
CA GLY A 56 -8.75 32.05 19.67
C GLY A 56 -8.60 31.26 18.39
N ASP A 57 -8.37 31.92 17.26
CA ASP A 57 -8.16 31.21 16.01
C ASP A 57 -6.82 30.48 16.03
N TRP A 58 -6.82 29.26 15.51
CA TRP A 58 -5.63 28.42 15.52
C TRP A 58 -5.47 27.71 14.19
N ILE A 59 -4.23 27.38 13.87
CA ILE A 59 -3.88 26.45 12.79
C ILE A 59 -2.97 25.38 13.37
N SER A 60 -2.91 24.25 12.67
CA SER A 60 -2.10 23.11 13.08
C SER A 60 -1.08 22.82 11.99
N ASN A 61 0.18 22.63 12.39
CA ASN A 61 1.26 22.36 11.47
C ASN A 61 2.10 21.20 11.98
N GLU A 62 3.04 20.75 11.14
CA GLU A 62 3.89 19.61 11.47
C GLU A 62 5.31 19.97 11.05
N ILE A 63 6.18 20.17 12.03
CA ILE A 63 7.56 20.60 11.77
C ILE A 63 8.51 19.61 12.45
N ALA A 64 9.40 19.01 11.66
CA ALA A 64 10.45 18.13 12.18
C ALA A 64 9.87 16.98 12.98
N GLY A 65 8.72 16.45 12.54
CA GLY A 65 8.08 15.36 13.25
C GLY A 65 7.33 15.77 14.50
N ARG A 66 7.10 17.07 14.70
CA ARG A 66 6.37 17.55 15.85
C ARG A 66 5.06 18.20 15.40
N PRO A 67 3.94 17.87 16.01
CA PRO A 67 2.70 18.61 15.73
C PRO A 67 2.61 19.88 16.58
N LEU A 68 2.21 20.97 15.94
CA LEU A 68 2.22 22.29 16.55
C LEU A 68 0.88 22.97 16.37
N ILE A 69 0.46 23.71 17.40
CA ILE A 69 -0.70 24.60 17.33
C ILE A 69 -0.16 26.02 17.36
N VAL A 70 -0.52 26.80 16.34
CA VAL A 70 -0.21 28.23 16.28
C VAL A 70 -1.53 28.97 16.45
N ALA A 71 -1.63 29.76 17.51
CA ALA A 71 -2.91 30.33 17.91
C ALA A 71 -2.77 31.82 18.19
N ARG A 72 -3.91 32.50 18.14
CA ARG A 72 -4.00 33.92 18.44
C ARG A 72 -4.52 34.08 19.87
N HIS A 73 -3.66 34.54 20.76
CA HIS A 73 -4.02 34.70 22.16
C HIS A 73 -5.02 35.85 22.31
N SER A 74 -5.60 35.94 23.51
CA SER A 74 -6.62 36.96 23.78
C SER A 74 -6.06 38.37 23.74
N ASP A 75 -4.74 38.54 23.92
CA ASP A 75 -4.13 39.86 23.87
C ASP A 75 -3.71 40.27 22.46
N GLY A 76 -4.03 39.46 21.45
CA GLY A 76 -3.71 39.78 20.08
C GLY A 76 -2.38 39.24 19.58
N SER A 77 -1.57 38.65 20.44
CA SER A 77 -0.28 38.12 20.03
C SER A 77 -0.45 36.75 19.39
N VAL A 78 0.66 36.15 18.97
CA VAL A 78 0.68 34.84 18.33
C VAL A 78 1.54 33.91 19.18
N ARG A 79 1.00 32.74 19.50
CA ARG A 79 1.67 31.78 20.35
C ARG A 79 1.76 30.43 19.65
N ALA A 80 2.75 29.64 20.03
CA ALA A 80 2.97 28.31 19.48
C ALA A 80 3.15 27.30 20.61
N MET A 81 2.45 26.18 20.51
CA MET A 81 2.54 25.15 21.54
C MET A 81 2.50 23.77 20.90
N MET A 82 2.89 22.77 21.68
CA MET A 82 2.79 21.40 21.22
C MET A 82 1.33 20.96 21.19
N ASN A 83 0.95 20.27 20.11
CA ASN A 83 -0.39 19.70 19.99
C ASN A 83 -0.46 18.36 20.73
N ARG A 84 -0.28 18.44 22.04
CA ARG A 84 -0.15 17.25 22.87
C ARG A 84 -0.63 17.57 24.28
N CYS A 85 -1.70 16.89 24.70
CA CYS A 85 -2.27 17.13 26.02
C CYS A 85 -1.30 16.73 27.12
N ALA A 86 -1.41 17.43 28.26
CA ALA A 86 -0.50 17.21 29.38
C ALA A 86 -0.82 15.94 30.15
N HIS A 87 -1.97 15.31 29.91
CA HIS A 87 -2.35 14.12 30.67
C HIS A 87 -1.67 12.86 30.13
N LYS A 88 -1.98 12.49 28.89
CA LYS A 88 -1.44 11.27 28.33
C LYS A 88 -1.03 11.40 26.86
N GLY A 89 -1.08 12.59 26.28
CA GLY A 89 -0.50 12.83 24.98
C GLY A 89 -1.47 12.99 23.82
N SER A 90 -2.77 12.87 24.05
CA SER A 90 -3.73 12.98 22.96
C SER A 90 -3.75 14.40 22.39
N ARG A 91 -4.02 14.49 21.09
CA ARG A 91 -4.11 15.79 20.45
C ARG A 91 -5.31 16.57 21.00
N LEU A 92 -5.18 17.89 21.03
CA LEU A 92 -6.26 18.74 21.49
C LEU A 92 -7.17 19.19 20.36
N VAL A 93 -6.63 19.42 19.17
CA VAL A 93 -7.39 19.93 18.04
C VAL A 93 -7.10 19.04 16.83
N ASN A 94 -8.17 18.60 16.16
CA ASN A 94 -8.07 17.76 14.98
C ASN A 94 -8.51 18.57 13.77
N GLY A 95 -7.64 18.65 12.77
CA GLY A 95 -7.93 19.40 11.57
C GLY A 95 -6.86 20.40 11.22
N PRO A 96 -7.03 21.10 10.10
CA PRO A 96 -6.00 22.06 9.68
C PRO A 96 -6.10 23.43 10.36
N CYS A 97 -7.32 23.84 10.73
CA CYS A 97 -7.54 25.15 11.33
C CYS A 97 -8.84 25.11 12.11
N GLY A 98 -9.04 26.12 12.95
CA GLY A 98 -10.28 26.20 13.69
C GLY A 98 -10.26 27.33 14.70
N ASN A 99 -11.25 27.29 15.60
CA ASN A 99 -11.43 28.31 16.63
C ASN A 99 -11.99 27.64 17.87
N THR A 100 -11.29 27.80 19.00
CA THR A 100 -11.68 27.14 20.25
C THR A 100 -12.25 28.10 21.28
N GLY A 101 -12.45 29.37 20.94
CA GLY A 101 -13.01 30.29 21.91
C GLY A 101 -12.02 30.77 22.94
N LYS A 102 -12.15 30.27 24.17
CA LYS A 102 -11.33 30.77 25.28
C LYS A 102 -10.34 29.75 25.84
N PHE A 103 -10.51 28.46 25.56
CA PHE A 103 -9.60 27.47 26.10
C PHE A 103 -9.63 26.22 25.24
N PHE A 104 -8.58 25.41 25.39
CA PHE A 104 -8.50 24.10 24.75
C PHE A 104 -8.99 23.05 25.72
N ARG A 105 -9.74 22.07 25.19
CA ARG A 105 -10.31 21.00 26.00
C ARG A 105 -9.98 19.66 25.35
N CYS A 106 -9.23 18.82 26.05
CA CYS A 106 -8.82 17.54 25.50
C CYS A 106 -10.04 16.66 25.24
N PRO A 107 -10.09 15.97 24.10
CA PRO A 107 -11.23 15.11 23.79
C PRO A 107 -11.16 13.71 24.39
N TYR A 108 -10.19 13.43 25.27
CA TYR A 108 -10.09 12.13 25.92
C TYR A 108 -10.64 12.15 27.34
N HIS A 109 -10.07 12.99 28.22
CA HIS A 109 -10.55 13.10 29.59
C HIS A 109 -10.91 14.54 29.96
N ALA A 110 -11.01 15.42 28.96
CA ALA A 110 -11.51 16.78 29.14
C ALA A 110 -10.65 17.60 30.11
N TRP A 111 -9.34 17.42 30.03
CA TRP A 111 -8.46 18.42 30.63
C TRP A 111 -8.57 19.72 29.84
N THR A 112 -8.34 20.84 30.53
CA THR A 112 -8.56 22.15 29.92
C THR A 112 -7.33 23.02 30.15
N PHE A 113 -6.93 23.76 29.13
CA PHE A 113 -5.76 24.61 29.14
C PHE A 113 -6.09 25.96 28.51
N LYS A 114 -5.33 26.97 28.88
CA LYS A 114 -5.54 28.29 28.30
C LYS A 114 -4.98 28.35 26.88
N THR A 115 -5.36 29.41 26.16
CA THR A 115 -4.93 29.53 24.77
C THR A 115 -3.43 29.70 24.66
N ASP A 116 -2.79 30.30 25.66
CA ASP A 116 -1.34 30.39 25.68
C ASP A 116 -0.67 29.10 26.15
N GLY A 117 -1.45 28.07 26.47
CA GLY A 117 -0.92 26.77 26.83
C GLY A 117 -0.90 26.45 28.30
N SER A 118 -1.09 27.43 29.17
CA SER A 118 -1.06 27.18 30.61
C SER A 118 -2.29 26.40 31.05
N LEU A 119 -2.12 25.63 32.12
CA LEU A 119 -3.20 24.80 32.63
C LEU A 119 -4.32 25.66 33.21
N LEU A 120 -5.56 25.20 33.00
CA LEU A 120 -6.73 25.89 33.52
C LEU A 120 -7.48 25.08 34.56
N ALA A 121 -7.88 23.85 34.24
CA ALA A 121 -8.65 23.04 35.17
C ALA A 121 -8.47 21.58 34.85
N ILE A 122 -8.50 20.75 35.88
CA ILE A 122 -8.47 19.30 35.77
C ILE A 122 -9.76 18.76 36.36
N PRO A 123 -10.58 18.04 35.60
CA PRO A 123 -11.84 17.52 36.16
C PRO A 123 -11.59 16.52 37.27
N LEU A 124 -12.45 16.56 38.28
CA LEU A 124 -12.34 15.71 39.47
C LEU A 124 -10.95 15.82 40.10
N LYS A 125 -10.56 17.07 40.38
CA LYS A 125 -9.25 17.35 40.94
C LYS A 125 -9.03 16.66 42.29
N THR A 126 -10.11 16.33 43.00
CA THR A 126 -10.00 15.74 44.33
C THR A 126 -9.19 14.45 44.35
N GLY A 127 -8.86 13.89 43.20
CA GLY A 127 -8.05 12.70 43.11
C GLY A 127 -6.55 12.93 43.02
N TYR A 128 -6.08 14.17 43.20
CA TYR A 128 -4.66 14.46 43.03
C TYR A 128 -4.06 15.16 44.25
N GLU A 129 -4.72 15.12 45.41
CA GLU A 129 -4.25 15.90 46.55
C GLU A 129 -2.90 15.41 47.07
N ASN A 130 -2.78 14.10 47.32
CA ASN A 130 -1.60 13.55 47.96
C ASN A 130 -0.61 12.96 46.96
N THR A 131 -0.74 13.31 45.68
CA THR A 131 0.09 12.77 44.62
C THR A 131 1.17 13.78 44.25
N ALA A 132 1.91 13.47 43.18
CA ALA A 132 3.02 14.29 42.72
C ALA A 132 2.78 14.84 41.32
N LEU A 133 1.52 15.12 40.97
CA LEU A 133 1.23 15.74 39.69
C LEU A 133 1.76 17.17 39.63
N HIS A 134 1.64 17.92 40.73
CA HIS A 134 2.01 19.32 40.74
C HIS A 134 3.52 19.54 40.71
N GLU A 135 4.32 18.50 40.89
CA GLU A 135 5.77 18.63 40.78
C GLU A 135 6.29 18.33 39.39
N CYS A 136 5.57 17.55 38.59
CA CYS A 136 6.03 17.17 37.27
C CYS A 136 5.82 18.33 36.30
N GLU A 137 6.06 18.08 35.01
CA GLU A 137 5.86 19.11 33.98
C GLU A 137 4.46 19.11 33.41
N SER A 138 3.59 18.18 33.83
CA SER A 138 2.20 18.22 33.39
C SER A 138 1.41 19.31 34.08
N ALA A 139 1.93 19.87 35.18
CA ALA A 139 1.25 20.96 35.86
C ALA A 139 1.37 22.28 35.10
N LYS A 140 2.45 22.46 34.35
CA LYS A 140 2.65 23.72 33.64
C LYS A 140 1.72 23.87 32.45
N GLY A 141 1.10 22.79 31.99
CA GLY A 141 0.24 22.86 30.82
C GLY A 141 0.92 22.35 29.58
N LEU A 142 0.53 22.85 28.41
CA LEU A 142 1.17 22.46 27.17
C LEU A 142 2.58 23.04 27.09
N THR A 143 3.46 22.28 26.45
CA THR A 143 4.80 22.78 26.18
C THR A 143 4.73 23.86 25.10
N THR A 144 5.36 25.00 25.37
CA THR A 144 5.29 26.15 24.47
C THR A 144 6.62 26.34 23.74
N LEU A 145 6.56 27.14 22.68
CA LEU A 145 7.73 27.53 21.90
C LEU A 145 7.96 29.02 22.11
N ARG A 146 9.15 29.38 22.58
CA ARG A 146 9.48 30.77 22.81
C ARG A 146 10.22 31.40 21.64
N TYR A 147 10.46 30.65 20.56
CA TYR A 147 10.98 31.21 19.31
C TYR A 147 9.85 31.25 18.30
N VAL A 148 9.05 32.30 18.38
CA VAL A 148 8.01 32.59 17.39
C VAL A 148 8.19 34.05 16.97
N ARG A 149 8.35 34.28 15.67
CA ARG A 149 8.55 35.63 15.17
C ARG A 149 7.68 35.85 13.93
N SER A 150 7.37 37.11 13.67
CA SER A 150 6.51 37.48 12.56
C SER A 150 7.13 38.65 11.80
N HIS A 151 7.15 38.55 10.48
CA HIS A 151 7.59 39.63 9.61
C HIS A 151 6.54 39.82 8.52
N ARG A 152 5.89 40.98 8.52
CA ARG A 152 4.83 41.31 7.57
C ARG A 152 3.76 40.22 7.53
N GLY A 153 3.57 39.53 8.65
CA GLY A 153 2.57 38.49 8.77
C GLY A 153 3.10 37.08 8.70
N PHE A 154 4.31 36.89 8.16
CA PHE A 154 4.88 35.56 8.07
C PHE A 154 5.38 35.12 9.42
N ILE A 155 5.02 33.90 9.83
CA ILE A 155 5.36 33.37 11.15
C ILE A 155 6.44 32.31 10.99
N PHE A 156 7.55 32.49 11.70
CA PHE A 156 8.65 31.55 11.72
C PHE A 156 8.87 31.05 13.15
N VAL A 157 9.13 29.75 13.28
CA VAL A 157 9.40 29.13 14.56
C VAL A 157 10.71 28.37 14.50
N LYS A 158 11.31 28.16 15.66
CA LYS A 158 12.53 27.38 15.81
C LYS A 158 12.36 26.49 17.04
N ILE A 159 12.39 25.18 16.84
CA ILE A 159 12.01 24.25 17.90
C ILE A 159 12.98 24.33 19.08
N SER A 160 14.28 24.33 18.79
CA SER A 160 15.29 24.25 19.83
C SER A 160 15.91 25.62 20.10
N ASP A 161 16.86 25.65 21.03
CA ASP A 161 17.55 26.87 21.42
C ASP A 161 18.96 26.97 20.86
N ALA A 162 19.32 26.08 19.93
CA ALA A 162 20.65 26.07 19.34
C ALA A 162 20.59 26.65 17.94
N GLY A 163 21.44 27.63 17.68
CA GLY A 163 21.47 28.29 16.38
C GLY A 163 21.31 29.79 16.51
N PRO A 164 21.62 30.51 15.43
CA PRO A 164 21.49 31.97 15.46
C PRO A 164 20.04 32.41 15.56
N ASP A 165 19.85 33.60 16.12
CA ASP A 165 18.51 34.14 16.29
C ASP A 165 17.94 34.60 14.94
N PHE A 166 16.66 34.93 14.95
CA PHE A 166 15.93 35.31 13.74
C PHE A 166 16.65 36.38 12.95
N ASP A 167 17.05 37.46 13.62
CA ASP A 167 17.63 38.62 12.93
C ASP A 167 18.92 38.24 12.22
N ASP A 168 19.83 37.58 12.93
CA ASP A 168 21.08 37.16 12.31
C ASP A 168 20.90 35.98 11.38
N TYR A 169 19.88 35.15 11.62
CA TYR A 169 19.61 34.03 10.73
C TYR A 169 19.20 34.49 9.35
N PHE A 170 18.35 35.52 9.26
CA PHE A 170 17.82 35.92 7.97
C PHE A 170 18.55 37.12 7.34
N GLY A 171 19.22 37.93 8.14
CA GLY A 171 19.99 39.03 7.56
C GLY A 171 19.12 40.02 6.81
N ASP A 172 19.51 40.32 5.58
CA ASP A 172 18.83 41.32 4.75
C ASP A 172 17.96 40.71 3.66
N SER A 173 17.80 39.38 3.65
CA SER A 173 16.93 38.75 2.67
C SER A 173 15.46 39.13 2.88
N LEU A 174 15.10 39.58 4.09
CA LEU A 174 13.71 39.90 4.38
C LEU A 174 13.16 40.97 3.46
N SER A 175 14.03 41.76 2.83
CA SER A 175 13.57 42.78 1.88
C SER A 175 12.68 42.17 0.82
N SER A 176 12.96 40.93 0.40
CA SER A 176 12.09 40.26 -0.56
C SER A 176 10.65 40.26 -0.07
N ILE A 177 10.45 39.78 1.17
CA ILE A 177 9.11 39.78 1.75
C ILE A 177 8.52 41.18 1.71
N ASP A 178 9.33 42.18 2.06
CA ASP A 178 8.83 43.56 2.08
C ASP A 178 8.27 43.94 0.72
N ASN A 179 8.98 43.59 -0.36
CA ASN A 179 8.47 43.90 -1.69
C ASN A 179 7.13 43.22 -1.92
N MET A 180 7.04 41.94 -1.55
CA MET A 180 5.77 41.22 -1.65
C MET A 180 4.65 41.97 -0.93
N ALA A 181 4.97 42.62 0.19
CA ALA A 181 3.97 43.36 0.94
C ALA A 181 3.86 44.81 0.51
N ASP A 182 4.83 45.34 -0.21
CA ASP A 182 4.78 46.74 -0.64
C ASP A 182 4.03 46.93 -1.94
N ARG A 183 3.61 45.85 -2.58
CA ARG A 183 2.88 45.91 -3.84
C ARG A 183 1.37 46.07 -3.63
N SER A 184 0.94 46.24 -2.39
CA SER A 184 -0.45 46.49 -2.00
C SER A 184 -0.62 47.93 -1.56
N PRO A 185 -1.67 48.60 -2.03
CA PRO A 185 -1.93 49.98 -1.56
C PRO A 185 -2.10 50.08 -0.06
N GLU A 186 -2.64 49.04 0.59
CA GLU A 186 -2.78 49.04 2.04
C GLU A 186 -1.57 48.46 2.75
N GLY A 187 -0.61 47.89 2.02
CA GLY A 187 0.55 47.30 2.64
C GLY A 187 0.30 45.99 3.34
N GLU A 188 -0.78 45.30 3.01
CA GLU A 188 -1.18 44.08 3.69
C GLU A 188 -1.46 42.97 2.69
N LEU A 189 -1.20 41.74 3.13
CA LEU A 189 -1.48 40.54 2.34
C LEU A 189 -2.54 39.71 3.05
N GLU A 190 -3.32 38.96 2.27
CA GLU A 190 -4.20 37.97 2.88
C GLU A 190 -4.15 36.68 2.08
N ILE A 191 -4.48 35.58 2.74
CA ILE A 191 -4.45 34.26 2.11
C ILE A 191 -5.76 34.04 1.38
N ALA A 192 -5.69 33.79 0.08
CA ALA A 192 -6.87 33.55 -0.72
C ALA A 192 -6.49 32.76 -1.97
N GLY A 193 -7.45 32.00 -2.48
CA GLY A 193 -7.26 31.24 -3.70
C GLY A 193 -7.02 29.76 -3.52
N GLY A 194 -6.83 29.29 -2.29
CA GLY A 194 -6.62 27.88 -2.04
C GLY A 194 -5.16 27.48 -2.07
N CYS A 195 -4.91 26.23 -1.68
CA CYS A 195 -3.57 25.67 -1.59
C CYS A 195 -3.47 24.44 -2.46
N LEU A 196 -2.39 24.36 -3.25
CA LEU A 196 -2.12 23.21 -4.09
C LEU A 196 -1.11 22.31 -3.39
N ARG A 197 -1.42 21.02 -3.30
CA ARG A 197 -0.58 20.06 -2.60
C ARG A 197 -0.12 18.99 -3.59
N PHE A 198 1.19 18.78 -3.64
CA PHE A 198 1.83 17.93 -4.65
C PHE A 198 2.83 17.02 -3.95
N MET A 199 2.67 15.71 -4.15
CA MET A 199 3.53 14.73 -3.52
C MET A 199 4.61 14.27 -4.50
N HIS A 200 5.87 14.48 -4.13
CA HIS A 200 7.01 14.12 -4.95
C HIS A 200 7.68 12.89 -4.36
N GLN A 201 7.99 11.92 -5.21
CA GLN A 201 8.72 10.72 -4.79
C GLN A 201 10.23 10.97 -4.90
N CYS A 202 10.66 12.02 -4.21
CA CYS A 202 12.06 12.42 -4.22
C CYS A 202 12.39 13.11 -2.91
N ASN A 203 13.69 13.16 -2.60
CA ASN A 203 14.14 13.90 -1.43
C ASN A 203 13.85 15.38 -1.61
N TRP A 204 13.60 16.07 -0.49
CA TRP A 204 13.28 17.49 -0.54
C TRP A 204 14.45 18.31 -1.08
N LYS A 205 15.67 17.80 -0.91
CA LYS A 205 16.85 18.56 -1.31
C LYS A 205 16.82 18.89 -2.79
N MET A 206 16.46 17.91 -3.62
CA MET A 206 16.44 18.13 -5.07
C MET A 206 15.48 19.24 -5.45
N PHE A 207 14.29 19.25 -4.83
CA PHE A 207 13.34 20.32 -5.08
C PHE A 207 13.90 21.67 -4.66
N VAL A 208 14.60 21.71 -3.52
CA VAL A 208 15.17 22.98 -3.06
C VAL A 208 16.25 23.47 -4.03
N GLU A 209 16.98 22.54 -4.65
CA GLU A 209 17.99 22.96 -5.63
C GLU A 209 17.37 23.43 -6.94
N ASN A 210 16.29 22.79 -7.40
CA ASN A 210 15.73 23.16 -8.69
C ASN A 210 15.28 24.62 -8.76
N LEU A 211 15.21 25.32 -7.62
CA LEU A 211 14.65 26.68 -7.62
C LEU A 211 15.63 27.69 -8.22
N ASN A 212 16.92 27.54 -7.94
CA ASN A 212 17.93 28.48 -8.41
C ASN A 212 18.85 27.87 -9.46
N ASP A 213 18.32 26.95 -10.26
CA ASP A 213 19.09 26.27 -11.32
C ASP A 213 18.64 26.82 -12.66
N THR A 214 19.50 27.62 -13.30
CA THR A 214 19.18 28.23 -14.58
C THR A 214 19.67 27.43 -15.77
N MET A 215 20.34 26.30 -15.54
CA MET A 215 20.82 25.46 -16.63
C MET A 215 19.79 24.44 -17.10
N HIS A 216 18.82 24.11 -16.25
CA HIS A 216 17.81 23.09 -16.54
C HIS A 216 16.66 23.51 -17.46
N PRO A 217 16.12 24.73 -17.38
CA PRO A 217 14.82 24.97 -18.05
C PRO A 217 14.83 24.76 -19.55
N MET A 218 15.94 25.05 -20.23
CA MET A 218 15.98 24.91 -21.68
C MET A 218 16.09 23.45 -22.12
N VAL A 219 16.40 22.53 -21.21
CA VAL A 219 16.57 21.12 -21.54
C VAL A 219 15.36 20.30 -21.09
N ALA A 220 15.07 20.28 -19.79
CA ALA A 220 13.99 19.44 -19.29
C ALA A 220 12.63 19.97 -19.69
N HIS A 221 12.44 21.29 -19.63
CA HIS A 221 11.15 21.90 -19.93
C HIS A 221 10.99 22.22 -21.41
N GLU A 222 11.74 21.55 -22.28
CA GLU A 222 11.70 21.85 -23.71
C GLU A 222 10.39 21.41 -24.34
N SER A 223 9.93 20.19 -24.01
CA SER A 223 8.77 19.63 -24.70
C SER A 223 7.50 20.45 -24.49
N SER A 224 7.44 21.28 -23.44
CA SER A 224 6.28 22.11 -23.16
C SER A 224 6.52 23.58 -23.49
N ALA A 225 7.56 24.18 -22.92
CA ALA A 225 7.84 25.59 -23.19
C ALA A 225 8.20 25.81 -24.65
N GLY A 226 9.06 24.95 -25.22
CA GLY A 226 9.37 25.06 -26.63
C GLY A 226 8.16 24.83 -27.51
N THR A 227 7.30 23.89 -27.12
CA THR A 227 6.06 23.66 -27.86
C THR A 227 5.20 24.91 -27.88
N ALA A 228 5.05 25.57 -26.73
CA ALA A 228 4.26 26.80 -26.67
C ALA A 228 4.91 27.89 -27.51
N LYS A 229 6.22 28.03 -27.43
CA LYS A 229 6.93 29.05 -28.20
C LYS A 229 6.73 28.84 -29.69
N ARG A 230 6.85 27.60 -30.16
N ARG A 230 6.81 27.59 -30.15
CA ARG A 230 6.61 27.31 -31.57
CA ARG A 230 6.62 27.30 -31.57
C ARG A 230 5.16 27.55 -31.95
C ARG A 230 5.16 27.49 -31.97
N MET A 231 4.23 27.18 -31.07
CA MET A 231 2.82 27.35 -31.37
C MET A 231 2.47 28.82 -31.55
N TRP A 232 3.03 29.69 -30.72
CA TRP A 232 2.77 31.12 -30.89
C TRP A 232 3.55 31.69 -32.08
N ALA A 233 4.80 31.25 -32.26
CA ALA A 233 5.62 31.75 -33.35
C ALA A 233 5.01 31.41 -34.69
N ASP A 234 4.50 32.45 -35.37
CA ASP A 234 3.63 32.40 -36.55
C ASP A 234 2.67 33.57 -36.48
N LYS A 235 2.12 33.82 -35.30
CA LYS A 235 1.12 34.85 -35.13
C LYS A 235 1.73 36.23 -35.39
N PRO A 236 0.94 37.20 -35.87
CA PRO A 236 1.46 38.56 -36.05
C PRO A 236 1.99 39.14 -34.74
N GLU A 237 3.06 39.94 -34.82
CA GLU A 237 3.71 40.47 -33.64
C GLU A 237 2.85 41.51 -32.93
N ASP A 238 1.73 41.88 -33.54
CA ASP A 238 0.80 42.85 -32.96
C ASP A 238 -0.30 42.20 -32.13
N GLU A 239 -0.67 40.95 -32.44
CA GLU A 239 -1.72 40.29 -31.70
C GLU A 239 -1.30 40.09 -30.24
N PRO A 240 -2.21 40.28 -29.29
CA PRO A 240 -1.84 40.11 -27.87
C PRO A 240 -1.48 38.66 -27.57
N LYS A 241 -0.44 38.50 -26.77
CA LYS A 241 -0.01 37.17 -26.35
C LYS A 241 -0.89 36.70 -25.19
N PRO A 242 -1.49 35.50 -25.27
CA PRO A 242 -2.18 34.96 -24.11
C PRO A 242 -1.24 34.79 -22.94
N MET A 243 -1.77 34.99 -21.73
CA MET A 243 -0.93 34.98 -20.53
C MET A 243 -0.24 33.64 -20.33
N ALA A 244 -0.83 32.56 -20.85
CA ALA A 244 -0.16 31.26 -20.81
C ALA A 244 1.13 31.29 -21.60
N VAL A 245 1.07 31.77 -22.84
CA VAL A 245 2.28 31.90 -23.65
C VAL A 245 3.25 32.91 -23.04
N GLU A 246 2.71 33.98 -22.44
CA GLU A 246 3.57 34.98 -21.79
C GLU A 246 4.37 34.36 -20.66
N GLN A 247 3.73 33.51 -19.85
CA GLN A 247 4.43 32.89 -18.73
C GLN A 247 5.28 31.70 -19.15
N PHE A 248 4.98 31.09 -20.30
CA PHE A 248 5.73 29.92 -20.75
C PHE A 248 6.96 30.26 -21.58
N ALA A 249 6.90 31.34 -22.37
CA ALA A 249 8.00 31.64 -23.30
C ALA A 249 9.36 31.85 -22.62
N PRO A 250 9.48 32.58 -21.51
CA PRO A 250 10.83 32.85 -20.97
C PRO A 250 11.61 31.61 -20.57
N PHE A 251 10.96 30.45 -20.44
CA PHE A 251 11.69 29.26 -20.01
C PHE A 251 12.69 28.80 -21.06
N MET A 252 12.44 29.07 -22.33
CA MET A 252 13.29 28.60 -23.42
C MET A 252 14.24 29.68 -23.93
N SER A 253 14.71 30.55 -23.06
CA SER A 253 15.66 31.58 -23.45
C SER A 253 17.06 30.98 -23.62
N ASP A 254 17.95 31.77 -24.23
CA ASP A 254 19.31 31.34 -24.44
C ASP A 254 20.11 31.45 -23.14
N TYR A 255 21.37 30.99 -23.18
CA TYR A 255 22.19 30.98 -21.97
C TYR A 255 22.55 32.38 -21.52
N LYS A 256 22.74 33.31 -22.46
CA LYS A 256 23.13 34.66 -22.10
C LYS A 256 22.06 35.36 -21.27
N PHE A 257 20.79 35.12 -21.60
CA PHE A 257 19.70 35.72 -20.84
C PHE A 257 19.76 35.33 -19.37
N PHE A 258 19.83 34.03 -19.10
CA PHE A 258 19.88 33.57 -17.72
C PHE A 258 21.19 33.97 -17.04
N GLU A 259 22.29 34.02 -17.78
CA GLU A 259 23.56 34.44 -17.20
C GLU A 259 23.50 35.91 -16.79
N ASP A 260 22.84 36.75 -17.58
CA ASP A 260 22.72 38.17 -17.28
C ASP A 260 21.61 38.47 -16.27
N MET A 261 20.72 37.51 -15.99
CA MET A 261 19.69 37.76 -15.00
C MET A 261 20.29 38.03 -13.62
N GLY A 262 21.25 37.22 -13.20
CA GLY A 262 21.99 37.50 -11.98
C GLY A 262 21.47 36.71 -10.78
N ILE A 263 22.29 36.67 -9.74
CA ILE A 263 21.99 35.91 -8.52
C ILE A 263 22.65 36.62 -7.35
N ARG A 264 21.94 36.67 -6.21
CA ARG A 264 22.52 37.14 -4.96
C ARG A 264 22.31 36.11 -3.87
N THR A 265 23.33 35.92 -3.05
CA THR A 265 23.30 34.98 -1.94
C THR A 265 23.65 35.67 -0.63
N TYR A 266 22.98 35.26 0.44
CA TYR A 266 23.21 35.71 1.79
C TYR A 266 23.82 34.58 2.61
N ASP A 267 23.96 34.80 3.91
CA ASP A 267 24.38 33.73 4.80
C ASP A 267 23.21 32.78 5.05
N ASN A 268 23.53 31.64 5.67
CA ASN A 268 22.53 30.67 6.12
C ASN A 268 21.63 30.18 4.98
N GLY A 269 22.16 30.10 3.77
CA GLY A 269 21.46 29.45 2.68
C GLY A 269 20.31 30.22 2.07
N HIS A 270 20.14 31.50 2.40
CA HIS A 270 19.08 32.31 1.81
C HIS A 270 19.61 33.02 0.57
N SER A 271 18.87 32.91 -0.53
CA SER A 271 19.39 33.49 -1.77
C SER A 271 18.25 33.77 -2.73
N PHE A 272 18.41 34.80 -3.55
CA PHE A 272 17.40 35.11 -4.55
C PHE A 272 18.05 35.24 -5.92
N THR A 273 17.22 35.02 -6.94
CA THR A 273 17.66 35.00 -8.32
C THR A 273 17.02 36.16 -9.08
N GLY A 274 17.78 36.82 -9.94
CA GLY A 274 17.25 37.91 -10.73
C GLY A 274 17.46 39.28 -10.10
N VAL A 275 18.72 39.61 -9.79
CA VAL A 275 19.01 40.87 -9.13
C VAL A 275 18.60 42.06 -9.98
N HIS A 276 18.87 42.00 -11.28
CA HIS A 276 18.51 43.06 -12.22
C HIS A 276 17.87 42.41 -13.45
N PHE A 277 16.54 42.43 -13.48
CA PHE A 277 15.65 41.98 -14.55
C PHE A 277 15.50 40.46 -14.46
N SER A 278 14.30 39.95 -14.72
CA SER A 278 14.01 38.54 -14.54
C SER A 278 12.96 38.09 -15.54
N ILE A 279 12.47 36.87 -15.35
CA ILE A 279 11.50 36.27 -16.27
C ILE A 279 10.08 36.79 -16.05
N HIS A 280 9.84 37.52 -14.97
CA HIS A 280 8.54 38.13 -14.71
C HIS A 280 8.53 39.60 -15.07
N SER A 281 9.44 40.02 -15.95
CA SER A 281 9.67 41.44 -16.19
C SER A 281 8.69 42.09 -17.15
N LYS A 282 8.08 41.34 -18.07
CA LYS A 282 7.18 41.98 -19.02
C LYS A 282 5.74 41.94 -18.53
N TYR A 283 5.16 40.74 -18.51
CA TYR A 283 3.87 40.45 -17.87
C TYR A 283 2.81 41.53 -18.13
N LYS A 284 2.90 42.22 -19.27
CA LYS A 284 1.95 43.28 -19.63
C LYS A 284 1.91 44.34 -18.53
N ALA A 285 0.90 45.22 -18.55
CA ALA A 285 0.76 46.26 -17.54
C ALA A 285 -0.71 46.54 -17.30
N ILE A 286 -1.04 46.84 -16.04
CA ILE A 286 -2.40 47.14 -15.62
C ILE A 286 -2.44 48.61 -15.23
N PRO A 287 -3.29 49.44 -15.86
CA PRO A 287 -3.28 50.87 -15.53
C PRO A 287 -3.93 51.20 -14.20
N ALA A 288 -5.01 50.51 -13.82
CA ALA A 288 -5.70 50.83 -12.58
C ALA A 288 -4.84 50.55 -11.37
N TYR A 289 -4.10 49.45 -11.37
CA TYR A 289 -3.21 49.13 -10.27
C TYR A 289 -2.12 50.18 -10.13
N ASP A 290 -1.54 50.60 -11.26
CA ASP A 290 -0.52 51.64 -11.23
C ASP A 290 -1.09 52.95 -10.72
N ASP A 291 -2.32 53.29 -11.13
CA ASP A 291 -2.97 54.50 -10.63
C ASP A 291 -3.16 54.44 -9.13
N ALA A 292 -3.60 53.29 -8.61
CA ALA A 292 -3.80 53.15 -7.17
C ALA A 292 -2.48 53.30 -6.42
N MET A 293 -1.42 52.65 -6.88
CA MET A 293 -0.14 52.76 -6.21
C MET A 293 0.43 54.17 -6.30
N LYS A 294 0.20 54.86 -7.41
CA LYS A 294 0.60 56.25 -7.53
C LYS A 294 -0.16 57.13 -6.54
N ALA A 295 -1.46 56.86 -6.37
CA ALA A 295 -2.24 57.62 -5.41
C ALA A 295 -1.80 57.37 -3.98
N ARG A 296 -1.31 56.16 -3.71
CA ARG A 296 -0.94 55.84 -2.33
C ARG A 296 0.50 56.26 -2.01
N TYR A 297 1.44 55.97 -2.90
CA TYR A 297 2.86 56.19 -2.63
C TYR A 297 3.43 57.41 -3.33
N GLY A 298 3.05 57.64 -4.57
CA GLY A 298 3.68 58.64 -5.41
C GLY A 298 4.41 58.01 -6.59
N GLU A 299 4.90 58.88 -7.46
CA GLU A 299 5.54 58.41 -8.69
C GLU A 299 6.85 57.69 -8.40
N ALA A 300 7.72 58.32 -7.61
CA ALA A 300 9.05 57.75 -7.38
C ALA A 300 8.98 56.43 -6.64
N LYS A 301 8.20 56.38 -5.55
CA LYS A 301 8.11 55.16 -4.76
C LYS A 301 7.45 54.03 -5.55
N THR A 302 6.40 54.36 -6.33
CA THR A 302 5.75 53.35 -7.15
C THR A 302 6.71 52.80 -8.20
N ALA A 303 7.49 53.68 -8.85
CA ALA A 303 8.46 53.23 -9.84
C ALA A 303 9.52 52.34 -9.20
N GLN A 304 9.99 52.73 -8.02
CA GLN A 304 11.00 51.93 -7.32
C GLN A 304 10.44 50.56 -6.93
N ILE A 305 9.21 50.51 -6.44
CA ILE A 305 8.62 49.25 -5.98
C ILE A 305 8.36 48.32 -7.16
N LEU A 306 7.74 48.85 -8.21
CA LEU A 306 7.38 48.00 -9.35
C LEU A 306 8.57 47.67 -10.23
N GLY A 307 9.70 48.35 -10.05
CA GLY A 307 10.92 47.99 -10.74
C GLY A 307 11.74 46.91 -10.08
N MET A 308 11.25 46.37 -8.97
CA MET A 308 11.91 45.30 -8.23
C MET A 308 11.19 43.99 -8.59
N ALA A 309 11.85 43.16 -9.38
CA ALA A 309 11.20 42.02 -10.03
C ALA A 309 12.04 40.76 -9.86
N ARG A 310 12.43 40.46 -8.63
CA ARG A 310 13.24 39.27 -8.36
C ARG A 310 12.52 38.01 -8.87
N HIS A 311 13.31 37.05 -9.35
CA HIS A 311 12.73 35.85 -9.94
C HIS A 311 12.12 34.96 -8.88
N ASN A 312 12.93 34.47 -7.95
CA ASN A 312 12.41 33.81 -6.76
C ASN A 312 13.46 33.84 -5.66
N THR A 313 12.97 33.73 -4.43
CA THR A 313 13.78 33.82 -3.23
C THR A 313 13.64 32.55 -2.42
N VAL A 314 14.74 32.09 -1.85
CA VAL A 314 14.80 30.88 -1.05
C VAL A 314 15.19 31.27 0.36
N TYR A 315 14.30 31.01 1.31
CA TYR A 315 14.58 31.03 2.74
C TYR A 315 14.79 29.59 3.18
N TYR A 316 16.03 29.26 3.49
CA TYR A 316 16.39 27.89 3.86
C TYR A 316 15.84 27.58 5.25
N PRO A 317 15.38 26.35 5.50
CA PRO A 317 15.36 25.18 4.60
C PRO A 317 14.01 24.84 3.98
N ASN A 318 12.94 25.62 4.12
CA ASN A 318 11.66 25.13 3.64
C ASN A 318 10.79 26.16 2.92
N LEU A 319 11.21 27.41 2.74
CA LEU A 319 10.32 28.39 2.15
C LEU A 319 10.91 28.96 0.87
N THR A 320 10.07 29.17 -0.14
CA THR A 320 10.45 29.94 -1.31
C THR A 320 9.30 30.84 -1.70
N ILE A 321 9.63 32.04 -2.18
CA ILE A 321 8.61 33.03 -2.53
C ILE A 321 8.92 33.68 -3.87
N LYS A 322 7.89 34.25 -4.48
CA LYS A 322 8.02 35.07 -5.67
C LYS A 322 7.47 36.46 -5.40
N GLY A 323 8.17 37.48 -5.91
CA GLY A 323 7.80 38.85 -5.64
C GLY A 323 6.61 39.36 -6.44
N ALA A 324 6.74 39.37 -7.76
CA ALA A 324 5.74 39.99 -8.62
C ALA A 324 4.56 39.08 -8.94
N ILE A 325 4.54 37.87 -8.41
CA ILE A 325 3.48 36.91 -8.71
C ILE A 325 2.65 36.70 -7.45
N GLN A 326 3.25 36.95 -6.29
CA GLN A 326 2.60 36.78 -4.99
C GLN A 326 2.20 35.32 -4.77
N ALA A 327 3.19 34.44 -4.85
CA ALA A 327 2.98 33.02 -4.61
C ALA A 327 4.19 32.45 -3.88
N ILE A 328 3.93 31.57 -2.92
CA ILE A 328 4.97 30.94 -2.12
C ILE A 328 4.81 29.43 -2.20
N ARG A 329 5.90 28.73 -1.92
CA ARG A 329 5.93 27.28 -1.84
C ARG A 329 6.63 26.86 -0.56
N VAL A 330 6.09 25.83 0.07
CA VAL A 330 6.58 25.31 1.34
C VAL A 330 6.98 23.86 1.14
N VAL A 331 8.11 23.47 1.73
CA VAL A 331 8.63 22.11 1.62
C VAL A 331 8.29 21.35 2.89
N LYS A 332 7.66 20.19 2.73
CA LYS A 332 7.27 19.32 3.85
C LYS A 332 7.94 17.97 3.66
N PRO A 333 9.14 17.77 4.18
CA PRO A 333 9.78 16.45 4.09
C PRO A 333 8.98 15.39 4.79
N ILE A 334 8.92 14.20 4.17
CA ILE A 334 8.20 13.05 4.72
C ILE A 334 9.15 11.91 5.02
N SER A 335 9.99 11.56 4.05
CA SER A 335 10.97 10.50 4.25
C SER A 335 12.18 10.80 3.38
N ALA A 336 13.04 9.79 3.21
CA ALA A 336 14.20 9.96 2.33
C ALA A 336 13.78 10.11 0.88
N ASP A 337 12.70 9.44 0.47
CA ASP A 337 12.23 9.47 -0.91
C ASP A 337 10.78 9.89 -1.01
N ARG A 338 10.34 10.79 -0.14
CA ARG A 338 8.97 11.29 -0.18
C ARG A 338 8.94 12.69 0.40
N THR A 339 8.38 13.63 -0.37
CA THR A 339 8.27 15.03 0.02
C THR A 339 6.90 15.55 -0.39
N LEU A 340 6.39 16.52 0.36
CA LEU A 340 5.13 17.18 0.05
C LEU A 340 5.37 18.67 -0.15
N ILE A 341 4.84 19.22 -1.23
CA ILE A 341 5.02 20.63 -1.58
C ILE A 341 3.65 21.29 -1.56
N GLU A 342 3.56 22.40 -0.84
CA GLU A 342 2.33 23.18 -0.74
C GLU A 342 2.56 24.55 -1.34
N SER A 343 1.66 24.96 -2.22
CA SER A 343 1.74 26.24 -2.92
C SER A 343 0.53 27.07 -2.55
N TRP A 344 0.78 28.25 -1.98
CA TRP A 344 -0.26 29.19 -1.58
C TRP A 344 -0.20 30.42 -2.47
N THR A 345 -1.28 31.20 -2.43
CA THR A 345 -1.37 32.46 -3.15
C THR A 345 -1.86 33.54 -2.19
N PHE A 346 -1.50 34.78 -2.49
CA PHE A 346 -1.87 35.92 -1.66
C PHE A 346 -2.71 36.88 -2.48
N ARG A 347 -3.62 37.57 -1.80
CA ARG A 347 -4.34 38.71 -2.34
C ARG A 347 -3.76 39.98 -1.72
N LEU A 348 -3.40 40.92 -2.58
CA LEU A 348 -2.99 42.25 -2.16
C LEU A 348 -4.21 43.05 -1.78
N LYS A 349 -4.18 43.70 -0.61
CA LYS A 349 -5.33 44.46 -0.15
C LYS A 349 -5.45 45.76 -0.93
N GLY A 350 -6.65 46.02 -1.45
CA GLY A 350 -6.93 47.24 -2.18
C GLY A 350 -6.64 47.20 -3.66
N ALA A 351 -6.10 46.10 -4.18
CA ALA A 351 -5.74 46.00 -5.58
C ALA A 351 -6.91 45.50 -6.42
N PRO A 352 -6.93 45.80 -7.72
CA PRO A 352 -7.98 45.26 -8.59
C PRO A 352 -7.86 43.76 -8.72
N PRO A 353 -8.95 43.08 -9.11
CA PRO A 353 -8.94 41.60 -9.14
C PRO A 353 -7.97 41.00 -10.15
N GLU A 354 -7.52 41.77 -11.14
CA GLU A 354 -6.65 41.22 -12.18
C GLU A 354 -5.36 40.66 -11.60
N LEU A 355 -4.85 41.28 -10.52
CA LEU A 355 -3.63 40.78 -9.89
C LEU A 355 -3.83 39.37 -9.37
N LEU A 356 -4.93 39.13 -8.64
CA LEU A 356 -5.19 37.80 -8.11
C LEU A 356 -5.50 36.81 -9.22
N GLN A 357 -6.19 37.27 -10.28
CA GLN A 357 -6.46 36.38 -11.40
C GLN A 357 -5.16 35.91 -12.06
N ARG A 358 -4.22 36.83 -12.28
CA ARG A 358 -2.91 36.46 -12.83
C ARG A 358 -2.16 35.52 -11.89
N THR A 359 -2.21 35.78 -10.59
CA THR A 359 -1.51 34.93 -9.63
C THR A 359 -2.08 33.52 -9.64
N THR A 360 -3.40 33.38 -9.66
CA THR A 360 -4.01 32.06 -9.67
C THR A 360 -3.72 31.33 -10.98
N MET A 361 -3.71 32.07 -12.11
CA MET A 361 -3.37 31.45 -13.39
C MET A 361 -1.96 30.87 -13.34
N TYR A 362 -1.00 31.66 -12.85
CA TYR A 362 0.37 31.17 -12.77
C TYR A 362 0.48 29.98 -11.83
N ASN A 363 -0.21 30.03 -10.68
CA ASN A 363 -0.14 28.94 -9.73
C ASN A 363 -0.67 27.65 -10.34
N ARG A 364 -1.81 27.72 -11.03
CA ARG A 364 -2.35 26.54 -11.69
C ARG A 364 -1.40 26.02 -12.76
N LEU A 365 -0.82 26.94 -13.55
CA LEU A 365 0.00 26.51 -14.68
C LEU A 365 1.30 25.86 -14.23
N ILE A 366 1.89 26.32 -13.14
CA ILE A 366 3.23 25.87 -12.76
C ILE A 366 3.21 24.85 -11.63
N ASN A 367 2.40 25.07 -10.60
CA ASN A 367 2.55 24.31 -9.36
C ASN A 367 1.54 23.18 -9.19
N SER A 368 0.59 23.03 -10.10
CA SER A 368 -0.43 22.01 -9.93
C SER A 368 0.14 20.62 -10.21
N PRO A 369 -0.40 19.58 -9.58
CA PRO A 369 0.00 18.20 -9.94
C PRO A 369 -0.37 17.83 -11.36
N PHE A 370 -1.27 18.57 -11.99
CA PHE A 370 -1.65 18.35 -13.38
C PHE A 370 -0.80 19.15 -14.35
N SER A 371 0.22 19.86 -13.87
CA SER A 371 1.02 20.72 -14.71
C SER A 371 2.13 19.94 -15.42
N VAL A 372 2.34 20.27 -16.69
CA VAL A 372 3.36 19.59 -17.49
C VAL A 372 4.76 19.93 -17.01
N VAL A 373 4.98 21.20 -16.62
CA VAL A 373 6.27 21.61 -16.08
C VAL A 373 6.59 20.84 -14.82
N GLY A 374 5.60 20.71 -13.93
CA GLY A 374 5.78 19.88 -12.75
C GLY A 374 6.06 18.43 -13.11
N HIS A 375 5.42 17.92 -14.16
CA HIS A 375 5.69 16.55 -14.60
C HIS A 375 7.15 16.38 -14.99
N ASP A 376 7.68 17.32 -15.77
CA ASP A 376 9.08 17.21 -16.21
C ASP A 376 10.03 17.31 -15.03
N ASP A 377 9.80 18.27 -14.13
CA ASP A 377 10.69 18.41 -12.98
C ASP A 377 10.62 17.18 -12.07
N LEU A 378 9.43 16.63 -11.85
CA LEU A 378 9.30 15.43 -11.04
C LEU A 378 9.97 14.25 -11.70
N GLN A 379 9.89 14.15 -13.04
CA GLN A 379 10.60 13.07 -13.72
C GLN A 379 12.10 13.20 -13.53
N ALA A 380 12.62 14.43 -13.59
CA ALA A 380 14.05 14.63 -13.33
C ALA A 380 14.41 14.20 -11.91
N TYR A 381 13.58 14.58 -10.92
CA TYR A 381 13.86 14.20 -9.54
C TYR A 381 13.84 12.68 -9.37
N ARG A 382 12.84 12.02 -9.95
CA ARG A 382 12.74 10.56 -9.85
C ARG A 382 13.90 9.89 -10.52
N GLY A 383 14.33 10.40 -11.68
CA GLY A 383 15.50 9.85 -12.33
C GLY A 383 16.75 9.98 -11.47
N MET A 384 16.93 11.14 -10.83
CA MET A 384 18.07 11.31 -9.94
C MET A 384 18.01 10.33 -8.77
N GLN A 385 16.83 10.18 -8.18
CA GLN A 385 16.68 9.29 -7.02
C GLN A 385 16.96 7.84 -7.40
N ALA A 386 16.50 7.42 -8.58
CA ALA A 386 16.77 6.06 -9.01
C ALA A 386 18.23 5.86 -9.38
N GLY A 387 18.82 6.83 -10.08
CA GLY A 387 20.19 6.67 -10.55
C GLY A 387 21.25 6.83 -9.48
N LEU A 388 20.93 7.47 -8.36
CA LEU A 388 21.97 7.65 -7.35
C LEU A 388 22.28 6.40 -6.56
N HIS A 389 21.74 5.24 -6.96
CA HIS A 389 22.07 3.98 -6.30
C HIS A 389 23.19 3.22 -7.02
N ALA A 390 23.65 3.70 -8.17
CA ALA A 390 24.72 3.04 -8.90
C ALA A 390 26.04 3.21 -8.16
N SER A 391 26.96 2.27 -8.41
CA SER A 391 28.27 2.28 -7.78
C SER A 391 29.28 2.96 -8.69
N GLY A 392 30.55 2.92 -8.31
CA GLY A 392 31.61 3.57 -9.07
C GLY A 392 31.79 5.02 -8.67
N ASN A 393 31.25 5.93 -9.48
CA ASN A 393 31.25 7.35 -9.14
C ASN A 393 30.16 7.60 -8.11
N GLU A 394 30.54 7.96 -6.90
CA GLU A 394 29.62 8.10 -5.78
C GLU A 394 29.58 9.54 -5.30
N TRP A 395 29.56 10.49 -6.23
CA TRP A 395 29.58 11.90 -5.88
C TRP A 395 28.66 12.68 -6.81
N VAL A 396 28.30 13.88 -6.37
CA VAL A 396 27.49 14.82 -7.12
C VAL A 396 28.28 16.11 -7.26
N SER A 397 28.46 16.55 -8.50
CA SER A 397 29.35 17.66 -8.82
C SER A 397 28.65 19.00 -8.66
N LEU A 398 29.34 19.93 -8.00
CA LEU A 398 28.90 21.31 -7.84
C LEU A 398 30.04 22.26 -8.19
N HIS A 399 30.70 21.99 -9.31
CA HIS A 399 31.90 22.73 -9.70
C HIS A 399 31.62 23.96 -10.56
N ARG A 400 30.38 24.15 -11.02
CA ARG A 400 30.11 25.22 -11.98
C ARG A 400 30.35 26.59 -11.35
N ASN A 401 31.19 27.39 -12.00
CA ASN A 401 31.47 28.77 -11.60
C ASN A 401 31.97 28.84 -10.15
N TYR A 402 32.76 27.84 -9.75
CA TYR A 402 33.26 27.75 -8.40
C TYR A 402 34.56 28.54 -8.24
N ASP A 403 34.67 29.30 -7.15
CA ASP A 403 35.87 30.04 -6.83
C ASP A 403 36.05 30.06 -5.32
N PRO A 404 37.25 29.76 -4.81
CA PRO A 404 37.43 29.70 -3.35
C PRO A 404 37.20 31.02 -2.64
N SER A 405 37.27 32.15 -3.35
CA SER A 405 37.05 33.44 -2.71
C SER A 405 35.64 33.57 -2.16
N GLU A 406 34.72 32.71 -2.58
CA GLU A 406 33.37 32.69 -2.04
C GLU A 406 33.32 32.17 -0.61
N LEU A 407 34.41 31.62 -0.09
CA LEU A 407 34.41 31.06 1.25
C LEU A 407 34.41 32.12 2.34
N LYS A 408 34.57 33.40 1.98
CA LYS A 408 34.49 34.46 2.98
C LYS A 408 33.05 34.74 3.40
N GLY A 409 32.07 34.32 2.61
CA GLY A 409 30.68 34.49 2.96
C GLY A 409 30.17 35.90 2.72
N GLY A 410 29.04 36.19 3.35
CA GLY A 410 28.40 37.48 3.21
C GLY A 410 27.50 37.55 1.99
N GLU A 411 27.08 38.79 1.69
CA GLU A 411 26.25 39.02 0.51
C GLU A 411 27.12 38.98 -0.74
N ILE A 412 26.80 38.08 -1.66
CA ILE A 412 27.58 37.89 -2.88
C ILE A 412 26.65 37.99 -4.08
N THR A 413 27.02 38.83 -5.05
CA THR A 413 26.29 38.98 -6.29
C THR A 413 27.13 38.41 -7.43
N THR A 414 26.50 37.63 -8.30
CA THR A 414 27.21 36.93 -9.36
C THR A 414 26.25 36.65 -10.51
N GLY A 415 26.74 35.93 -11.51
CA GLY A 415 25.94 35.63 -12.69
C GLY A 415 24.83 34.64 -12.40
N GLY A 416 24.00 34.43 -13.42
CA GLY A 416 22.80 33.62 -13.25
C GLY A 416 23.02 32.12 -13.27
N THR A 417 24.09 31.65 -13.90
CA THR A 417 24.33 30.22 -14.02
C THR A 417 25.30 29.69 -12.98
N ASN A 418 25.64 30.50 -11.98
CA ASN A 418 26.56 30.06 -10.94
C ASN A 418 25.90 28.98 -10.08
N GLU A 419 26.71 28.00 -9.66
CA GLU A 419 26.25 26.96 -8.73
C GLU A 419 26.62 27.27 -7.29
N LEU A 420 26.87 28.55 -6.98
CA LEU A 420 27.17 28.95 -5.61
C LEU A 420 26.04 28.65 -4.62
N PRO A 421 24.75 28.91 -4.92
CA PRO A 421 23.72 28.69 -3.89
C PRO A 421 23.70 27.28 -3.32
N MET A 422 23.93 26.27 -4.16
CA MET A 422 23.94 24.90 -3.66
C MET A 422 25.06 24.70 -2.65
N ARG A 423 26.25 25.21 -2.97
CA ARG A 423 27.39 25.08 -2.06
C ARG A 423 27.12 25.78 -0.74
N ASN A 424 26.55 26.98 -0.80
CA ASN A 424 26.21 27.69 0.43
C ASN A 424 25.16 26.91 1.24
N GLN A 425 24.16 26.35 0.56
CA GLN A 425 23.14 25.56 1.24
C GLN A 425 23.77 24.39 1.98
N TYR A 426 24.68 23.67 1.34
CA TYR A 426 25.24 22.50 1.99
C TYR A 426 26.22 22.86 3.08
N ARG A 427 26.94 24.00 2.95
CA ARG A 427 27.76 24.47 4.06
C ARG A 427 26.89 24.76 5.28
N ALA A 428 25.76 25.45 5.06
CA ALA A 428 24.86 25.73 6.17
C ALA A 428 24.29 24.44 6.77
N TRP A 429 23.94 23.48 5.91
CA TRP A 429 23.39 22.21 6.39
C TRP A 429 24.40 21.47 7.26
N VAL A 430 25.67 21.43 6.82
CA VAL A 430 26.71 20.79 7.61
C VAL A 430 26.84 21.48 8.96
N GLN A 431 26.88 22.83 8.96
CA GLN A 431 26.99 23.56 10.21
C GLN A 431 25.83 23.24 11.15
N ARG A 432 24.61 23.23 10.62
CA ARG A 432 23.44 23.05 11.48
C ARG A 432 23.36 21.64 12.04
N MET A 433 23.74 20.63 11.27
CA MET A 433 23.84 19.30 11.87
C MET A 433 24.92 19.25 12.94
N THR A 434 26.13 19.70 12.60
CA THR A 434 27.27 19.48 13.50
C THR A 434 27.25 20.35 14.74
N GLU A 435 26.43 21.41 14.78
CA GLU A 435 26.45 22.29 15.95
C GLU A 435 25.93 21.60 17.20
N THR A 436 25.09 20.56 17.05
CA THR A 436 24.42 19.95 18.19
C THR A 436 24.69 18.45 18.32
N MET A 437 25.71 17.93 17.65
CA MET A 437 26.06 16.52 17.80
C MET A 437 27.00 16.31 18.97
N VAL B 6 -30.86 15.85 -29.13
CA VAL B 6 -32.24 15.71 -29.59
C VAL B 6 -32.99 14.72 -28.70
N THR B 7 -32.34 13.62 -28.37
CA THR B 7 -32.89 12.60 -27.48
C THR B 7 -31.91 12.33 -26.35
N ARG B 8 -32.45 11.83 -25.23
CA ARG B 8 -31.62 11.58 -24.05
C ARG B 8 -30.57 10.52 -24.33
N GLN B 9 -30.96 9.45 -25.04
CA GLN B 9 -30.03 8.39 -25.36
C GLN B 9 -28.86 8.90 -26.19
N ASP B 10 -29.10 9.91 -27.03
CA ASP B 10 -28.01 10.53 -27.77
C ASP B 10 -27.00 11.17 -26.85
N LEU B 11 -27.47 11.84 -25.79
CA LEU B 11 -26.54 12.45 -24.84
C LEU B 11 -25.76 11.39 -24.06
N ILE B 12 -26.45 10.32 -23.65
CA ILE B 12 -25.75 9.24 -22.96
C ILE B 12 -24.67 8.65 -23.86
N ASP B 13 -25.01 8.41 -25.13
CA ASP B 13 -24.03 7.88 -26.08
C ASP B 13 -22.90 8.85 -26.31
N PHE B 14 -23.19 10.16 -26.32
CA PHE B 14 -22.14 11.15 -26.47
C PHE B 14 -21.13 11.05 -25.34
N VAL B 15 -21.60 10.99 -24.10
CA VAL B 15 -20.69 10.90 -22.97
C VAL B 15 -19.87 9.61 -23.03
N VAL B 16 -20.54 8.49 -23.32
CA VAL B 16 -19.85 7.20 -23.38
C VAL B 16 -18.79 7.21 -24.47
N ASN B 17 -19.14 7.74 -25.64
CA ASN B 17 -18.20 7.79 -26.75
C ASN B 17 -17.03 8.72 -26.48
N GLU B 18 -17.27 9.83 -25.77
CA GLU B 18 -16.15 10.69 -25.40
C GLU B 18 -15.18 9.97 -24.48
N ALA B 19 -15.71 9.24 -23.50
CA ALA B 19 -14.83 8.45 -22.64
C ALA B 19 -14.05 7.42 -23.45
N HIS B 20 -14.73 6.77 -24.40
CA HIS B 20 -14.06 5.78 -25.25
C HIS B 20 -12.96 6.42 -26.09
N LEU B 21 -13.23 7.60 -26.65
CA LEU B 21 -12.22 8.31 -27.43
C LEU B 21 -11.01 8.65 -26.57
N LEU B 22 -11.23 9.07 -25.33
CA LEU B 22 -10.12 9.31 -24.42
C LEU B 22 -9.34 8.03 -24.13
N ASP B 23 -10.04 6.89 -24.07
CA ASP B 23 -9.38 5.64 -23.72
C ASP B 23 -8.44 5.14 -24.81
N THR B 24 -8.76 5.40 -26.08
CA THR B 24 -8.00 4.85 -27.20
C THR B 24 -7.02 5.86 -27.80
N ARG B 25 -6.64 6.88 -27.04
CA ARG B 25 -5.59 7.84 -27.43
C ARG B 25 -5.91 8.57 -28.73
N ARG B 26 -7.20 8.80 -29.00
CA ARG B 26 -7.60 9.59 -30.17
C ARG B 26 -7.89 11.02 -29.74
N TYR B 27 -6.82 11.71 -29.35
CA TYR B 27 -6.95 13.06 -28.78
C TYR B 27 -7.42 14.07 -29.82
N GLU B 28 -6.98 13.92 -31.07
CA GLU B 28 -7.34 14.90 -32.09
C GLU B 28 -8.84 14.89 -32.34
N GLU B 29 -9.48 13.72 -32.27
CA GLU B 29 -10.93 13.66 -32.41
C GLU B 29 -11.65 14.11 -31.15
N TRP B 30 -11.07 13.84 -29.98
CA TRP B 30 -11.70 14.26 -28.73
C TRP B 30 -11.74 15.76 -28.61
N ASN B 31 -10.63 16.44 -28.92
CA ASN B 31 -10.57 17.89 -28.81
C ASN B 31 -11.50 18.59 -29.79
N ALA B 32 -11.88 17.92 -30.89
CA ALA B 32 -12.80 18.52 -31.85
C ALA B 32 -14.23 18.57 -31.36
N LEU B 33 -14.56 17.87 -30.28
CA LEU B 33 -15.92 17.89 -29.74
C LEU B 33 -16.22 19.17 -28.97
N PHE B 34 -15.19 19.89 -28.54
CA PHE B 34 -15.38 21.11 -27.78
C PHE B 34 -15.81 22.26 -28.68
N THR B 35 -16.46 23.25 -28.06
CA THR B 35 -16.67 24.53 -28.70
C THR B 35 -15.39 25.37 -28.60
N ASP B 36 -15.31 26.39 -29.44
CA ASP B 36 -14.08 27.18 -29.50
C ASP B 36 -13.79 27.88 -28.17
N ASP B 37 -14.83 28.33 -27.48
CA ASP B 37 -14.69 29.00 -26.20
C ASP B 37 -14.99 28.10 -25.01
N ALA B 38 -15.05 26.79 -25.21
CA ALA B 38 -15.35 25.87 -24.14
C ALA B 38 -14.17 25.71 -23.19
N PHE B 39 -14.45 25.18 -22.00
CA PHE B 39 -13.44 25.01 -20.97
C PHE B 39 -13.46 23.59 -20.43
N TYR B 40 -12.28 23.10 -20.07
CA TYR B 40 -12.09 21.82 -19.42
C TYR B 40 -11.59 22.12 -18.01
N TRP B 41 -12.47 21.94 -17.02
CA TRP B 41 -12.28 22.45 -15.67
C TRP B 41 -12.14 21.30 -14.68
N VAL B 42 -11.12 21.38 -13.84
CA VAL B 42 -10.96 20.51 -12.70
C VAL B 42 -10.86 21.37 -11.44
N PRO B 43 -11.95 21.48 -10.68
CA PRO B 43 -11.92 22.33 -9.48
C PRO B 43 -10.95 21.81 -8.43
N LEU B 44 -10.49 22.73 -7.58
CA LEU B 44 -9.55 22.39 -6.52
C LEU B 44 -10.24 22.15 -5.18
N VAL B 45 -11.37 22.83 -4.93
CA VAL B 45 -12.09 22.68 -3.67
C VAL B 45 -13.53 22.29 -3.97
N PRO B 46 -14.21 21.61 -3.05
CA PRO B 46 -15.62 21.28 -3.27
C PRO B 46 -16.49 22.54 -3.34
N ASP B 47 -17.49 22.51 -4.21
CA ASP B 47 -18.42 23.62 -4.41
C ASP B 47 -17.69 24.91 -4.75
N GLN B 48 -16.66 24.80 -5.59
CA GLN B 48 -15.95 25.99 -6.03
C GLN B 48 -16.85 26.86 -6.90
N GLU B 49 -16.71 28.18 -6.75
CA GLU B 49 -17.61 29.09 -7.43
C GLU B 49 -17.27 29.22 -8.91
N ASP B 50 -16.03 29.58 -9.22
CA ASP B 50 -15.59 29.70 -10.60
C ASP B 50 -14.10 29.46 -10.68
N GLY B 51 -13.61 29.26 -11.91
CA GLY B 51 -12.22 29.03 -12.17
C GLY B 51 -11.40 30.27 -12.45
N LEU B 52 -11.98 31.46 -12.30
CA LEU B 52 -11.28 32.70 -12.60
C LEU B 52 -10.55 33.26 -11.39
N ASN B 53 -11.27 33.48 -10.29
CA ASN B 53 -10.70 34.07 -9.08
C ASN B 53 -10.21 33.04 -8.08
N HIS B 54 -10.27 31.76 -8.41
CA HIS B 54 -9.84 30.70 -7.52
C HIS B 54 -8.98 29.71 -8.29
N THR B 55 -8.00 29.14 -7.60
CA THR B 55 -7.09 28.19 -8.23
C THR B 55 -7.81 26.88 -8.51
N SER B 56 -7.38 26.20 -9.59
CA SER B 56 -7.92 24.91 -9.97
C SER B 56 -6.78 24.01 -10.41
N HIS B 57 -7.08 22.71 -10.53
CA HIS B 57 -6.07 21.79 -11.03
C HIS B 57 -5.90 21.95 -12.54
N LEU B 58 -6.99 22.18 -13.26
CA LEU B 58 -6.96 22.35 -14.70
C LEU B 58 -8.09 23.28 -15.10
N TYR B 59 -7.78 24.36 -15.81
CA TYR B 59 -8.78 25.23 -16.41
C TYR B 59 -8.24 25.59 -17.80
N GLU B 60 -8.54 24.73 -18.78
CA GLU B 60 -7.91 24.78 -20.09
C GLU B 60 -8.90 25.30 -21.13
N ASP B 61 -8.45 26.25 -21.95
CA ASP B 61 -9.15 26.65 -23.15
C ASP B 61 -8.61 25.84 -24.32
N LYS B 62 -8.96 26.26 -25.55
CA LYS B 62 -8.54 25.51 -26.72
C LYS B 62 -7.03 25.46 -26.86
N LEU B 63 -6.35 26.59 -26.61
CA LEU B 63 -4.91 26.67 -26.81
C LEU B 63 -4.17 25.71 -25.88
N LEU B 64 -4.55 25.67 -24.60
CA LEU B 64 -3.86 24.81 -23.65
C LEU B 64 -4.13 23.33 -23.95
N ARG B 65 -5.35 23.00 -24.38
CA ARG B 65 -5.64 21.64 -24.77
C ARG B 65 -4.80 21.21 -25.96
N GLU B 66 -4.68 22.09 -26.96
CA GLU B 66 -3.83 21.78 -28.10
C GLU B 66 -2.37 21.62 -27.68
N LEU B 67 -1.90 22.46 -26.78
CA LEU B 67 -0.53 22.34 -26.29
C LEU B 67 -0.31 20.99 -25.62
N ARG B 68 -1.23 20.60 -24.75
CA ARG B 68 -1.08 19.32 -24.04
C ARG B 68 -1.15 18.15 -25.00
N ILE B 69 -2.04 18.20 -25.99
CA ILE B 69 -2.13 17.11 -26.96
C ILE B 69 -0.86 17.02 -27.81
N GLU B 70 -0.34 18.18 -28.24
CA GLU B 70 0.83 18.20 -29.10
C GLU B 70 2.10 17.78 -28.36
N ARG B 71 2.19 18.08 -27.06
CA ARG B 71 3.38 17.68 -26.31
C ARG B 71 3.52 16.17 -26.24
N LEU B 72 2.41 15.44 -26.32
CA LEU B 72 2.48 13.98 -26.20
C LEU B 72 3.19 13.35 -27.40
N LYS B 73 3.13 13.99 -28.56
CA LYS B 73 3.79 13.47 -29.75
C LYS B 73 5.27 13.80 -29.80
N SER B 74 5.78 14.61 -28.88
CA SER B 74 7.17 15.00 -28.93
C SER B 74 8.07 13.83 -28.55
N PRO B 75 9.25 13.71 -29.16
CA PRO B 75 10.19 12.66 -28.77
C PRO B 75 11.00 12.99 -27.53
N ARG B 76 10.79 14.16 -26.91
CA ARG B 76 11.54 14.57 -25.74
C ARG B 76 10.64 14.81 -24.54
N ALA B 77 9.42 14.27 -24.55
CA ALA B 77 8.54 14.28 -23.37
C ALA B 77 9.06 13.24 -22.41
N PHE B 78 10.08 13.62 -21.64
CA PHE B 78 10.82 12.66 -20.82
C PHE B 78 9.92 11.98 -19.79
N SER B 79 8.90 12.68 -19.31
CA SER B 79 7.99 12.09 -18.32
C SER B 79 7.06 11.05 -18.92
N GLN B 80 6.99 10.96 -20.24
CA GLN B 80 6.08 10.03 -20.93
C GLN B 80 6.86 8.92 -21.63
N GLN B 81 7.92 8.43 -21.00
CA GLN B 81 8.71 7.31 -21.52
C GLN B 81 8.88 6.29 -20.40
N PRO B 82 8.16 5.16 -20.45
CA PRO B 82 7.18 4.74 -21.47
C PRO B 82 5.85 5.47 -21.33
N PRO B 83 5.02 5.49 -22.38
CA PRO B 83 3.74 6.20 -22.29
C PRO B 83 2.82 5.57 -21.27
N SER B 84 1.95 6.41 -20.71
CA SER B 84 0.96 5.97 -19.73
C SER B 84 -0.31 5.50 -20.43
N ARG B 85 -1.11 4.73 -19.70
CA ARG B 85 -2.39 4.22 -20.18
C ARG B 85 -3.48 4.57 -19.18
N CYS B 86 -4.69 4.81 -19.69
CA CYS B 86 -5.80 5.23 -18.87
C CYS B 86 -7.04 4.41 -19.21
N HIS B 87 -7.91 4.27 -18.21
CA HIS B 87 -9.16 3.54 -18.35
C HIS B 87 -10.26 4.25 -17.57
N HIS B 88 -11.43 4.37 -18.19
CA HIS B 88 -12.60 4.99 -17.59
C HIS B 88 -13.67 3.94 -17.38
N LEU B 89 -14.22 3.88 -16.16
CA LEU B 89 -15.39 3.07 -15.88
C LEU B 89 -16.50 4.01 -15.42
N LEU B 90 -17.61 4.01 -16.14
CA LEU B 90 -18.65 5.00 -15.96
C LEU B 90 -19.94 4.36 -15.45
N GLN B 91 -20.59 5.02 -14.50
CA GLN B 91 -21.99 4.78 -14.24
C GLN B 91 -22.81 5.37 -15.37
N VAL B 92 -24.05 4.88 -15.51
CA VAL B 92 -24.90 5.39 -16.58
C VAL B 92 -25.16 6.88 -16.37
N PRO B 93 -24.99 7.72 -17.39
CA PRO B 93 -25.22 9.16 -17.19
C PRO B 93 -26.66 9.47 -16.83
N VAL B 94 -26.83 10.52 -16.03
CA VAL B 94 -28.14 10.99 -15.60
C VAL B 94 -28.33 12.39 -16.16
N VAL B 95 -29.44 12.59 -16.87
CA VAL B 95 -29.75 13.88 -17.48
C VAL B 95 -30.44 14.73 -16.42
N GLU B 96 -29.75 15.76 -15.93
CA GLU B 96 -30.33 16.62 -14.90
C GLU B 96 -31.29 17.63 -15.52
N GLN B 97 -30.78 18.49 -16.39
CA GLN B 97 -31.59 19.48 -17.10
C GLN B 97 -31.61 19.14 -18.58
N PHE B 98 -32.75 19.40 -19.22
CA PHE B 98 -32.97 19.05 -20.62
C PHE B 98 -33.85 20.16 -21.22
N ASP B 99 -33.21 21.14 -21.83
CA ASP B 99 -33.89 22.28 -22.43
C ASP B 99 -33.81 22.13 -23.95
N ALA B 100 -34.78 21.44 -24.53
CA ALA B 100 -34.79 21.23 -25.97
C ALA B 100 -34.91 22.54 -26.72
N GLU B 101 -35.76 23.45 -26.23
CA GLU B 101 -35.92 24.75 -26.87
C GLU B 101 -34.75 25.65 -26.54
N GLY B 102 -34.24 25.60 -25.30
CA GLY B 102 -33.18 26.49 -24.89
C GLY B 102 -31.78 26.07 -25.30
N ASN B 103 -31.63 24.88 -25.88
CA ASN B 103 -30.33 24.38 -26.33
C ASN B 103 -29.31 24.34 -25.19
N ARG B 104 -29.68 23.67 -24.11
CA ARG B 104 -28.79 23.50 -22.97
C ARG B 104 -29.04 22.14 -22.36
N PHE B 105 -28.01 21.29 -22.27
CA PHE B 105 -28.15 19.99 -21.65
C PHE B 105 -27.07 19.80 -20.58
N VAL B 106 -27.47 19.26 -19.43
CA VAL B 106 -26.56 19.02 -18.32
C VAL B 106 -26.66 17.56 -17.91
N LEU B 107 -25.51 16.90 -17.80
CA LEU B 107 -25.44 15.48 -17.48
C LEU B 107 -24.50 15.26 -16.30
N ARG B 108 -24.86 14.31 -15.44
CA ARG B 108 -24.08 13.95 -14.25
C ARG B 108 -23.72 12.48 -14.33
N THR B 109 -22.44 12.17 -14.19
CA THR B 109 -21.95 10.80 -14.39
C THR B 109 -20.90 10.46 -13.35
N GLY B 110 -21.13 9.38 -12.60
CA GLY B 110 -20.10 8.90 -11.69
C GLY B 110 -19.03 8.13 -12.45
N PHE B 111 -17.77 8.34 -12.05
CA PHE B 111 -16.66 7.73 -12.78
C PHE B 111 -15.61 7.18 -11.82
N HIS B 112 -14.98 6.10 -12.27
CA HIS B 112 -13.77 5.53 -11.69
C HIS B 112 -12.70 5.55 -12.77
N TYR B 113 -11.61 6.27 -12.52
CA TYR B 113 -10.57 6.51 -13.51
C TYR B 113 -9.27 5.87 -13.04
N THR B 114 -8.64 5.09 -13.91
CA THR B 114 -7.41 4.41 -13.58
C THR B 114 -6.31 4.82 -14.54
N GLU B 115 -5.12 5.08 -14.01
CA GLU B 115 -3.97 5.46 -14.82
C GLU B 115 -2.77 4.61 -14.39
N SER B 116 -2.11 3.99 -15.37
CA SER B 116 -1.01 3.09 -15.12
C SER B 116 0.17 3.45 -16.02
N GLN B 117 1.37 3.38 -15.44
CA GLN B 117 2.61 3.57 -16.18
C GLN B 117 3.66 2.65 -15.59
N GLY B 118 4.27 1.82 -16.43
CA GLY B 118 5.24 0.86 -15.94
C GLY B 118 4.59 -0.08 -14.96
N ASP B 119 5.16 -0.18 -13.76
CA ASP B 119 4.62 -0.99 -12.68
C ASP B 119 3.88 -0.15 -11.65
N GLU B 120 3.41 1.04 -12.03
CA GLU B 120 2.71 1.93 -11.13
C GLU B 120 1.27 2.12 -11.60
N LEU B 121 0.34 2.16 -10.65
CA LEU B 121 -1.07 2.30 -10.97
C LEU B 121 -1.76 3.14 -9.90
N GLN B 122 -2.64 4.03 -10.34
CA GLN B 122 -3.42 4.86 -9.43
C GLN B 122 -4.86 4.93 -9.94
N PHE B 123 -5.78 5.20 -9.02
CA PHE B 123 -7.19 5.31 -9.37
C PHE B 123 -7.81 6.48 -8.61
N TYR B 124 -8.86 7.02 -9.20
CA TYR B 124 -9.60 8.13 -8.62
C TYR B 124 -11.09 7.90 -8.89
N VAL B 125 -11.92 8.51 -8.06
CA VAL B 125 -13.36 8.42 -8.23
C VAL B 125 -13.95 9.82 -8.16
N GLY B 126 -15.09 10.01 -8.81
CA GLY B 126 -15.72 11.32 -8.77
C GLY B 126 -16.89 11.42 -9.71
N THR B 127 -17.19 12.67 -10.10
CA THR B 127 -18.35 12.97 -10.92
C THR B 127 -17.98 13.89 -12.06
N PHE B 128 -18.54 13.61 -13.23
CA PHE B 128 -18.46 14.45 -14.41
C PHE B 128 -19.76 15.23 -14.54
N PHE B 129 -19.64 16.53 -14.80
CA PHE B 129 -20.76 17.36 -15.20
C PHE B 129 -20.51 17.83 -16.63
N HIS B 130 -21.45 17.55 -17.52
CA HIS B 130 -21.33 17.85 -18.93
C HIS B 130 -22.37 18.86 -19.34
N HIS B 131 -21.93 19.94 -19.99
CA HIS B 131 -22.82 20.91 -20.62
C HIS B 131 -22.71 20.75 -22.12
N LEU B 132 -23.82 20.37 -22.75
CA LEU B 132 -23.85 20.06 -24.17
C LEU B 132 -24.84 20.96 -24.90
N THR B 133 -24.51 21.24 -26.16
CA THR B 133 -25.34 22.04 -27.05
C THR B 133 -25.24 21.44 -28.45
N VAL B 134 -26.02 21.97 -29.38
CA VAL B 134 -26.04 21.50 -30.75
C VAL B 134 -25.53 22.62 -31.66
N ARG B 135 -24.42 22.35 -32.36
CA ARG B 135 -23.86 23.26 -33.34
C ARG B 135 -23.92 22.59 -34.70
N ASP B 136 -24.72 23.17 -35.60
CA ASP B 136 -24.83 22.69 -36.98
C ASP B 136 -25.19 21.20 -37.01
N GLY B 137 -26.05 20.78 -36.10
CA GLY B 137 -26.49 19.40 -36.06
C GLY B 137 -25.57 18.43 -35.37
N ALA B 138 -24.49 18.90 -34.74
CA ALA B 138 -23.56 18.04 -34.02
C ALA B 138 -23.54 18.43 -32.55
N LEU B 139 -23.57 17.43 -31.67
CA LEU B 139 -23.50 17.70 -30.25
C LEU B 139 -22.07 18.08 -29.86
N ARG B 140 -21.94 19.16 -29.09
CA ARG B 140 -20.64 19.69 -28.71
C ARG B 140 -20.69 20.19 -27.28
N MET B 141 -19.56 20.08 -26.60
CA MET B 141 -19.46 20.55 -25.23
C MET B 141 -19.22 22.05 -25.17
N THR B 142 -19.75 22.67 -24.11
CA THR B 142 -19.39 24.04 -23.76
C THR B 142 -18.63 24.14 -22.46
N LEU B 143 -18.62 23.08 -21.64
CA LEU B 143 -17.86 23.02 -20.41
C LEU B 143 -17.83 21.58 -19.90
N LYS B 144 -16.66 21.10 -19.50
CA LYS B 144 -16.53 19.78 -18.91
C LYS B 144 -15.90 19.93 -17.53
N ARG B 145 -16.70 19.75 -16.49
CA ARG B 145 -16.26 19.90 -15.11
C ARG B 145 -16.03 18.53 -14.50
N VAL B 146 -14.90 18.38 -13.80
CA VAL B 146 -14.50 17.10 -13.23
C VAL B 146 -14.35 17.29 -11.72
N ASN B 147 -15.32 16.80 -10.95
CA ASN B 147 -15.28 16.88 -9.50
C ASN B 147 -14.62 15.62 -8.95
N LEU B 148 -13.47 15.79 -8.31
CA LEU B 148 -12.79 14.67 -7.65
C LEU B 148 -13.24 14.57 -6.20
N LEU B 149 -13.27 13.34 -5.70
CA LEU B 149 -13.65 13.13 -4.30
C LEU B 149 -12.60 13.69 -3.35
N ASN B 150 -11.33 13.54 -3.69
CA ASN B 150 -10.24 13.98 -2.83
C ASN B 150 -9.45 15.09 -3.49
N CYS B 151 -10.15 16.06 -4.07
CA CYS B 151 -9.51 17.12 -4.84
C CYS B 151 -8.51 17.90 -4.00
N ASP B 152 -8.82 18.14 -2.73
CA ASP B 152 -7.94 18.94 -1.88
C ASP B 152 -6.92 18.10 -1.13
N ALA B 153 -6.87 16.81 -1.36
CA ALA B 153 -5.87 15.96 -0.73
C ALA B 153 -4.56 16.02 -1.52
N ALA B 154 -3.50 15.48 -0.93
CA ALA B 154 -2.22 15.40 -1.61
C ALA B 154 -2.29 14.37 -2.74
N LEU B 155 -1.84 14.76 -3.92
CA LEU B 155 -1.96 13.92 -5.10
C LEU B 155 -0.60 13.73 -5.75
N PRO B 156 -0.40 12.61 -6.43
CA PRO B 156 0.78 12.45 -7.27
C PRO B 156 0.55 13.00 -8.66
N ALA B 157 1.53 12.85 -9.55
CA ALA B 157 1.40 13.41 -10.90
C ALA B 157 0.31 12.68 -11.68
N VAL B 158 -0.56 13.45 -12.32
CA VAL B 158 -1.59 12.92 -13.21
C VAL B 158 -1.28 13.46 -14.61
N GLN B 159 -0.92 12.56 -15.51
CA GLN B 159 -0.31 12.94 -16.77
C GLN B 159 -1.23 12.85 -17.98
N LEU B 160 -2.48 12.41 -17.80
CA LEU B 160 -3.38 12.25 -18.93
C LEU B 160 -4.71 12.93 -18.62
N PHE B 161 -5.53 13.05 -19.66
CA PHE B 161 -6.85 13.67 -19.52
C PHE B 161 -7.78 12.75 -18.76
N ILE B 162 -8.51 13.30 -17.80
CA ILE B 162 -9.49 12.53 -17.04
C ILE B 162 -10.86 12.68 -17.67
N SER C 3 17.88 1.72 21.09
CA SER C 3 19.03 1.13 21.77
C SER C 3 18.61 0.49 23.09
N TYR C 4 17.68 -0.46 23.01
CA TYR C 4 17.24 -1.20 24.19
C TYR C 4 17.75 -2.64 24.21
N ARG C 5 18.21 -3.17 23.08
CA ARG C 5 18.67 -4.54 23.02
C ARG C 5 19.85 -4.75 23.97
N ASP C 6 19.76 -5.82 24.77
CA ASP C 6 20.78 -6.14 25.77
C ASP C 6 21.02 -4.97 26.74
N ASN C 7 19.99 -4.19 26.99
CA ASN C 7 20.07 -3.00 27.84
C ASN C 7 18.95 -3.05 28.87
N PRO C 8 19.00 -4.01 29.81
CA PRO C 8 17.89 -4.16 30.75
C PRO C 8 17.66 -2.94 31.63
N ASP C 9 18.73 -2.23 32.01
CA ASP C 9 18.56 -1.02 32.81
C ASP C 9 17.82 0.06 32.04
N ALA C 10 18.11 0.20 30.74
CA ALA C 10 17.36 1.15 29.94
C ALA C 10 15.93 0.69 29.70
N ILE C 11 15.68 -0.61 29.82
CA ILE C 11 14.30 -1.11 29.78
C ILE C 11 13.57 -0.71 31.05
N ARG C 12 14.24 -0.82 32.20
CA ARG C 12 13.62 -0.44 33.47
C ARG C 12 13.43 1.07 33.56
N ALA C 13 14.30 1.84 32.92
CA ALA C 13 14.26 3.30 33.05
C ALA C 13 13.07 3.93 32.35
N LEU C 14 12.34 3.20 31.52
CA LEU C 14 11.18 3.77 30.84
C LEU C 14 9.92 3.72 31.68
N VAL C 15 9.96 3.15 32.88
CA VAL C 15 8.82 3.07 33.77
C VAL C 15 9.23 3.58 35.14
N GLN C 16 8.46 4.51 35.69
CA GLN C 16 8.64 5.02 37.03
C GLN C 16 7.44 4.65 37.88
N ASP C 17 7.42 5.14 39.12
CA ASP C 17 6.41 4.71 40.07
C ASP C 17 5.01 5.15 39.64
N ASP C 18 4.88 6.38 39.13
CA ASP C 18 3.57 6.93 38.80
C ASP C 18 3.48 7.51 37.39
N ARG C 19 4.45 7.23 36.53
CA ARG C 19 4.39 7.72 35.16
C ARG C 19 5.21 6.79 34.28
N VAL C 20 4.99 6.89 32.97
CA VAL C 20 5.69 6.07 31.99
C VAL C 20 6.24 6.96 30.89
N HIS C 21 7.08 6.38 30.04
CA HIS C 21 7.68 7.10 28.92
C HIS C 21 6.84 6.90 27.65
N ARG C 22 7.10 7.75 26.67
CA ARG C 22 6.35 7.67 25.41
C ARG C 22 6.84 6.52 24.53
N ASP C 23 8.08 6.08 24.72
CA ASP C 23 8.63 5.01 23.88
C ASP C 23 7.87 3.70 24.06
N LEU C 24 7.10 3.57 25.15
CA LEU C 24 6.30 2.37 25.33
C LEU C 24 5.16 2.27 24.31
N TYR C 25 4.86 3.35 23.59
CA TYR C 25 3.75 3.33 22.65
C TYR C 25 4.17 3.56 21.21
N THR C 26 5.44 3.88 20.95
CA THR C 26 5.86 4.24 19.59
C THR C 26 7.03 3.40 19.08
N SER C 27 7.96 3.06 19.97
CA SER C 27 9.23 2.47 19.57
C SER C 27 9.01 1.10 18.92
N GLN C 28 9.45 0.96 17.67
CA GLN C 28 9.31 -0.31 16.96
C GLN C 28 10.29 -1.36 17.47
N GLU C 29 11.52 -0.95 17.79
CA GLU C 29 12.47 -1.88 18.37
C GLU C 29 11.95 -2.44 19.69
N LEU C 30 11.26 -1.63 20.47
CA LEU C 30 10.62 -2.13 21.68
C LEU C 30 9.54 -3.15 21.36
N PHE C 31 8.79 -2.94 20.27
CA PHE C 31 7.80 -3.93 19.86
C PHE C 31 8.45 -5.25 19.50
N GLU C 32 9.56 -5.21 18.76
CA GLU C 32 10.25 -6.45 18.41
C GLU C 32 10.80 -7.14 19.64
N LEU C 33 11.36 -6.38 20.58
CA LEU C 33 11.83 -6.97 21.82
C LEU C 33 10.70 -7.61 22.60
N GLU C 34 9.52 -6.98 22.60
CA GLU C 34 8.35 -7.60 23.23
C GLU C 34 8.01 -8.92 22.55
N GLN C 35 7.93 -8.92 21.23
CA GLN C 35 7.59 -10.14 20.51
C GLN C 35 8.58 -11.25 20.81
N GLU C 36 9.85 -10.90 21.02
CA GLU C 36 10.84 -11.90 21.43
C GLU C 36 10.72 -12.29 22.89
N HIS C 37 10.37 -11.35 23.77
CA HIS C 37 10.46 -11.59 25.21
C HIS C 37 9.11 -11.59 25.91
N PHE C 38 8.32 -10.51 25.81
CA PHE C 38 7.17 -10.35 26.70
C PHE C 38 6.09 -11.37 26.40
N PHE C 39 5.66 -11.47 25.13
CA PHE C 39 4.57 -12.38 24.81
C PHE C 39 5.00 -13.83 24.85
N ALA C 40 6.30 -14.11 24.92
CA ALA C 40 6.78 -15.47 25.09
C ALA C 40 6.89 -15.88 26.56
N ASN C 41 6.64 -14.96 27.50
CA ASN C 41 6.80 -15.23 28.92
C ASN C 41 5.50 -15.04 29.69
N THR C 42 4.36 -14.97 29.01
CA THR C 42 3.08 -14.82 29.67
C THR C 42 2.08 -15.76 29.03
N TRP C 43 1.01 -16.06 29.77
CA TRP C 43 -0.05 -16.91 29.24
C TRP C 43 -0.95 -16.11 28.32
N ASN C 44 -1.34 -16.71 27.21
CA ASN C 44 -2.13 -16.04 26.19
C ASN C 44 -3.31 -16.91 25.80
N TYR C 45 -4.45 -16.27 25.53
CA TYR C 45 -5.65 -16.98 25.12
C TYR C 45 -5.53 -17.39 23.66
N VAL C 46 -5.62 -18.68 23.39
CA VAL C 46 -5.55 -19.19 22.03
C VAL C 46 -6.90 -19.69 21.51
N GLY C 47 -7.84 -19.99 22.39
CA GLY C 47 -9.16 -20.40 21.94
C GLY C 47 -9.95 -21.08 23.04
N HIS C 48 -11.05 -21.69 22.63
CA HIS C 48 -11.96 -22.39 23.52
C HIS C 48 -12.09 -23.84 23.07
N GLU C 49 -12.41 -24.72 24.02
CA GLU C 49 -12.52 -26.14 23.73
C GLU C 49 -13.69 -26.46 22.82
N SER C 50 -14.71 -25.60 22.76
CA SER C 50 -15.85 -25.86 21.90
C SER C 50 -15.56 -25.61 20.43
N GLN C 51 -14.40 -25.00 20.12
CA GLN C 51 -14.02 -24.80 18.73
C GLN C 51 -13.38 -26.05 18.12
N LEU C 52 -12.99 -27.02 18.94
CA LEU C 52 -12.35 -28.25 18.48
C LEU C 52 -12.87 -29.43 19.30
N PRO C 53 -14.15 -29.79 19.11
CA PRO C 53 -14.75 -30.81 19.97
C PRO C 53 -14.36 -32.24 19.63
N LYS C 54 -14.25 -32.55 18.34
CA LYS C 54 -14.02 -33.91 17.88
C LYS C 54 -12.53 -34.22 17.81
N PRO C 55 -12.16 -35.50 17.88
CA PRO C 55 -10.75 -35.87 17.70
C PRO C 55 -10.26 -35.49 16.31
N GLY C 56 -9.02 -35.01 16.25
CA GLY C 56 -8.45 -34.54 15.01
C GLY C 56 -8.81 -33.12 14.64
N ASP C 57 -9.74 -32.50 15.35
CA ASP C 57 -10.09 -31.11 15.07
C ASP C 57 -8.97 -30.18 15.52
N TRP C 58 -8.64 -29.21 14.67
CA TRP C 58 -7.56 -28.28 14.95
C TRP C 58 -8.00 -26.87 14.62
N ILE C 59 -7.36 -25.91 15.30
CA ILE C 59 -7.41 -24.50 14.96
C ILE C 59 -5.98 -24.00 14.86
N SER C 60 -5.81 -22.88 14.14
CA SER C 60 -4.52 -22.27 13.93
C SER C 60 -4.53 -20.86 14.50
N ASN C 61 -3.48 -20.52 15.24
CA ASN C 61 -3.36 -19.22 15.89
C ASN C 61 -1.98 -18.65 15.64
N GLU C 62 -1.80 -17.38 16.03
CA GLU C 62 -0.54 -16.68 15.84
C GLU C 62 -0.23 -15.93 17.12
N ILE C 63 0.76 -16.40 17.86
CA ILE C 63 1.11 -15.84 19.17
C ILE C 63 2.57 -15.46 19.17
N ALA C 64 2.87 -14.19 19.48
CA ALA C 64 4.23 -13.71 19.64
C ALA C 64 5.08 -13.94 18.39
N GLY C 65 4.47 -13.82 17.21
CA GLY C 65 5.20 -14.06 15.99
C GLY C 65 5.40 -15.52 15.65
N ARG C 66 4.69 -16.43 16.29
CA ARG C 66 4.80 -17.86 16.02
C ARG C 66 3.46 -18.40 15.55
N PRO C 67 3.43 -19.22 14.50
CA PRO C 67 2.19 -19.91 14.14
C PRO C 67 2.04 -21.21 14.92
N LEU C 68 0.82 -21.46 15.40
CA LEU C 68 0.54 -22.57 16.30
C LEU C 68 -0.66 -23.36 15.80
N ILE C 69 -0.59 -24.68 15.97
CA ILE C 69 -1.72 -25.58 15.76
C ILE C 69 -2.15 -26.08 17.14
N VAL C 70 -3.42 -25.85 17.47
CA VAL C 70 -4.03 -26.38 18.68
C VAL C 70 -5.03 -27.43 18.25
N ALA C 71 -4.82 -28.67 18.69
CA ALA C 71 -5.54 -29.81 18.14
C ALA C 71 -6.05 -30.71 19.25
N ARG C 72 -7.04 -31.51 18.90
CA ARG C 72 -7.62 -32.50 19.81
C ARG C 72 -7.03 -33.87 19.46
N HIS C 73 -6.26 -34.42 20.39
CA HIS C 73 -5.62 -35.70 20.17
C HIS C 73 -6.65 -36.82 20.21
N SER C 74 -6.22 -38.03 19.86
CA SER C 74 -7.10 -39.18 19.81
C SER C 74 -7.59 -39.60 21.20
N ASP C 75 -6.86 -39.24 22.25
CA ASP C 75 -7.26 -39.59 23.61
C ASP C 75 -8.17 -38.54 24.25
N GLY C 76 -8.56 -37.51 23.49
CA GLY C 76 -9.45 -36.49 24.00
C GLY C 76 -8.78 -35.28 24.62
N SER C 77 -7.46 -35.28 24.74
CA SER C 77 -6.76 -34.15 25.33
C SER C 77 -6.57 -33.05 24.28
N VAL C 78 -5.92 -31.96 24.69
CA VAL C 78 -5.65 -30.81 23.83
C VAL C 78 -4.15 -30.61 23.77
N ARG C 79 -3.62 -30.52 22.55
CA ARG C 79 -2.19 -30.40 22.33
C ARG C 79 -1.90 -29.17 21.48
N ALA C 80 -0.69 -28.62 21.63
CA ALA C 80 -0.26 -27.46 20.87
C ALA C 80 1.10 -27.72 20.27
N MET C 81 1.26 -27.43 18.99
CA MET C 81 2.52 -27.62 18.29
C MET C 81 2.78 -26.47 17.34
N MET C 82 4.02 -26.37 16.87
CA MET C 82 4.36 -25.37 15.87
C MET C 82 3.76 -25.75 14.52
N ASN C 83 3.22 -24.75 13.82
CA ASN C 83 2.71 -24.95 12.47
C ASN C 83 3.85 -24.86 11.45
N ARG C 84 4.80 -25.79 11.60
CA ARG C 84 6.04 -25.77 10.81
C ARG C 84 6.53 -27.19 10.63
N CYS C 85 6.58 -27.65 9.38
CA CYS C 85 7.00 -29.01 9.08
C CYS C 85 8.47 -29.22 9.46
N ALA C 86 8.80 -30.46 9.81
CA ALA C 86 10.14 -30.80 10.26
C ALA C 86 11.14 -30.91 9.12
N HIS C 87 10.68 -30.92 7.87
CA HIS C 87 11.60 -31.08 6.75
C HIS C 87 12.27 -29.76 6.37
N LYS C 88 11.48 -28.77 5.94
CA LYS C 88 12.03 -27.50 5.50
C LYS C 88 11.22 -26.30 5.96
N GLY C 89 10.18 -26.49 6.77
CA GLY C 89 9.51 -25.40 7.43
C GLY C 89 8.16 -25.00 6.87
N SER C 90 7.66 -25.68 5.84
CA SER C 90 6.37 -25.31 5.27
C SER C 90 5.25 -25.62 6.27
N ARG C 91 4.19 -24.81 6.21
CA ARG C 91 3.04 -25.02 7.08
C ARG C 91 2.35 -26.34 6.74
N LEU C 92 1.74 -26.95 7.75
CA LEU C 92 1.00 -28.18 7.54
C LEU C 92 -0.47 -27.94 7.24
N VAL C 93 -1.07 -26.93 7.87
CA VAL C 93 -2.49 -26.65 7.73
C VAL C 93 -2.67 -25.19 7.36
N ASN C 94 -3.45 -24.94 6.32
CA ASN C 94 -3.75 -23.59 5.84
C ASN C 94 -5.20 -23.27 6.14
N GLY C 95 -5.43 -22.20 6.89
CA GLY C 95 -6.78 -21.79 7.24
C GLY C 95 -6.93 -21.58 8.73
N PRO C 96 -8.12 -21.15 9.15
CA PRO C 96 -8.33 -20.86 10.57
C PRO C 96 -8.67 -22.09 11.40
N CYS C 97 -9.31 -23.09 10.79
CA CYS C 97 -9.72 -24.28 11.52
C CYS C 97 -9.89 -25.43 10.51
N GLY C 98 -9.98 -26.64 11.04
CA GLY C 98 -10.18 -27.79 10.18
C GLY C 98 -10.14 -29.09 10.94
N ASN C 99 -10.15 -30.19 10.17
CA ASN C 99 -10.09 -31.55 10.70
C ASN C 99 -9.13 -32.36 9.84
N THR C 100 -8.09 -32.88 10.46
CA THR C 100 -7.02 -33.57 9.72
C THR C 100 -7.13 -35.09 9.76
N GLY C 101 -8.15 -35.63 10.40
CA GLY C 101 -8.30 -37.08 10.47
C GLY C 101 -7.41 -37.72 11.52
N LYS C 102 -6.41 -38.49 11.08
CA LYS C 102 -5.54 -39.21 11.99
C LYS C 102 -4.10 -38.71 12.01
N PHE C 103 -3.67 -37.95 11.00
CA PHE C 103 -2.29 -37.48 10.97
C PHE C 103 -2.22 -36.20 10.14
N PHE C 104 -1.13 -35.47 10.32
CA PHE C 104 -0.82 -34.29 9.52
C PHE C 104 0.09 -34.69 8.38
N ARG C 105 -0.17 -34.15 7.20
CA ARG C 105 0.60 -34.46 5.99
C ARG C 105 1.05 -33.16 5.35
N CYS C 106 2.36 -32.97 5.25
CA CYS C 106 2.89 -31.73 4.68
C CYS C 106 2.51 -31.63 3.21
N PRO C 107 2.07 -30.46 2.74
CA PRO C 107 1.69 -30.30 1.34
C PRO C 107 2.86 -30.02 0.40
N TYR C 108 4.11 -30.13 0.86
CA TYR C 108 5.27 -29.92 -0.01
C TYR C 108 5.91 -31.23 -0.45
N HIS C 109 6.35 -32.06 0.50
CA HIS C 109 6.93 -33.37 0.16
C HIS C 109 6.23 -34.51 0.90
N ALA C 110 5.07 -34.24 1.49
CA ALA C 110 4.21 -35.26 2.08
C ALA C 110 4.89 -36.02 3.22
N TRP C 111 5.64 -35.30 4.04
CA TRP C 111 6.00 -35.85 5.34
C TRP C 111 4.74 -35.96 6.19
N THR C 112 4.74 -36.92 7.12
CA THR C 112 3.55 -37.22 7.90
C THR C 112 3.91 -37.31 9.37
N PHE C 113 3.07 -36.73 10.21
CA PHE C 113 3.28 -36.68 11.65
C PHE C 113 1.98 -37.01 12.36
N LYS C 114 2.10 -37.46 13.61
CA LYS C 114 0.92 -37.76 14.40
C LYS C 114 0.27 -36.47 14.89
N THR C 115 -0.96 -36.61 15.39
CA THR C 115 -1.70 -35.43 15.85
C THR C 115 -1.03 -34.79 17.06
N ASP C 116 -0.34 -35.58 17.88
CA ASP C 116 0.43 -35.03 18.98
C ASP C 116 1.76 -34.44 18.54
N GLY C 117 2.10 -34.52 17.25
CA GLY C 117 3.28 -33.89 16.71
C GLY C 117 4.44 -34.83 16.42
N SER C 118 4.40 -36.05 16.91
CA SER C 118 5.51 -36.98 16.69
C SER C 118 5.54 -37.45 15.25
N LEU C 119 6.73 -37.79 14.78
CA LEU C 119 6.91 -38.22 13.40
C LEU C 119 6.24 -39.57 13.16
N LEU C 120 5.65 -39.73 11.98
CA LEU C 120 5.00 -40.98 11.60
C LEU C 120 5.69 -41.68 10.45
N ALA C 121 5.89 -41.00 9.32
CA ALA C 121 6.50 -41.63 8.16
C ALA C 121 7.14 -40.58 7.27
N ILE C 122 8.25 -40.96 6.65
CA ILE C 122 8.94 -40.13 5.67
C ILE C 122 8.92 -40.88 4.34
N PRO C 123 8.33 -40.32 3.28
CA PRO C 123 8.30 -41.03 2.00
C PRO C 123 9.70 -41.25 1.43
N LEU C 124 9.89 -42.40 0.80
CA LEU C 124 11.17 -42.82 0.23
C LEU C 124 12.27 -42.74 1.29
N LYS C 125 12.03 -43.42 2.41
CA LYS C 125 12.96 -43.39 3.53
C LYS C 125 14.31 -43.97 3.17
N THR C 126 14.38 -44.82 2.14
CA THR C 126 15.63 -45.47 1.76
C THR C 126 16.74 -44.48 1.42
N GLY C 127 16.44 -43.20 1.31
CA GLY C 127 17.43 -42.18 1.06
C GLY C 127 18.06 -41.56 2.29
N TYR C 128 17.80 -42.09 3.49
CA TYR C 128 18.32 -41.50 4.71
C TYR C 128 19.09 -42.52 5.56
N GLU C 129 19.53 -43.63 4.98
CA GLU C 129 20.12 -44.69 5.79
C GLU C 129 21.44 -44.27 6.41
N ASN C 130 22.36 -43.74 5.61
CA ASN C 130 23.70 -43.43 6.08
C ASN C 130 23.89 -41.95 6.39
N THR C 131 22.80 -41.24 6.67
CA THR C 131 22.83 -39.81 6.92
C THR C 131 22.63 -39.54 8.42
N ALA C 132 22.52 -38.26 8.77
CA ALA C 132 22.38 -37.83 10.15
C ALA C 132 21.03 -37.16 10.41
N LEU C 133 19.99 -37.61 9.73
CA LEU C 133 18.65 -37.09 10.01
C LEU C 133 18.15 -37.55 11.38
N HIS C 134 18.44 -38.80 11.75
CA HIS C 134 17.93 -39.36 13.00
C HIS C 134 18.61 -38.78 14.24
N GLU C 135 19.70 -38.03 14.09
CA GLU C 135 20.34 -37.39 15.23
C GLU C 135 19.82 -35.98 15.47
N CYS C 136 19.33 -35.31 14.44
CA CYS C 136 18.87 -33.93 14.56
C CYS C 136 17.52 -33.88 15.26
N GLU C 137 16.95 -32.68 15.34
CA GLU C 137 15.64 -32.49 15.96
C GLU C 137 14.49 -32.68 14.98
N SER C 138 14.78 -32.92 13.70
CA SER C 138 13.72 -33.24 12.74
C SER C 138 13.19 -34.66 12.92
N ALA C 139 13.87 -35.50 13.70
CA ALA C 139 13.38 -36.86 13.93
C ALA C 139 12.21 -36.89 14.89
N LYS C 140 12.17 -35.94 15.84
CA LYS C 140 11.10 -35.94 16.83
C LYS C 140 9.76 -35.51 16.24
N GLY C 141 9.75 -34.87 15.07
CA GLY C 141 8.51 -34.38 14.51
C GLY C 141 8.35 -32.89 14.75
N LEU C 142 7.10 -32.45 14.89
CA LEU C 142 6.84 -31.05 15.15
C LEU C 142 7.27 -30.68 16.57
N THR C 143 7.70 -29.43 16.72
CA THR C 143 8.01 -28.91 18.05
C THR C 143 6.73 -28.67 18.81
N THR C 144 6.65 -29.18 20.04
CA THR C 144 5.43 -29.11 20.83
C THR C 144 5.58 -28.07 21.93
N LEU C 145 4.43 -27.70 22.50
CA LEU C 145 4.34 -26.80 23.64
C LEU C 145 3.81 -27.59 24.82
N ARG C 146 4.56 -27.61 25.92
CA ARG C 146 4.14 -28.33 27.10
C ARG C 146 3.50 -27.43 28.16
N TYR C 147 3.33 -26.14 27.86
CA TYR C 147 2.49 -25.26 28.66
C TYR C 147 1.18 -25.01 27.91
N VAL C 148 0.26 -25.95 28.07
CA VAL C 148 -1.11 -25.81 27.57
C VAL C 148 -2.04 -26.15 28.72
N ARG C 149 -2.94 -25.24 29.05
CA ARG C 149 -3.86 -25.44 30.16
C ARG C 149 -5.26 -25.02 29.75
N SER C 150 -6.25 -25.58 30.42
CA SER C 150 -7.65 -25.31 30.11
C SER C 150 -8.42 -25.06 31.40
N HIS C 151 -9.23 -24.00 31.39
CA HIS C 151 -10.13 -23.69 32.49
C HIS C 151 -11.51 -23.42 31.91
N ARG C 152 -12.48 -24.28 32.25
CA ARG C 152 -13.85 -24.17 31.76
C ARG C 152 -13.89 -24.06 30.23
N GLY C 153 -12.92 -24.66 29.57
CA GLY C 153 -12.84 -24.68 28.12
C GLY C 153 -11.86 -23.68 27.54
N PHE C 154 -11.45 -22.67 28.30
CA PHE C 154 -10.49 -21.69 27.79
C PHE C 154 -9.10 -22.29 27.78
N ILE C 155 -8.38 -22.12 26.66
CA ILE C 155 -7.06 -22.70 26.48
C ILE C 155 -6.03 -21.59 26.52
N PHE C 156 -5.04 -21.75 27.39
CA PHE C 156 -3.93 -20.81 27.53
C PHE C 156 -2.62 -21.52 27.28
N VAL C 157 -1.72 -20.84 26.56
CA VAL C 157 -0.40 -21.37 26.27
C VAL C 157 0.66 -20.37 26.71
N LYS C 158 1.86 -20.88 26.94
CA LYS C 158 3.02 -20.06 27.28
C LYS C 158 4.20 -20.60 26.51
N ILE C 159 4.76 -19.79 25.62
CA ILE C 159 5.73 -20.29 24.64
C ILE C 159 6.99 -20.78 25.34
N SER C 160 7.51 -20.01 26.29
CA SER C 160 8.79 -20.32 26.90
C SER C 160 8.58 -20.98 28.27
N ASP C 161 9.69 -21.24 28.95
CA ASP C 161 9.69 -21.87 30.27
C ASP C 161 10.03 -20.88 31.38
N ALA C 162 10.08 -19.59 31.08
CA ALA C 162 10.42 -18.57 32.07
C ALA C 162 9.15 -17.83 32.49
N GLY C 163 8.93 -17.76 33.80
CA GLY C 163 7.75 -17.11 34.33
C GLY C 163 6.96 -18.02 35.25
N PRO C 164 6.04 -17.44 36.02
CA PRO C 164 5.24 -18.25 36.94
C PRO C 164 4.29 -19.17 36.20
N ASP C 165 3.93 -20.26 36.85
CA ASP C 165 3.02 -21.25 36.26
C ASP C 165 1.60 -20.70 36.23
N PHE C 166 0.73 -21.44 35.54
CA PHE C 166 -0.65 -21.01 35.32
C PHE C 166 -1.35 -20.64 36.62
N ASP C 167 -1.26 -21.51 37.62
CA ASP C 167 -2.00 -21.30 38.87
C ASP C 167 -1.56 -20.02 39.57
N ASP C 168 -0.25 -19.85 39.74
CA ASP C 168 0.25 -18.64 40.39
C ASP C 168 0.17 -17.43 39.47
N TYR C 169 0.19 -17.65 38.15
CA TYR C 169 0.07 -16.52 37.23
C TYR C 169 -1.31 -15.89 37.31
N PHE C 170 -2.36 -16.70 37.43
CA PHE C 170 -3.71 -16.15 37.39
C PHE C 170 -4.35 -15.96 38.76
N GLY C 171 -3.93 -16.72 39.76
CA GLY C 171 -4.45 -16.49 41.10
C GLY C 171 -5.94 -16.78 41.19
N ASP C 172 -6.68 -15.81 41.71
CA ASP C 172 -8.12 -15.96 41.95
C ASP C 172 -8.98 -15.22 40.94
N SER C 173 -8.38 -14.65 39.90
CA SER C 173 -9.16 -13.99 38.86
C SER C 173 -10.03 -14.97 38.08
N LEU C 174 -9.66 -16.26 38.09
CA LEU C 174 -10.39 -17.26 37.31
C LEU C 174 -11.86 -17.34 37.72
N SER C 175 -12.20 -16.87 38.92
CA SER C 175 -13.59 -16.85 39.35
C SER C 175 -14.47 -16.16 38.32
N SER C 176 -13.96 -15.09 37.70
CA SER C 176 -14.72 -14.41 36.65
C SER C 176 -15.18 -15.41 35.59
N ILE C 177 -14.24 -16.19 35.06
CA ILE C 177 -14.57 -17.20 34.06
C ILE C 177 -15.65 -18.13 34.61
N ASP C 178 -15.50 -18.56 35.86
CA ASP C 178 -16.47 -19.47 36.45
C ASP C 178 -17.87 -18.87 36.40
N ASN C 179 -18.00 -17.59 36.73
CA ASN C 179 -19.33 -16.96 36.65
C ASN C 179 -19.85 -16.99 35.22
N MET C 180 -18.99 -16.66 34.26
CA MET C 180 -19.39 -16.73 32.86
C MET C 180 -19.88 -18.12 32.49
N ALA C 181 -19.33 -19.15 33.13
CA ALA C 181 -19.77 -20.51 32.87
C ALA C 181 -20.88 -20.97 33.80
N ASP C 182 -21.06 -20.33 34.95
CA ASP C 182 -22.09 -20.76 35.88
C ASP C 182 -23.46 -20.21 35.54
N ARG C 183 -23.57 -19.35 34.54
CA ARG C 183 -24.84 -18.76 34.14
C ARG C 183 -25.61 -19.64 33.18
N SER C 184 -25.08 -20.82 32.86
CA SER C 184 -25.71 -21.84 32.02
C SER C 184 -26.26 -22.97 32.87
N PRO C 185 -27.49 -23.42 32.59
CA PRO C 185 -28.03 -24.56 33.35
C PRO C 185 -27.20 -25.81 33.24
N GLU C 186 -26.52 -26.03 32.12
CA GLU C 186 -25.65 -27.17 31.95
C GLU C 186 -24.21 -26.89 32.38
N GLY C 187 -23.89 -25.65 32.72
CA GLY C 187 -22.53 -25.31 33.10
C GLY C 187 -21.54 -25.31 31.96
N GLU C 188 -22.00 -25.16 30.72
CA GLU C 188 -21.15 -25.25 29.56
C GLU C 188 -21.37 -24.06 28.64
N LEU C 189 -20.31 -23.69 27.93
CA LEU C 189 -20.33 -22.62 26.94
C LEU C 189 -20.02 -23.19 25.58
N GLU C 190 -20.54 -22.56 24.52
CA GLU C 190 -20.11 -22.90 23.18
C GLU C 190 -19.93 -21.63 22.36
N ILE C 191 -19.12 -21.72 21.33
CA ILE C 191 -18.84 -20.57 20.47
C ILE C 191 -19.92 -20.48 19.40
N ALA C 192 -20.61 -19.36 19.34
CA ALA C 192 -21.66 -19.15 18.37
C ALA C 192 -21.86 -17.66 18.15
N GLY C 193 -22.28 -17.32 16.93
CA GLY C 193 -22.58 -15.94 16.59
C GLY C 193 -21.55 -15.24 15.72
N GLY C 194 -20.39 -15.85 15.50
CA GLY C 194 -19.38 -15.24 14.66
C GLY C 194 -18.40 -14.39 15.45
N CYS C 195 -17.38 -13.91 14.73
CA CYS C 195 -16.29 -13.13 15.30
C CYS C 195 -16.18 -11.80 14.57
N LEU C 196 -16.06 -10.72 15.33
CA LEU C 196 -15.87 -9.40 14.77
C LEU C 196 -14.40 -9.02 14.83
N ARG C 197 -13.83 -8.61 13.71
CA ARG C 197 -12.42 -8.28 13.62
C ARG C 197 -12.26 -6.81 13.25
N PHE C 198 -11.48 -6.09 14.06
CA PHE C 198 -11.35 -4.64 13.96
C PHE C 198 -9.87 -4.28 13.99
N MET C 199 -9.42 -3.54 12.98
CA MET C 199 -8.03 -3.10 12.90
C MET C 199 -7.90 -1.68 13.47
N HIS C 200 -7.04 -1.53 14.47
CA HIS C 200 -6.77 -0.24 15.10
C HIS C 200 -5.38 0.22 14.71
N GLN C 201 -5.28 1.47 14.27
CA GLN C 201 -3.99 2.07 13.95
C GLN C 201 -3.36 2.68 15.20
N CYS C 202 -3.21 1.83 16.22
CA CYS C 202 -2.66 2.24 17.49
C CYS C 202 -1.99 1.04 18.15
N ASN C 203 -1.12 1.34 19.11
CA ASN C 203 -0.50 0.28 19.89
C ASN C 203 -1.55 -0.45 20.71
N TRP C 204 -1.30 -1.74 20.97
CA TRP C 204 -2.24 -2.54 21.73
C TRP C 204 -2.38 -2.02 23.16
N LYS C 205 -1.35 -1.36 23.67
CA LYS C 205 -1.36 -0.92 25.06
C LYS C 205 -2.50 0.03 25.34
N MET C 206 -2.75 0.96 24.42
CA MET C 206 -3.83 1.93 24.61
C MET C 206 -5.19 1.24 24.71
N PHE C 207 -5.42 0.24 23.86
CA PHE C 207 -6.67 -0.52 23.94
C PHE C 207 -6.77 -1.25 25.26
N VAL C 208 -5.66 -1.82 25.74
CA VAL C 208 -5.70 -2.53 27.01
C VAL C 208 -5.97 -1.57 28.18
N GLU C 209 -5.50 -0.32 28.05
CA GLU C 209 -5.77 0.65 29.12
C GLU C 209 -7.20 1.16 29.08
N ASN C 210 -7.80 1.29 27.90
CA ASN C 210 -9.15 1.85 27.81
C ASN C 210 -10.19 1.00 28.53
N LEU C 211 -9.86 -0.25 28.86
CA LEU C 211 -10.85 -1.17 29.38
C LEU C 211 -11.27 -0.81 30.81
N ASN C 212 -10.32 -0.39 31.64
CA ASN C 212 -10.61 -0.06 33.04
C ASN C 212 -10.48 1.44 33.31
N ASP C 213 -10.79 2.27 32.32
CA ASP C 213 -10.74 3.72 32.44
C ASP C 213 -12.16 4.25 32.58
N THR C 214 -12.54 4.65 33.79
CA THR C 214 -13.85 5.21 34.05
C THR C 214 -13.88 6.73 33.89
N MET C 215 -12.75 7.34 33.55
CA MET C 215 -12.68 8.78 33.39
C MET C 215 -13.15 9.22 32.00
N HIS C 216 -12.97 8.37 30.99
CA HIS C 216 -13.23 8.69 29.58
C HIS C 216 -14.68 8.64 29.11
N PRO C 217 -15.54 7.71 29.57
CA PRO C 217 -16.78 7.45 28.80
C PRO C 217 -17.70 8.64 28.67
N MET C 218 -17.74 9.54 29.66
CA MET C 218 -18.63 10.69 29.60
C MET C 218 -18.03 11.86 28.84
N VAL C 219 -16.80 11.74 28.35
CA VAL C 219 -16.15 12.78 27.55
C VAL C 219 -16.06 12.37 26.08
N ALA C 220 -15.37 11.27 25.80
CA ALA C 220 -15.19 10.84 24.41
C ALA C 220 -16.48 10.32 23.81
N HIS C 221 -17.22 9.51 24.57
CA HIS C 221 -18.44 8.88 24.07
C HIS C 221 -19.67 9.77 24.26
N GLU C 222 -19.48 11.09 24.39
CA GLU C 222 -20.61 11.98 24.64
C GLU C 222 -21.51 12.11 23.42
N SER C 223 -20.92 12.26 22.24
CA SER C 223 -21.70 12.56 21.05
C SER C 223 -22.69 11.45 20.69
N SER C 224 -22.47 10.23 21.17
CA SER C 224 -23.35 9.11 20.91
C SER C 224 -24.19 8.71 22.11
N ALA C 225 -23.56 8.45 23.25
CA ALA C 225 -24.31 8.08 24.44
C ALA C 225 -25.19 9.23 24.93
N GLY C 226 -24.65 10.44 24.97
CA GLY C 226 -25.47 11.59 25.33
C GLY C 226 -26.59 11.84 24.34
N THR C 227 -26.31 11.64 23.05
CA THR C 227 -27.36 11.78 22.06
C THR C 227 -28.50 10.80 22.29
N ALA C 228 -28.16 9.54 22.58
CA ALA C 228 -29.19 8.54 22.88
C ALA C 228 -29.96 8.91 24.15
N LYS C 229 -29.25 9.35 25.18
CA LYS C 229 -29.90 9.74 26.43
C LYS C 229 -30.89 10.87 26.20
N ARG C 230 -30.49 11.89 25.45
N ARG C 230 -30.50 11.88 25.43
CA ARG C 230 -31.40 12.99 25.14
CA ARG C 230 -31.39 12.99 25.14
C ARG C 230 -32.56 12.53 24.28
C ARG C 230 -32.54 12.58 24.24
N MET C 231 -32.30 11.65 23.31
CA MET C 231 -33.36 11.19 22.42
C MET C 231 -34.43 10.44 23.20
N TRP C 232 -34.02 9.61 24.16
CA TRP C 232 -35.03 8.90 24.97
C TRP C 232 -35.67 9.83 25.98
N ALA C 233 -34.89 10.72 26.59
CA ALA C 233 -35.43 11.64 27.60
C ALA C 233 -36.47 12.56 26.98
N ASP C 234 -37.74 12.31 27.34
CA ASP C 234 -38.95 12.84 26.71
C ASP C 234 -40.06 11.80 26.83
N LYS C 235 -39.71 10.54 26.58
CA LYS C 235 -40.69 9.48 26.57
C LYS C 235 -41.25 9.25 27.97
N PRO C 236 -42.50 8.77 28.08
CA PRO C 236 -43.04 8.44 29.41
C PRO C 236 -42.17 7.41 30.14
N GLU C 237 -42.07 7.54 31.46
CA GLU C 237 -41.20 6.68 32.25
C GLU C 237 -41.71 5.24 32.29
N ASP C 238 -42.95 5.02 31.84
CA ASP C 238 -43.55 3.70 31.81
C ASP C 238 -43.24 2.92 30.53
N GLU C 239 -42.96 3.63 29.44
CA GLU C 239 -42.68 2.95 28.18
C GLU C 239 -41.39 2.13 28.30
N PRO C 240 -41.34 0.93 27.73
CA PRO C 240 -40.12 0.12 27.83
C PRO C 240 -38.98 0.73 27.03
N LYS C 241 -37.80 0.75 27.64
CA LYS C 241 -36.62 1.25 26.96
C LYS C 241 -36.16 0.22 25.92
N PRO C 242 -35.90 0.64 24.68
CA PRO C 242 -35.23 -0.27 23.74
C PRO C 242 -33.86 -0.65 24.27
N MET C 243 -33.45 -1.89 23.97
CA MET C 243 -32.20 -2.42 24.52
C MET C 243 -31.00 -1.60 24.06
N ALA C 244 -31.11 -0.92 22.92
CA ALA C 244 -30.05 -0.01 22.50
C ALA C 244 -29.89 1.13 23.50
N VAL C 245 -31.01 1.77 23.86
CA VAL C 245 -30.95 2.83 24.87
C VAL C 245 -30.54 2.28 26.23
N GLU C 246 -31.01 1.08 26.57
CA GLU C 246 -30.63 0.47 27.84
C GLU C 246 -29.12 0.26 27.92
N GLN C 247 -28.50 -0.17 26.83
CA GLN C 247 -27.06 -0.41 26.82
C GLN C 247 -26.25 0.87 26.64
N PHE C 248 -26.86 1.92 26.08
CA PHE C 248 -26.13 3.16 25.85
C PHE C 248 -26.20 4.14 27.01
N ALA C 249 -27.30 4.16 27.76
CA ALA C 249 -27.49 5.16 28.80
C ALA C 249 -26.40 5.15 29.88
N PRO C 250 -25.95 4.00 30.40
CA PRO C 250 -25.00 4.05 31.52
C PRO C 250 -23.67 4.72 31.20
N PHE C 251 -23.34 4.90 29.93
CA PHE C 251 -22.05 5.52 29.59
C PHE C 251 -21.99 6.97 30.04
N MET C 252 -23.14 7.66 30.11
CA MET C 252 -23.20 9.07 30.46
C MET C 252 -23.58 9.30 31.91
N SER C 253 -23.16 8.42 32.81
CA SER C 253 -23.44 8.59 34.22
C SER C 253 -22.54 9.67 34.81
N ASP C 254 -22.87 10.07 36.04
CA ASP C 254 -22.08 11.07 36.74
C ASP C 254 -20.80 10.46 37.29
N TYR C 255 -20.02 11.26 38.00
CA TYR C 255 -18.72 10.80 38.49
C TYR C 255 -18.89 9.87 39.68
N LYS C 256 -19.86 10.16 40.55
CA LYS C 256 -20.05 9.35 41.76
C LYS C 256 -20.43 7.92 41.41
N PHE C 257 -21.22 7.73 40.35
CA PHE C 257 -21.62 6.39 39.95
C PHE C 257 -20.40 5.53 39.63
N PHE C 258 -19.51 6.03 38.76
CA PHE C 258 -18.33 5.27 38.40
C PHE C 258 -17.39 5.13 39.58
N GLU C 259 -17.30 6.16 40.44
CA GLU C 259 -16.43 6.05 41.61
C GLU C 259 -16.89 4.97 42.56
N ASP C 260 -18.21 4.86 42.77
CA ASP C 260 -18.77 3.85 43.66
C ASP C 260 -18.90 2.49 43.01
N MET C 261 -18.73 2.39 41.69
CA MET C 261 -18.84 1.10 41.02
C MET C 261 -17.78 0.12 41.50
N GLY C 262 -16.55 0.58 41.66
CA GLY C 262 -15.52 -0.20 42.33
C GLY C 262 -14.58 -0.90 41.35
N ILE C 263 -13.42 -1.30 41.88
CA ILE C 263 -12.37 -1.93 41.09
C ILE C 263 -11.60 -2.89 42.00
N ARG C 264 -11.23 -4.06 41.47
CA ARG C 264 -10.33 -4.97 42.16
C ARG C 264 -9.20 -5.37 41.23
N THR C 265 -7.99 -5.45 41.79
CA THR C 265 -6.79 -5.83 41.06
C THR C 265 -6.10 -6.99 41.74
N TYR C 266 -5.55 -7.89 40.92
CA TYR C 266 -4.77 -9.04 41.35
C TYR C 266 -3.30 -8.82 40.99
N ASP C 267 -2.50 -9.86 41.20
CA ASP C 267 -1.13 -9.84 40.72
C ASP C 267 -1.10 -10.06 39.20
N ASN C 268 0.08 -9.82 38.62
CA ASN C 268 0.34 -10.11 37.20
C ASN C 268 -0.65 -9.40 36.27
N GLY C 269 -1.10 -8.21 36.64
CA GLY C 269 -1.86 -7.37 35.73
C GLY C 269 -3.29 -7.80 35.47
N HIS C 270 -3.83 -8.74 36.23
CA HIS C 270 -5.22 -9.16 36.06
C HIS C 270 -6.11 -8.33 36.97
N SER C 271 -7.19 -7.78 36.41
CA SER C 271 -8.02 -6.91 37.23
C SER C 271 -9.42 -6.84 36.64
N PHE C 272 -10.41 -6.69 37.52
CA PHE C 272 -11.79 -6.55 37.07
C PHE C 272 -12.41 -5.30 37.68
N THR C 273 -13.42 -4.79 36.99
CA THR C 273 -14.09 -3.55 37.34
C THR C 273 -15.53 -3.84 37.72
N GLY C 274 -16.05 -3.12 38.73
CA GLY C 274 -17.43 -3.28 39.13
C GLY C 274 -17.67 -4.32 40.20
N VAL C 275 -17.00 -4.17 41.34
CA VAL C 275 -17.13 -5.13 42.43
C VAL C 275 -18.51 -5.08 43.08
N HIS C 276 -19.11 -3.90 43.23
CA HIS C 276 -20.42 -3.77 43.87
C HIS C 276 -21.57 -3.85 42.87
N PHE C 277 -21.58 -2.98 41.87
CA PHE C 277 -22.55 -3.03 40.79
C PHE C 277 -21.82 -2.70 39.49
N SER C 278 -22.59 -2.56 38.41
CA SER C 278 -21.98 -2.27 37.12
C SER C 278 -23.01 -1.68 36.17
N ILE C 279 -22.53 -1.36 34.96
CA ILE C 279 -23.39 -0.83 33.92
C ILE C 279 -24.32 -1.88 33.33
N HIS C 280 -24.06 -3.17 33.60
CA HIS C 280 -24.92 -4.25 33.14
C HIS C 280 -25.90 -4.70 34.22
N SER C 281 -26.12 -3.88 35.24
CA SER C 281 -26.88 -4.30 36.41
C SER C 281 -28.38 -4.40 36.15
N LYS C 282 -28.96 -3.46 35.39
CA LYS C 282 -30.40 -3.46 35.26
C LYS C 282 -30.84 -4.46 34.19
N TYR C 283 -30.52 -4.17 32.93
CA TYR C 283 -30.68 -5.08 31.79
C TYR C 283 -31.97 -5.89 31.84
N LYS C 284 -33.05 -5.29 32.33
CA LYS C 284 -34.37 -5.92 32.38
C LYS C 284 -34.26 -7.27 33.11
N ALA C 285 -35.17 -8.21 32.81
CA ALA C 285 -35.14 -9.52 33.43
C ALA C 285 -35.94 -10.50 32.56
N ILE C 286 -35.45 -11.73 32.50
CA ILE C 286 -36.08 -12.80 31.72
C ILE C 286 -36.63 -13.83 32.69
N PRO C 287 -37.92 -14.14 32.65
CA PRO C 287 -38.47 -15.09 33.64
C PRO C 287 -38.11 -16.54 33.36
N ALA C 288 -38.10 -16.95 32.09
CA ALA C 288 -37.84 -18.36 31.77
C ALA C 288 -36.41 -18.75 32.13
N TYR C 289 -35.44 -17.88 31.88
CA TYR C 289 -34.06 -18.16 32.25
C TYR C 289 -33.92 -18.31 33.76
N ASP C 290 -34.58 -17.43 34.52
CA ASP C 290 -34.55 -17.54 35.98
C ASP C 290 -35.22 -18.82 36.44
N ASP C 291 -36.32 -19.22 35.80
CA ASP C 291 -36.99 -20.46 36.16
C ASP C 291 -36.09 -21.66 35.93
N ALA C 292 -35.40 -21.70 34.79
CA ALA C 292 -34.49 -22.81 34.52
C ALA C 292 -33.33 -22.83 35.51
N MET C 293 -32.76 -21.66 35.81
CA MET C 293 -31.66 -21.61 36.78
C MET C 293 -32.11 -22.05 38.16
N LYS C 294 -33.32 -21.66 38.56
CA LYS C 294 -33.87 -22.12 39.83
C LYS C 294 -34.07 -23.63 39.83
N ALA C 295 -34.55 -24.18 38.71
CA ALA C 295 -34.76 -25.63 38.62
C ALA C 295 -33.43 -26.38 38.67
N ARG C 296 -32.35 -25.77 38.21
CA ARG C 296 -31.07 -26.48 38.19
C ARG C 296 -30.29 -26.30 39.50
N TYR C 297 -30.24 -25.09 40.03
CA TYR C 297 -29.42 -24.78 41.19
C TYR C 297 -30.21 -24.61 42.47
N GLY C 298 -31.34 -23.91 42.43
CA GLY C 298 -32.08 -23.52 43.61
C GLY C 298 -32.13 -22.02 43.76
N GLU C 299 -32.89 -21.59 44.78
CA GLU C 299 -33.11 -20.16 44.98
C GLU C 299 -31.82 -19.44 45.38
N ALA C 300 -31.13 -19.97 46.40
CA ALA C 300 -29.97 -19.28 46.95
C ALA C 300 -28.83 -19.23 45.93
N LYS C 301 -28.52 -20.35 45.30
CA LYS C 301 -27.42 -20.38 44.34
C LYS C 301 -27.72 -19.52 43.12
N THR C 302 -28.95 -19.55 42.63
CA THR C 302 -29.32 -18.70 41.49
C THR C 302 -29.22 -17.22 41.85
N ALA C 303 -29.69 -16.85 43.05
CA ALA C 303 -29.59 -15.47 43.47
C ALA C 303 -28.13 -15.03 43.60
N GLN C 304 -27.29 -15.90 44.15
CA GLN C 304 -25.86 -15.57 44.27
C GLN C 304 -25.21 -15.43 42.90
N ILE C 305 -25.54 -16.32 41.96
CA ILE C 305 -24.90 -16.30 40.66
C ILE C 305 -25.33 -15.07 39.86
N LEU C 306 -26.64 -14.79 39.82
CA LEU C 306 -27.14 -13.71 38.99
C LEU C 306 -26.93 -12.34 39.62
N GLY C 307 -26.56 -12.27 40.90
CA GLY C 307 -26.21 -11.02 41.53
C GLY C 307 -24.75 -10.66 41.43
N MET C 308 -23.98 -11.41 40.66
CA MET C 308 -22.55 -11.21 40.49
C MET C 308 -22.35 -10.68 39.08
N ALA C 309 -22.14 -9.37 38.96
CA ALA C 309 -22.31 -8.65 37.69
C ALA C 309 -21.10 -7.76 37.41
N ARG C 310 -19.90 -8.33 37.47
CA ARG C 310 -18.69 -7.57 37.17
C ARG C 310 -18.79 -6.88 35.82
N HIS C 311 -18.16 -5.70 35.72
CA HIS C 311 -18.26 -4.90 34.50
C HIS C 311 -17.43 -5.51 33.38
N ASN C 312 -16.12 -5.60 33.58
CA ASN C 312 -15.28 -6.37 32.68
C ASN C 312 -14.00 -6.78 33.41
N THR C 313 -13.41 -7.87 32.93
CA THR C 313 -12.23 -8.47 33.53
C THR C 313 -11.11 -8.50 32.50
N VAL C 314 -9.89 -8.22 32.96
CA VAL C 314 -8.71 -8.18 32.12
C VAL C 314 -7.76 -9.27 32.61
N TYR C 315 -7.49 -10.25 31.74
CA TYR C 315 -6.40 -11.20 31.89
C TYR C 315 -5.26 -10.72 31.01
N TYR C 316 -4.19 -10.26 31.65
CA TYR C 316 -3.04 -9.73 30.95
C TYR C 316 -2.29 -10.87 30.25
N PRO C 317 -1.75 -10.63 29.04
CA PRO C 317 -1.73 -9.37 28.29
C PRO C 317 -2.68 -9.29 27.11
N ASN C 318 -3.58 -10.25 26.87
CA ASN C 318 -4.34 -10.19 25.62
C ASN C 318 -5.80 -10.59 25.74
N LEU C 319 -6.34 -10.83 26.94
CA LEU C 319 -7.73 -11.29 27.03
C LEU C 319 -8.55 -10.36 27.91
N THR C 320 -9.78 -10.09 27.50
CA THR C 320 -10.75 -9.43 28.37
C THR C 320 -12.11 -10.09 28.17
N ILE C 321 -12.88 -10.17 29.25
CA ILE C 321 -14.17 -10.84 29.23
C ILE C 321 -15.21 -10.00 29.95
N LYS C 322 -16.49 -10.27 29.63
CA LYS C 322 -17.63 -9.71 30.34
C LYS C 322 -18.47 -10.84 30.91
N GLY C 323 -18.92 -10.67 32.15
CA GLY C 323 -19.66 -11.73 32.82
C GLY C 323 -21.10 -11.90 32.37
N ALA C 324 -21.91 -10.85 32.53
CA ALA C 324 -23.34 -10.95 32.29
C ALA C 324 -23.71 -10.80 30.82
N ILE C 325 -22.74 -10.57 29.94
CA ILE C 325 -23.03 -10.35 28.53
C ILE C 325 -22.54 -11.55 27.73
N GLN C 326 -21.56 -12.27 28.29
CA GLN C 326 -20.97 -13.45 27.65
C GLN C 326 -20.28 -13.07 26.33
N ALA C 327 -19.36 -12.12 26.42
CA ALA C 327 -18.57 -11.70 25.27
C ALA C 327 -17.14 -11.45 25.72
N ILE C 328 -16.20 -11.83 24.86
CA ILE C 328 -14.78 -11.66 25.14
C ILE C 328 -14.13 -10.93 23.98
N ARG C 329 -12.99 -10.31 24.27
CA ARG C 329 -12.17 -9.62 23.29
C ARG C 329 -10.73 -10.07 23.44
N VAL C 330 -10.08 -10.31 22.30
CA VAL C 330 -8.70 -10.78 22.24
C VAL C 330 -7.87 -9.73 21.53
N VAL C 331 -6.66 -9.50 22.03
CA VAL C 331 -5.74 -8.52 21.48
C VAL C 331 -4.68 -9.23 20.64
N LYS C 332 -4.54 -8.81 19.39
CA LYS C 332 -3.55 -9.39 18.46
C LYS C 332 -2.63 -8.26 17.99
N PRO C 333 -1.52 -8.03 18.69
CA PRO C 333 -0.57 -7.01 18.23
C PRO C 333 0.01 -7.37 16.87
N ILE C 334 0.19 -6.35 16.04
CA ILE C 334 0.76 -6.51 14.70
C ILE C 334 2.08 -5.74 14.58
N SER C 335 2.08 -4.48 14.98
CA SER C 335 3.28 -3.67 14.93
C SER C 335 3.22 -2.65 16.06
N ALA C 336 4.10 -1.66 16.01
CA ALA C 336 4.06 -0.60 17.01
C ALA C 336 2.83 0.28 16.86
N ASP C 337 2.28 0.38 15.65
CA ASP C 337 1.13 1.24 15.39
C ASP C 337 0.03 0.49 14.65
N ARG C 338 -0.07 -0.83 14.86
CA ARG C 338 -1.13 -1.62 14.26
C ARG C 338 -1.50 -2.76 15.18
N THR C 339 -2.79 -2.91 15.45
CA THR C 339 -3.30 -3.93 16.34
C THR C 339 -4.61 -4.48 15.76
N LEU C 340 -4.88 -5.76 16.01
CA LEU C 340 -6.12 -6.40 15.58
C LEU C 340 -6.88 -6.88 16.80
N ILE C 341 -8.16 -6.55 16.87
CA ILE C 341 -9.02 -6.90 17.99
C ILE C 341 -10.11 -7.84 17.48
N GLU C 342 -10.27 -8.97 18.15
CA GLU C 342 -11.28 -9.97 17.80
C GLU C 342 -12.28 -10.09 18.94
N SER C 343 -13.55 -10.04 18.61
CA SER C 343 -14.64 -10.14 19.57
C SER C 343 -15.47 -11.37 19.27
N TRP C 344 -15.56 -12.27 20.24
CA TRP C 344 -16.35 -13.49 20.15
C TRP C 344 -17.54 -13.43 21.09
N THR C 345 -18.52 -14.28 20.83
CA THR C 345 -19.68 -14.42 21.68
C THR C 345 -19.88 -15.89 22.03
N PHE C 346 -20.52 -16.13 23.17
CA PHE C 346 -20.77 -17.47 23.65
C PHE C 346 -22.28 -17.71 23.77
N ARG C 347 -22.67 -18.95 23.52
CA ARG C 347 -24.02 -19.42 23.83
C ARG C 347 -23.95 -20.26 25.10
N LEU C 348 -24.82 -19.93 26.05
CA LEU C 348 -25.00 -20.73 27.25
C LEU C 348 -25.84 -21.96 26.92
N LYS C 349 -25.38 -23.13 27.33
CA LYS C 349 -26.10 -24.36 27.02
C LYS C 349 -27.36 -24.47 27.86
N GLY C 350 -28.49 -24.73 27.21
CA GLY C 350 -29.75 -24.90 27.89
C GLY C 350 -30.53 -23.63 28.17
N ALA C 351 -30.04 -22.47 27.75
CA ALA C 351 -30.72 -21.22 28.01
C ALA C 351 -31.63 -20.83 26.86
N PRO C 352 -32.66 -20.03 27.12
CA PRO C 352 -33.53 -19.55 26.03
C PRO C 352 -32.77 -18.66 25.07
N PRO C 353 -33.26 -18.51 23.84
CA PRO C 353 -32.50 -17.73 22.84
C PRO C 353 -32.34 -16.25 23.15
N GLU C 354 -33.15 -15.70 24.07
CA GLU C 354 -33.07 -14.29 24.36
C GLU C 354 -31.70 -13.88 24.88
N LEU C 355 -31.03 -14.77 25.63
CA LEU C 355 -29.70 -14.46 26.13
C LEU C 355 -28.72 -14.23 24.98
N LEU C 356 -28.72 -15.13 24.00
CA LEU C 356 -27.83 -14.99 22.86
C LEU C 356 -28.22 -13.80 22.00
N GLN C 357 -29.52 -13.53 21.87
CA GLN C 357 -29.94 -12.35 21.11
C GLN C 357 -29.41 -11.07 21.73
N ARG C 358 -29.52 -10.97 23.06
CA ARG C 358 -29.00 -9.81 23.76
C ARG C 358 -27.48 -9.71 23.62
N THR C 359 -26.79 -10.84 23.73
CA THR C 359 -25.33 -10.82 23.59
C THR C 359 -24.90 -10.36 22.21
N THR C 360 -25.55 -10.86 21.17
CA THR C 360 -25.20 -10.46 19.81
C THR C 360 -25.53 -8.99 19.57
N MET C 361 -26.65 -8.50 20.11
CA MET C 361 -26.97 -7.09 19.98
C MET C 361 -25.90 -6.21 20.62
N TYR C 362 -25.46 -6.56 21.83
CA TYR C 362 -24.42 -5.78 22.48
C TYR C 362 -23.11 -5.84 21.69
N ASN C 363 -22.76 -7.02 21.19
CA ASN C 363 -21.53 -7.15 20.42
C ASN C 363 -21.56 -6.29 19.18
N ARG C 364 -22.67 -6.31 18.44
CA ARG C 364 -22.79 -5.46 17.26
C ARG C 364 -22.72 -3.99 17.64
N LEU C 365 -23.40 -3.60 18.72
CA LEU C 365 -23.47 -2.18 19.07
C LEU C 365 -22.13 -1.63 19.52
N ILE C 366 -21.32 -2.42 20.20
CA ILE C 366 -20.11 -1.90 20.83
C ILE C 366 -18.85 -2.24 20.05
N ASN C 367 -18.71 -3.48 19.59
CA ASN C 367 -17.41 -3.96 19.11
C ASN C 367 -17.26 -3.95 17.59
N SER C 368 -18.30 -3.59 16.84
CA SER C 368 -18.21 -3.65 15.40
C SER C 368 -17.36 -2.49 14.86
N PRO C 369 -16.69 -2.69 13.72
CA PRO C 369 -16.01 -1.56 13.07
C PRO C 369 -16.96 -0.47 12.60
N PHE C 370 -18.25 -0.78 12.50
CA PHE C 370 -19.27 0.20 12.14
C PHE C 370 -19.87 0.90 13.35
N SER C 371 -19.34 0.64 14.54
CA SER C 371 -19.92 1.18 15.77
C SER C 371 -19.39 2.57 16.06
N VAL C 372 -20.28 3.46 16.51
CA VAL C 372 -19.89 4.84 16.80
C VAL C 372 -19.00 4.91 18.03
N VAL C 373 -19.28 4.08 19.04
CA VAL C 373 -18.44 4.04 20.23
C VAL C 373 -17.02 3.61 19.86
N GLY C 374 -16.91 2.59 19.01
CA GLY C 374 -15.60 2.19 18.52
C GLY C 374 -14.93 3.30 17.73
N HIS C 375 -15.71 4.07 16.96
CA HIS C 375 -15.15 5.19 16.22
C HIS C 375 -14.53 6.20 17.17
N ASP C 376 -15.24 6.56 18.24
CA ASP C 376 -14.71 7.54 19.18
C ASP C 376 -13.47 7.02 19.89
N ASP C 377 -13.49 5.77 20.34
CA ASP C 377 -12.33 5.22 21.03
C ASP C 377 -11.12 5.13 20.10
N LEU C 378 -11.34 4.72 18.85
CA LEU C 378 -10.26 4.64 17.89
C LEU C 378 -9.71 6.02 17.57
N GLN C 379 -10.58 7.03 17.49
CA GLN C 379 -10.10 8.40 17.28
C GLN C 379 -9.22 8.85 18.44
N ALA C 380 -9.61 8.51 19.67
CA ALA C 380 -8.77 8.83 20.82
C ALA C 380 -7.42 8.13 20.73
N TYR C 381 -7.42 6.85 20.36
CA TYR C 381 -6.16 6.12 20.23
C TYR C 381 -5.27 6.74 19.16
N ARG C 382 -5.85 7.06 18.01
CA ARG C 382 -5.08 7.63 16.91
C ARG C 382 -4.52 9.00 17.29
N GLY C 383 -5.33 9.82 17.97
CA GLY C 383 -4.82 11.09 18.45
C GLY C 383 -3.67 10.93 19.41
N MET C 384 -3.76 9.97 20.33
CA MET C 384 -2.66 9.73 21.26
C MET C 384 -1.41 9.28 20.52
N GLN C 385 -1.57 8.38 19.54
CA GLN C 385 -0.43 7.88 18.79
C GLN C 385 0.25 9.00 17.99
N ALA C 386 -0.55 9.89 17.40
CA ALA C 386 0.03 11.00 16.65
C ALA C 386 0.69 12.02 17.57
N GLY C 387 0.04 12.34 18.69
CA GLY C 387 0.57 13.35 19.59
C GLY C 387 1.73 12.91 20.45
N LEU C 388 1.96 11.60 20.58
CA LEU C 388 3.09 11.24 21.42
C LEU C 388 4.44 11.42 20.73
N HIS C 389 4.52 12.07 19.58
CA HIS C 389 5.80 12.36 18.93
C HIS C 389 6.31 13.76 19.24
N ALA C 390 5.54 14.58 19.94
CA ALA C 390 5.97 15.92 20.27
C ALA C 390 7.08 15.88 21.31
N SER C 391 7.94 16.91 21.28
CA SER C 391 9.06 16.99 22.21
C SER C 391 8.65 17.78 23.45
N GLY C 392 9.63 18.01 24.33
CA GLY C 392 9.37 18.70 25.58
C GLY C 392 8.98 17.76 26.68
N ASN C 393 7.69 17.65 26.95
CA ASN C 393 7.17 16.69 27.93
C ASN C 393 7.12 15.33 27.28
N GLU C 394 7.96 14.40 27.76
CA GLU C 394 8.11 13.08 27.18
C GLU C 394 7.65 12.00 28.14
N TRP C 395 6.52 12.23 28.82
CA TRP C 395 6.03 11.29 29.80
C TRP C 395 4.51 11.21 29.71
N VAL C 396 3.97 10.14 30.30
CA VAL C 396 2.55 9.90 30.39
C VAL C 396 2.20 9.70 31.86
N SER C 397 1.24 10.47 32.35
CA SER C 397 0.93 10.55 33.77
C SER C 397 -0.03 9.45 34.19
N LEU C 398 0.31 8.76 35.27
CA LEU C 398 -0.56 7.78 35.91
C LEU C 398 -0.66 8.06 37.41
N HIS C 399 -0.89 9.33 37.74
CA HIS C 399 -0.88 9.78 39.13
C HIS C 399 -2.23 9.69 39.83
N ARG C 400 -3.31 9.40 39.10
CA ARG C 400 -4.64 9.47 39.70
C ARG C 400 -4.79 8.42 40.79
N ASN C 401 -5.18 8.88 41.99
CA ASN C 401 -5.45 8.01 43.14
C ASN C 401 -4.26 7.15 43.50
N TYR C 402 -3.05 7.63 43.23
CA TYR C 402 -1.85 6.87 43.50
C TYR C 402 -1.48 6.93 44.98
N ASP C 403 -1.05 5.80 45.53
CA ASP C 403 -0.59 5.72 46.91
C ASP C 403 0.48 4.66 46.99
N PRO C 404 1.62 4.94 47.64
CA PRO C 404 2.72 3.96 47.67
C PRO C 404 2.36 2.66 48.38
N SER C 405 1.36 2.66 49.25
CA SER C 405 0.99 1.44 49.96
C SER C 405 0.50 0.35 49.02
N GLU C 406 0.16 0.70 47.78
CA GLU C 406 -0.22 -0.28 46.76
C GLU C 406 0.96 -1.11 46.27
N LEU C 407 2.19 -0.76 46.66
CA LEU C 407 3.35 -1.51 46.20
C LEU C 407 3.51 -2.85 46.91
N LYS C 408 2.72 -3.12 47.94
CA LYS C 408 2.77 -4.42 48.59
C LYS C 408 2.13 -5.52 47.74
N GLY C 409 1.32 -5.16 46.76
CA GLY C 409 0.73 -6.13 45.87
C GLY C 409 -0.45 -6.87 46.47
N GLY C 410 -0.80 -7.97 45.83
CA GLY C 410 -1.92 -8.79 46.25
C GLY C 410 -3.24 -8.28 45.73
N GLU C 411 -4.32 -8.87 46.26
CA GLU C 411 -5.66 -8.45 45.89
C GLU C 411 -5.99 -7.13 46.56
N ILE C 412 -6.31 -6.12 45.74
CA ILE C 412 -6.58 -4.77 46.24
C ILE C 412 -7.92 -4.31 45.68
N THR C 413 -8.80 -3.85 46.57
CA THR C 413 -10.10 -3.31 46.20
C THR C 413 -10.09 -1.80 46.46
N THR C 414 -10.62 -1.04 45.51
CA THR C 414 -10.57 0.42 45.59
C THR C 414 -11.71 0.99 44.74
N GLY C 415 -11.74 2.32 44.64
CA GLY C 415 -12.80 2.99 43.91
C GLY C 415 -12.70 2.79 42.42
N GLY C 416 -13.72 3.30 41.73
CA GLY C 416 -13.84 3.05 40.29
C GLY C 416 -12.96 3.91 39.41
N THR C 417 -12.52 5.07 39.91
CA THR C 417 -11.72 5.99 39.10
C THR C 417 -10.24 5.89 39.41
N ASN C 418 -9.81 4.89 40.15
CA ASN C 418 -8.40 4.71 40.46
C ASN C 418 -7.63 4.33 39.19
N GLU C 419 -6.42 4.87 39.07
CA GLU C 419 -5.52 4.50 37.97
C GLU C 419 -4.53 3.43 38.38
N LEU C 420 -4.85 2.66 39.40
CA LEU C 420 -4.00 1.55 39.83
C LEU C 420 -3.79 0.47 38.77
N PRO C 421 -4.82 0.01 38.05
CA PRO C 421 -4.61 -1.12 37.12
C PRO C 421 -3.52 -0.87 36.09
N MET C 422 -3.41 0.35 35.56
CA MET C 422 -2.37 0.65 34.59
C MET C 422 -0.99 0.53 35.22
N ARG C 423 -0.83 1.04 36.45
CA ARG C 423 0.45 0.93 37.13
C ARG C 423 0.82 -0.52 37.38
N ASN C 424 -0.14 -1.34 37.80
CA ASN C 424 0.14 -2.76 38.00
C ASN C 424 0.50 -3.45 36.68
N GLN C 425 -0.21 -3.10 35.60
CA GLN C 425 0.10 -3.66 34.29
C GLN C 425 1.53 -3.35 33.89
N TYR C 426 1.97 -2.11 34.07
CA TYR C 426 3.32 -1.75 33.65
C TYR C 426 4.38 -2.34 34.57
N ARG C 427 4.09 -2.48 35.86
CA ARG C 427 5.03 -3.19 36.73
C ARG C 427 5.22 -4.63 36.25
N ALA C 428 4.12 -5.32 35.93
CA ALA C 428 4.22 -6.68 35.45
C ALA C 428 4.95 -6.74 34.11
N TRP C 429 4.70 -5.78 33.23
CA TRP C 429 5.37 -5.74 31.94
C TRP C 429 6.88 -5.57 32.12
N VAL C 430 7.29 -4.68 33.02
CA VAL C 430 8.72 -4.49 33.28
C VAL C 430 9.33 -5.78 33.81
N GLN C 431 8.64 -6.45 34.73
CA GLN C 431 9.16 -7.71 35.27
C GLN C 431 9.33 -8.74 34.18
N ARG C 432 8.33 -8.86 33.28
CA ARG C 432 8.36 -9.90 32.27
C ARG C 432 9.43 -9.63 31.22
N MET C 433 9.67 -8.36 30.87
CA MET C 433 10.83 -8.06 30.03
C MET C 433 12.13 -8.42 30.73
N THR C 434 12.31 -7.94 31.96
CA THR C 434 13.62 -8.01 32.59
C THR C 434 13.97 -9.41 33.09
N GLU C 435 13.00 -10.32 33.20
CA GLU C 435 13.33 -11.66 33.69
C GLU C 435 14.23 -12.41 32.73
N THR C 436 14.05 -12.22 31.43
CA THR C 436 14.77 -12.99 30.41
C THR C 436 15.91 -12.22 29.77
N MET C 437 16.20 -11.01 30.23
CA MET C 437 17.30 -10.22 29.66
C MET C 437 18.65 -10.90 29.89
N VAL D 6 -44.33 0.59 -9.84
CA VAL D 6 -45.30 0.42 -10.91
C VAL D 6 -44.61 -0.09 -12.18
N THR D 7 -43.46 0.50 -12.49
CA THR D 7 -42.65 0.08 -13.62
C THR D 7 -41.22 -0.18 -13.15
N ARG D 8 -40.50 -1.01 -13.91
CA ARG D 8 -39.15 -1.39 -13.53
C ARG D 8 -38.24 -0.18 -13.48
N GLN D 9 -38.26 0.65 -14.53
CA GLN D 9 -37.41 1.82 -14.59
C GLN D 9 -37.58 2.71 -13.37
N ASP D 10 -38.79 2.73 -12.80
CA ASP D 10 -38.99 3.45 -11.55
C ASP D 10 -38.13 2.85 -10.43
N LEU D 11 -38.01 1.52 -10.38
CA LEU D 11 -37.21 0.88 -9.36
C LEU D 11 -35.72 1.17 -9.54
N ILE D 12 -35.23 1.08 -10.79
CA ILE D 12 -33.84 1.47 -11.04
C ILE D 12 -33.61 2.93 -10.65
N ASP D 13 -34.53 3.82 -11.01
CA ASP D 13 -34.38 5.22 -10.64
C ASP D 13 -34.39 5.40 -9.13
N PHE D 14 -35.22 4.62 -8.43
CA PHE D 14 -35.26 4.69 -6.97
C PHE D 14 -33.90 4.34 -6.37
N VAL D 15 -33.31 3.24 -6.83
CA VAL D 15 -32.01 2.84 -6.28
C VAL D 15 -30.95 3.89 -6.59
N VAL D 16 -30.93 4.39 -7.82
CA VAL D 16 -29.94 5.39 -8.21
C VAL D 16 -30.11 6.67 -7.38
N ASN D 17 -31.35 7.11 -7.19
CA ASN D 17 -31.61 8.32 -6.43
C ASN D 17 -31.26 8.14 -4.96
N GLU D 18 -31.47 6.94 -4.42
CA GLU D 18 -31.06 6.69 -3.04
C GLU D 18 -29.54 6.80 -2.90
N ALA D 19 -28.79 6.23 -3.84
CA ALA D 19 -27.35 6.37 -3.81
C ALA D 19 -26.94 7.84 -3.91
N HIS D 20 -27.61 8.59 -4.79
CA HIS D 20 -27.29 10.01 -4.95
C HIS D 20 -27.58 10.78 -3.67
N LEU D 21 -28.70 10.49 -3.01
CA LEU D 21 -29.03 11.15 -1.75
C LEU D 21 -27.97 10.86 -0.69
N LEU D 22 -27.50 9.61 -0.63
CA LEU D 22 -26.42 9.29 0.29
C LEU D 22 -25.14 10.05 -0.05
N ASP D 23 -24.89 10.27 -1.34
CA ASP D 23 -23.65 10.92 -1.75
C ASP D 23 -23.61 12.39 -1.36
N THR D 24 -24.74 13.08 -1.36
CA THR D 24 -24.80 14.52 -1.15
C THR D 24 -25.19 14.90 0.28
N ARG D 25 -25.02 13.99 1.23
CA ARG D 25 -25.21 14.26 2.66
C ARG D 25 -26.62 14.74 2.99
N ARG D 26 -27.61 14.25 2.25
CA ARG D 26 -29.02 14.56 2.54
C ARG D 26 -29.65 13.42 3.33
N TYR D 27 -29.14 13.26 4.55
CA TYR D 27 -29.53 12.11 5.38
C TYR D 27 -31.00 12.20 5.80
N GLU D 28 -31.51 13.41 6.05
CA GLU D 28 -32.89 13.53 6.50
C GLU D 28 -33.87 13.05 5.44
N GLU D 29 -33.57 13.30 4.16
CA GLU D 29 -34.42 12.81 3.09
C GLU D 29 -34.22 11.31 2.86
N TRP D 30 -32.99 10.84 3.02
CA TRP D 30 -32.70 9.43 2.81
C TRP D 30 -33.42 8.55 3.84
N ASN D 31 -33.39 8.95 5.10
CA ASN D 31 -34.03 8.17 6.15
C ASN D 31 -35.55 8.15 6.00
N ALA D 32 -36.12 9.12 5.28
CA ALA D 32 -37.57 9.15 5.10
C ALA D 32 -38.06 8.14 4.07
N LEU D 33 -37.16 7.51 3.31
CA LEU D 33 -37.55 6.52 2.33
C LEU D 33 -37.88 5.17 2.97
N PHE D 34 -37.44 4.94 4.20
CA PHE D 34 -37.67 3.67 4.87
C PHE D 34 -39.10 3.58 5.39
N THR D 35 -39.55 2.35 5.58
CA THR D 35 -40.75 2.10 6.35
C THR D 35 -40.42 2.15 7.84
N ASP D 36 -41.46 2.33 8.66
CA ASP D 36 -41.25 2.51 10.09
C ASP D 36 -40.59 1.29 10.72
N ASP D 37 -40.89 0.09 10.23
CA ASP D 37 -40.30 -1.14 10.76
C ASP D 37 -39.22 -1.71 9.85
N ALA D 38 -38.69 -0.90 8.93
CA ALA D 38 -37.68 -1.39 8.01
C ALA D 38 -36.32 -1.54 8.72
N PHE D 39 -35.42 -2.26 8.06
CA PHE D 39 -34.10 -2.54 8.62
C PHE D 39 -33.02 -2.26 7.59
N TYR D 40 -31.88 -1.78 8.10
CA TYR D 40 -30.68 -1.54 7.31
C TYR D 40 -29.64 -2.53 7.81
N TRP D 41 -29.40 -3.58 7.02
CA TRP D 41 -28.67 -4.76 7.46
C TRP D 41 -27.35 -4.88 6.72
N VAL D 42 -26.28 -5.08 7.46
CA VAL D 42 -24.98 -5.43 6.92
C VAL D 42 -24.55 -6.76 7.54
N PRO D 43 -24.69 -7.86 6.80
CA PRO D 43 -24.31 -9.17 7.35
C PRO D 43 -22.82 -9.27 7.63
N LEU D 44 -22.49 -10.19 8.54
CA LEU D 44 -21.10 -10.43 8.93
C LEU D 44 -20.49 -11.64 8.25
N VAL D 45 -21.29 -12.63 7.88
CA VAL D 45 -20.78 -13.83 7.21
C VAL D 45 -21.54 -14.04 5.91
N PRO D 46 -20.95 -14.69 4.92
CA PRO D 46 -21.69 -14.97 3.68
C PRO D 46 -22.87 -15.90 3.93
N ASP D 47 -23.97 -15.63 3.23
CA ASP D 47 -25.20 -16.42 3.34
C ASP D 47 -25.69 -16.49 4.79
N GLN D 48 -25.62 -15.37 5.50
CA GLN D 48 -26.13 -15.31 6.86
C GLN D 48 -27.64 -15.48 6.86
N GLU D 49 -28.16 -16.25 7.81
CA GLU D 49 -29.58 -16.59 7.80
C GLU D 49 -30.44 -15.39 8.21
N ASP D 50 -30.12 -14.78 9.36
CA ASP D 50 -30.87 -13.62 9.82
C ASP D 50 -29.98 -12.80 10.74
N GLY D 51 -30.43 -11.59 11.02
CA GLY D 51 -29.72 -10.67 11.88
C GLY D 51 -30.13 -10.70 13.34
N LEU D 52 -30.95 -11.65 13.76
CA LEU D 52 -31.42 -11.72 15.14
C LEU D 52 -30.53 -12.60 16.01
N ASN D 53 -30.29 -13.85 15.59
CA ASN D 53 -29.50 -14.80 16.36
C ASN D 53 -28.03 -14.84 15.94
N HIS D 54 -27.62 -13.98 15.02
CA HIS D 54 -26.24 -13.94 14.55
C HIS D 54 -25.77 -12.49 14.53
N THR D 55 -24.48 -12.30 14.80
CA THR D 55 -23.91 -10.97 14.82
C THR D 55 -23.82 -10.39 13.42
N SER D 56 -23.94 -9.07 13.32
CA SER D 56 -23.84 -8.36 12.05
C SER D 56 -23.05 -7.08 12.25
N HIS D 57 -22.58 -6.50 11.15
CA HIS D 57 -21.89 -5.22 11.25
C HIS D 57 -22.87 -4.09 11.55
N LEU D 58 -24.06 -4.15 10.96
CA LEU D 58 -25.09 -3.14 11.18
C LEU D 58 -26.45 -3.80 11.02
N TYR D 59 -27.30 -3.65 12.03
CA TYR D 59 -28.71 -4.07 11.94
C TYR D 59 -29.51 -2.96 12.62
N GLU D 60 -29.88 -1.94 11.85
CA GLU D 60 -30.41 -0.69 12.38
C GLU D 60 -31.90 -0.58 12.08
N ASP D 61 -32.68 -0.26 13.10
CA ASP D 61 -34.07 0.14 12.92
C ASP D 61 -34.14 1.66 12.82
N LYS D 62 -35.34 2.22 12.91
CA LYS D 62 -35.50 3.66 12.75
C LYS D 62 -34.75 4.43 13.82
N LEU D 63 -34.81 3.96 15.08
CA LEU D 63 -34.20 4.69 16.18
C LEU D 63 -32.68 4.80 16.01
N LEU D 64 -32.02 3.69 15.64
CA LEU D 64 -30.58 3.72 15.51
C LEU D 64 -30.15 4.56 14.31
N ARG D 65 -30.92 4.51 13.22
CA ARG D 65 -30.62 5.37 12.07
C ARG D 65 -30.74 6.84 12.44
N GLU D 66 -31.79 7.20 13.19
CA GLU D 66 -31.93 8.58 13.64
C GLU D 66 -30.79 8.98 14.55
N LEU D 67 -30.37 8.08 15.45
CA LEU D 67 -29.25 8.38 16.33
C LEU D 67 -27.98 8.64 15.53
N ARG D 68 -27.69 7.79 14.55
CA ARG D 68 -26.49 7.95 13.75
C ARG D 68 -26.53 9.23 12.93
N ILE D 69 -27.69 9.57 12.37
CA ILE D 69 -27.80 10.80 11.59
C ILE D 69 -27.65 12.03 12.49
N GLU D 70 -28.24 11.98 13.68
CA GLU D 70 -28.18 13.12 14.59
C GLU D 70 -26.78 13.32 15.16
N ARG D 71 -26.03 12.24 15.37
CA ARG D 71 -24.68 12.37 15.90
C ARG D 71 -23.77 13.15 14.96
N LEU D 72 -24.04 13.10 13.65
CA LEU D 72 -23.17 13.77 12.69
C LEU D 72 -23.26 15.28 12.81
N LYS D 73 -24.39 15.81 13.28
CA LYS D 73 -24.56 17.24 13.45
C LYS D 73 -23.95 17.77 14.74
N SER D 74 -23.49 16.90 15.62
CA SER D 74 -22.96 17.35 16.90
C SER D 74 -21.62 18.06 16.70
N PRO D 75 -21.33 19.09 17.50
CA PRO D 75 -20.03 19.74 17.43
C PRO D 75 -18.93 19.00 18.18
N ARG D 76 -19.24 17.85 18.79
CA ARG D 76 -18.27 17.10 19.56
C ARG D 76 -18.08 15.68 19.03
N ALA D 77 -18.48 15.44 17.78
CA ALA D 77 -18.20 14.17 17.11
C ALA D 77 -16.73 14.18 16.70
N PHE D 78 -15.87 13.85 17.67
CA PHE D 78 -14.43 14.03 17.50
C PHE D 78 -13.89 13.22 16.34
N SER D 79 -14.46 12.04 16.06
CA SER D 79 -13.98 11.22 14.96
C SER D 79 -14.37 11.77 13.60
N GLN D 80 -15.23 12.78 13.53
CA GLN D 80 -15.71 13.35 12.29
C GLN D 80 -15.16 14.77 12.09
N GLN D 81 -13.91 14.99 12.48
CA GLN D 81 -13.24 16.27 12.30
C GLN D 81 -11.87 16.03 11.66
N PRO D 82 -11.72 16.33 10.36
CA PRO D 82 -12.70 16.88 9.43
C PRO D 82 -13.72 15.84 8.95
N PRO D 83 -14.87 16.27 8.44
CA PRO D 83 -15.89 15.31 7.99
C PRO D 83 -15.38 14.44 6.84
N SER D 84 -15.90 13.22 6.79
CA SER D 84 -15.56 12.29 5.74
C SER D 84 -16.47 12.49 4.52
N ARG D 85 -16.03 11.95 3.39
CA ARG D 85 -16.79 12.01 2.14
C ARG D 85 -16.90 10.61 1.57
N CYS D 86 -18.00 10.35 0.88
CA CYS D 86 -18.29 9.03 0.33
C CYS D 86 -18.76 9.16 -1.11
N HIS D 87 -18.51 8.10 -1.87
CA HIS D 87 -18.90 8.03 -3.27
C HIS D 87 -19.37 6.62 -3.60
N HIS D 88 -20.46 6.52 -4.35
CA HIS D 88 -21.02 5.25 -4.80
C HIS D 88 -20.91 5.15 -6.30
N LEU D 89 -20.40 4.03 -6.79
CA LEU D 89 -20.41 3.71 -8.22
C LEU D 89 -21.18 2.42 -8.40
N LEU D 90 -22.29 2.49 -9.13
CA LEU D 90 -23.24 1.40 -9.21
C LEU D 90 -23.28 0.80 -10.61
N GLN D 91 -23.32 -0.53 -10.66
CA GLN D 91 -23.78 -1.21 -11.86
C GLN D 91 -25.29 -1.05 -11.98
N VAL D 92 -25.80 -1.21 -13.20
CA VAL D 92 -27.24 -1.04 -13.42
C VAL D 92 -27.99 -2.06 -12.58
N PRO D 93 -29.01 -1.66 -11.82
CA PRO D 93 -29.75 -2.61 -10.99
C PRO D 93 -30.46 -3.66 -11.83
N VAL D 94 -30.58 -4.87 -11.28
CA VAL D 94 -31.26 -5.97 -11.91
C VAL D 94 -32.47 -6.34 -11.05
N VAL D 95 -33.64 -6.38 -11.65
CA VAL D 95 -34.88 -6.69 -10.94
C VAL D 95 -35.04 -8.21 -10.95
N GLU D 96 -34.85 -8.84 -9.79
CA GLU D 96 -35.02 -10.29 -9.73
C GLU D 96 -36.50 -10.66 -9.61
N GLN D 97 -37.15 -10.18 -8.57
CA GLN D 97 -38.55 -10.50 -8.31
C GLN D 97 -39.38 -9.24 -8.50
N PHE D 98 -40.52 -9.39 -9.18
CA PHE D 98 -41.40 -8.27 -9.52
C PHE D 98 -42.83 -8.77 -9.38
N ASP D 99 -43.42 -8.51 -8.21
CA ASP D 99 -44.78 -8.93 -7.90
C ASP D 99 -45.65 -7.69 -7.89
N ALA D 100 -46.23 -7.36 -9.04
CA ALA D 100 -47.09 -6.19 -9.14
C ALA D 100 -48.31 -6.33 -8.26
N GLU D 101 -48.92 -7.52 -8.25
CA GLU D 101 -50.08 -7.76 -7.41
C GLU D 101 -49.68 -7.95 -5.96
N GLY D 102 -48.53 -8.58 -5.71
CA GLY D 102 -48.11 -8.87 -4.34
C GLY D 102 -47.48 -7.73 -3.59
N ASN D 103 -47.17 -6.62 -4.28
CA ASN D 103 -46.58 -5.44 -3.66
C ASN D 103 -45.26 -5.77 -2.97
N ARG D 104 -44.34 -6.35 -3.73
CA ARG D 104 -43.03 -6.69 -3.19
C ARG D 104 -42.04 -6.80 -4.35
N PHE D 105 -40.95 -6.04 -4.29
CA PHE D 105 -39.96 -6.00 -5.36
C PHE D 105 -38.57 -6.22 -4.79
N VAL D 106 -37.77 -7.02 -5.49
CA VAL D 106 -36.40 -7.34 -5.08
C VAL D 106 -35.44 -6.94 -6.18
N LEU D 107 -34.43 -6.16 -5.82
CA LEU D 107 -33.44 -5.65 -6.76
C LEU D 107 -32.03 -6.00 -6.28
N ARG D 108 -31.14 -6.29 -7.23
CA ARG D 108 -29.76 -6.65 -6.96
C ARG D 108 -28.83 -5.71 -7.72
N THR D 109 -27.86 -5.13 -7.03
CA THR D 109 -27.02 -4.09 -7.63
C THR D 109 -25.57 -4.27 -7.18
N GLY D 110 -24.65 -4.41 -8.13
CA GLY D 110 -23.24 -4.40 -7.78
C GLY D 110 -22.77 -2.98 -7.49
N PHE D 111 -21.90 -2.83 -6.50
CA PHE D 111 -21.47 -1.51 -6.09
C PHE D 111 -19.99 -1.50 -5.73
N HIS D 112 -19.37 -0.34 -6.01
CA HIS D 112 -18.05 0.03 -5.54
C HIS D 112 -18.20 1.30 -4.71
N TYR D 113 -17.80 1.23 -3.44
CA TYR D 113 -18.02 2.31 -2.49
C TYR D 113 -16.67 2.84 -2.02
N THR D 114 -16.50 4.15 -2.05
CA THR D 114 -15.25 4.78 -1.64
C THR D 114 -15.52 5.77 -0.52
N GLU D 115 -14.64 5.77 0.48
CA GLU D 115 -14.74 6.69 1.60
C GLU D 115 -13.38 7.31 1.87
N SER D 116 -13.34 8.64 1.94
CA SER D 116 -12.10 9.39 2.11
C SER D 116 -12.24 10.39 3.23
N GLN D 117 -11.20 10.49 4.05
CA GLN D 117 -11.11 11.48 5.10
C GLN D 117 -9.67 11.96 5.19
N GLY D 118 -9.47 13.27 5.10
CA GLY D 118 -8.13 13.80 5.12
C GLY D 118 -7.33 13.28 3.94
N ASP D 119 -6.20 12.64 4.24
CA ASP D 119 -5.36 12.02 3.22
C ASP D 119 -5.52 10.50 3.18
N GLU D 120 -6.59 9.97 3.77
CA GLU D 120 -6.82 8.54 3.81
C GLU D 120 -8.04 8.19 2.96
N LEU D 121 -7.97 7.05 2.27
CA LEU D 121 -9.02 6.63 1.37
C LEU D 121 -9.11 5.11 1.38
N GLN D 122 -10.34 4.60 1.40
CA GLN D 122 -10.59 3.17 1.36
C GLN D 122 -11.74 2.89 0.42
N PHE D 123 -11.77 1.67 -0.11
CA PHE D 123 -12.83 1.27 -1.02
C PHE D 123 -13.25 -0.16 -0.72
N TYR D 124 -14.52 -0.44 -1.01
CA TYR D 124 -15.12 -1.75 -0.83
C TYR D 124 -15.97 -2.07 -2.04
N VAL D 125 -16.20 -3.35 -2.28
CA VAL D 125 -17.05 -3.80 -3.37
C VAL D 125 -18.05 -4.80 -2.83
N GLY D 126 -19.19 -4.90 -3.48
CA GLY D 126 -20.19 -5.86 -3.03
C GLY D 126 -21.50 -5.71 -3.76
N THR D 127 -22.57 -6.16 -3.10
CA THR D 127 -23.89 -6.22 -3.69
C THR D 127 -24.93 -5.64 -2.73
N PHE D 128 -25.88 -4.90 -3.31
CA PHE D 128 -27.05 -4.39 -2.60
C PHE D 128 -28.25 -5.24 -2.98
N PHE D 129 -29.03 -5.62 -1.98
CA PHE D 129 -30.34 -6.23 -2.18
C PHE D 129 -31.38 -5.28 -1.62
N HIS D 130 -32.32 -4.86 -2.46
CA HIS D 130 -33.35 -3.91 -2.10
C HIS D 130 -34.71 -4.58 -2.13
N HIS D 131 -35.46 -4.43 -1.03
CA HIS D 131 -36.85 -4.85 -0.96
C HIS D 131 -37.71 -3.59 -0.92
N LEU D 132 -38.54 -3.42 -1.94
CA LEU D 132 -39.33 -2.21 -2.12
C LEU D 132 -40.81 -2.55 -2.16
N THR D 133 -41.63 -1.62 -1.66
CA THR D 133 -43.08 -1.72 -1.73
C THR D 133 -43.64 -0.32 -1.98
N VAL D 134 -44.96 -0.23 -2.11
CA VAL D 134 -45.64 1.04 -2.39
C VAL D 134 -46.52 1.39 -1.19
N ARG D 135 -46.24 2.54 -0.58
CA ARG D 135 -47.05 3.08 0.51
C ARG D 135 -47.62 4.41 0.05
N ASP D 136 -48.95 4.48 -0.07
CA ASP D 136 -49.66 5.71 -0.42
C ASP D 136 -49.11 6.31 -1.71
N GLY D 137 -48.79 5.46 -2.67
CA GLY D 137 -48.30 5.92 -3.95
C GLY D 137 -46.83 6.28 -4.01
N ALA D 138 -46.08 6.04 -2.94
CA ALA D 138 -44.65 6.32 -2.91
C ALA D 138 -43.88 5.04 -2.68
N LEU D 139 -42.79 4.85 -3.42
CA LEU D 139 -41.95 3.68 -3.25
C LEU D 139 -41.15 3.82 -1.96
N ARG D 140 -41.17 2.77 -1.14
CA ARG D 140 -40.51 2.79 0.17
C ARG D 140 -39.82 1.45 0.40
N MET D 141 -38.75 1.50 1.17
CA MET D 141 -37.91 0.35 1.43
C MET D 141 -38.37 -0.38 2.68
N THR D 142 -38.34 -1.72 2.63
CA THR D 142 -38.63 -2.53 3.80
C THR D 142 -37.40 -3.25 4.34
N LEU D 143 -36.33 -3.32 3.56
CA LEU D 143 -35.06 -3.90 4.01
C LEU D 143 -33.96 -3.54 3.03
N LYS D 144 -32.82 -3.09 3.52
CA LYS D 144 -31.65 -2.82 2.69
C LYS D 144 -30.49 -3.68 3.18
N ARG D 145 -30.18 -4.73 2.44
CA ARG D 145 -29.11 -5.66 2.80
C ARG D 145 -27.87 -5.33 1.99
N VAL D 146 -26.73 -5.26 2.66
CA VAL D 146 -25.46 -4.88 2.04
C VAL D 146 -24.49 -6.05 2.21
N ASN D 147 -24.29 -6.80 1.13
CA ASN D 147 -23.36 -7.93 1.14
C ASN D 147 -21.98 -7.46 0.73
N LEU D 148 -21.03 -7.49 1.65
CA LEU D 148 -19.65 -7.14 1.36
C LEU D 148 -18.88 -8.37 0.90
N LEU D 149 -17.92 -8.14 0.00
CA LEU D 149 -17.09 -9.25 -0.48
C LEU D 149 -16.20 -9.78 0.63
N ASN D 150 -15.64 -8.91 1.46
CA ASN D 150 -14.72 -9.31 2.51
C ASN D 150 -15.31 -9.00 3.88
N CYS D 151 -16.58 -9.36 4.08
CA CYS D 151 -17.28 -9.03 5.32
C CYS D 151 -16.60 -9.64 6.53
N ASP D 152 -16.06 -10.85 6.39
CA ASP D 152 -15.43 -11.52 7.53
C ASP D 152 -13.94 -11.22 7.64
N ALA D 153 -13.40 -10.36 6.78
CA ALA D 153 -12.01 -9.96 6.89
C ALA D 153 -11.85 -8.84 7.91
N ALA D 154 -10.61 -8.52 8.25
CA ALA D 154 -10.33 -7.43 9.16
C ALA D 154 -10.54 -6.10 8.46
N LEU D 155 -11.29 -5.20 9.09
CA LEU D 155 -11.65 -3.94 8.47
C LEU D 155 -11.24 -2.77 9.36
N PRO D 156 -10.99 -1.62 8.78
CA PRO D 156 -10.82 -0.40 9.56
C PRO D 156 -12.19 0.24 9.82
N ALA D 157 -12.16 1.40 10.48
CA ALA D 157 -13.41 2.07 10.82
C ALA D 157 -14.13 2.57 9.58
N VAL D 158 -15.43 2.29 9.50
CA VAL D 158 -16.28 2.77 8.43
C VAL D 158 -17.32 3.68 9.08
N GLN D 159 -17.25 4.97 8.77
CA GLN D 159 -17.95 5.99 9.54
C GLN D 159 -19.19 6.56 8.85
N LEU D 160 -19.54 6.07 7.67
CA LEU D 160 -20.70 6.60 6.95
C LEU D 160 -21.57 5.45 6.48
N PHE D 161 -22.73 5.81 5.92
CA PHE D 161 -23.68 4.83 5.41
C PHE D 161 -23.21 4.31 4.05
N ILE D 162 -23.24 3.00 3.88
CA ILE D 162 -22.88 2.39 2.61
C ILE D 162 -24.12 2.20 1.77
N SER E 3 22.70 -8.95 13.08
CA SER E 3 24.08 -8.66 13.47
C SER E 3 25.06 -9.53 12.67
N TYR E 4 25.03 -9.38 11.35
CA TYR E 4 25.94 -10.07 10.46
C TYR E 4 26.98 -9.17 9.83
N ARG E 5 26.77 -7.85 9.87
CA ARG E 5 27.69 -6.91 9.23
C ARG E 5 29.07 -7.01 9.87
N ASP E 6 30.09 -7.13 9.02
CA ASP E 6 31.48 -7.24 9.47
C ASP E 6 31.67 -8.43 10.42
N ASN E 7 30.86 -9.46 10.24
CA ASN E 7 30.86 -10.65 11.11
C ASN E 7 30.92 -11.89 10.24
N PRO E 8 32.03 -12.11 9.55
CA PRO E 8 32.09 -13.24 8.60
C PRO E 8 31.93 -14.60 9.25
N ASP E 9 32.41 -14.79 10.47
CA ASP E 9 32.22 -16.07 11.14
C ASP E 9 30.75 -16.35 11.42
N ALA E 10 29.99 -15.32 11.80
CA ALA E 10 28.55 -15.51 11.95
C ALA E 10 27.85 -15.71 10.61
N ILE E 11 28.46 -15.27 9.51
CA ILE E 11 27.94 -15.60 8.19
C ILE E 11 28.17 -17.06 7.88
N ARG E 12 29.36 -17.59 8.23
CA ARG E 12 29.66 -18.99 7.99
C ARG E 12 28.85 -19.91 8.90
N ALA E 13 28.50 -19.43 10.09
CA ALA E 13 27.80 -20.27 11.06
C ALA E 13 26.35 -20.58 10.68
N LEU E 14 25.80 -19.91 9.66
CA LEU E 14 24.43 -20.19 9.25
C LEU E 14 24.32 -21.35 8.28
N VAL E 15 25.43 -21.95 7.88
CA VAL E 15 25.45 -23.08 6.96
C VAL E 15 26.32 -24.18 7.56
N GLN E 16 25.76 -25.38 7.64
CA GLN E 16 26.49 -26.57 8.06
C GLN E 16 26.59 -27.54 6.89
N ASP E 17 27.15 -28.72 7.17
CA ASP E 17 27.46 -29.67 6.10
C ASP E 17 26.19 -30.17 5.41
N ASP E 18 25.13 -30.45 6.19
CA ASP E 18 23.93 -31.04 5.63
C ASP E 18 22.65 -30.31 6.01
N ARG E 19 22.75 -29.10 6.57
CA ARG E 19 21.57 -28.34 6.92
C ARG E 19 21.91 -26.86 6.90
N VAL E 20 20.87 -26.02 6.86
CA VAL E 20 21.03 -24.58 6.83
C VAL E 20 20.14 -23.95 7.90
N HIS E 21 20.35 -22.67 8.15
CA HIS E 21 19.57 -21.92 9.11
C HIS E 21 18.40 -21.22 8.44
N ARG E 22 17.42 -20.84 9.25
CA ARG E 22 16.23 -20.17 8.71
C ARG E 22 16.50 -18.73 8.31
N ASP E 23 17.52 -18.09 8.90
CA ASP E 23 17.82 -16.70 8.59
C ASP E 23 18.19 -16.50 7.13
N LEU E 24 18.58 -17.56 6.43
CA LEU E 24 18.89 -17.44 5.02
C LEU E 24 17.66 -17.12 4.17
N TYR E 25 16.46 -17.30 4.73
CA TYR E 25 15.24 -17.06 3.97
C TYR E 25 14.39 -15.92 4.50
N THR E 26 14.74 -15.32 5.64
CA THR E 26 13.89 -14.31 6.25
C THR E 26 14.62 -13.01 6.55
N SER E 27 15.89 -13.10 6.95
CA SER E 27 16.61 -11.95 7.47
C SER E 27 16.78 -10.88 6.39
N GLN E 28 16.27 -9.67 6.66
CA GLN E 28 16.39 -8.57 5.72
C GLN E 28 17.80 -8.00 5.67
N GLU E 29 18.46 -7.89 6.82
CA GLU E 29 19.85 -7.45 6.83
C GLU E 29 20.74 -8.38 6.02
N LEU E 30 20.45 -9.69 6.04
CA LEU E 30 21.17 -10.62 5.18
C LEU E 30 20.90 -10.33 3.72
N PHE E 31 19.67 -9.95 3.37
CA PHE E 31 19.37 -9.58 2.00
C PHE E 31 20.18 -8.36 1.56
N GLU E 32 20.26 -7.35 2.42
CA GLU E 32 21.05 -6.17 2.06
C GLU E 32 22.53 -6.51 1.93
N LEU E 33 23.05 -7.35 2.83
CA LEU E 33 24.44 -7.78 2.71
C LEU E 33 24.68 -8.54 1.41
N GLU E 34 23.71 -9.36 1.01
CA GLU E 34 23.80 -10.04 -0.28
C GLU E 34 23.88 -9.04 -1.42
N GLN E 35 22.95 -8.09 -1.44
CA GLN E 35 22.93 -7.08 -2.50
C GLN E 35 24.24 -6.32 -2.57
N GLU E 36 24.89 -6.10 -1.41
CA GLU E 36 26.20 -5.47 -1.43
C GLU E 36 27.31 -6.42 -1.86
N HIS E 37 27.22 -7.69 -1.49
CA HIS E 37 28.35 -8.61 -1.65
C HIS E 37 28.08 -9.74 -2.63
N PHE E 38 27.04 -10.55 -2.43
CA PHE E 38 26.92 -11.79 -3.19
C PHE E 38 26.65 -11.53 -4.66
N PHE E 39 25.65 -10.70 -4.95
CA PHE E 39 25.25 -10.48 -6.33
C PHE E 39 26.23 -9.58 -7.08
N ALA E 40 27.16 -8.94 -6.39
CA ALA E 40 28.23 -8.19 -7.02
C ALA E 40 29.46 -9.05 -7.30
N ASN E 41 29.47 -10.30 -6.87
CA ASN E 41 30.63 -11.18 -7.01
C ASN E 41 30.33 -12.42 -7.84
N THR E 42 29.24 -12.40 -8.61
CA THR E 42 28.88 -13.54 -9.44
C THR E 42 28.46 -13.04 -10.81
N TRP E 43 28.48 -13.93 -11.79
CA TRP E 43 28.04 -13.60 -13.14
C TRP E 43 26.53 -13.71 -13.22
N ASN E 44 25.89 -12.70 -13.79
CA ASN E 44 24.44 -12.61 -13.84
C ASN E 44 23.97 -12.38 -15.26
N TYR E 45 22.86 -13.01 -15.61
CA TYR E 45 22.30 -12.86 -16.94
C TYR E 45 21.62 -11.50 -17.08
N VAL E 46 22.05 -10.71 -18.06
CA VAL E 46 21.47 -9.40 -18.30
C VAL E 46 20.67 -9.33 -19.60
N GLY E 47 20.88 -10.24 -20.53
CA GLY E 47 20.09 -10.25 -21.74
C GLY E 47 20.74 -11.09 -22.82
N HIS E 48 20.17 -10.96 -24.02
CA HIS E 48 20.63 -11.68 -25.20
C HIS E 48 21.02 -10.69 -26.29
N GLU E 49 21.94 -11.12 -27.15
CA GLU E 49 22.43 -10.24 -28.21
C GLU E 49 21.37 -9.91 -29.25
N SER E 50 20.33 -10.72 -29.37
CA SER E 50 19.28 -10.44 -30.35
C SER E 50 18.36 -9.32 -29.90
N GLN E 51 18.45 -8.89 -28.64
CA GLN E 51 17.65 -7.77 -28.16
C GLN E 51 18.24 -6.42 -28.54
N LEU E 52 19.50 -6.39 -28.94
CA LEU E 52 20.19 -5.14 -29.34
C LEU E 52 21.02 -5.39 -30.58
N PRO E 53 20.38 -5.64 -31.72
CA PRO E 53 21.13 -6.04 -32.92
C PRO E 53 21.86 -4.89 -33.61
N LYS E 54 21.23 -3.72 -33.68
CA LYS E 54 21.77 -2.59 -34.44
C LYS E 54 22.70 -1.75 -33.58
N PRO E 55 23.62 -1.01 -34.20
CA PRO E 55 24.45 -0.09 -33.43
C PRO E 55 23.61 0.98 -32.74
N GLY E 56 23.99 1.31 -31.52
CA GLY E 56 23.24 2.25 -30.71
C GLY E 56 22.07 1.66 -29.96
N ASP E 57 21.70 0.42 -30.26
CA ASP E 57 20.61 -0.23 -29.53
C ASP E 57 21.03 -0.54 -28.10
N TRP E 58 20.14 -0.25 -27.16
CA TRP E 58 20.44 -0.45 -25.75
C TRP E 58 19.25 -1.09 -25.06
N ILE E 59 19.54 -1.80 -23.97
CA ILE E 59 18.55 -2.27 -23.01
C ILE E 59 19.00 -1.82 -21.63
N SER E 60 18.05 -1.77 -20.71
CA SER E 60 18.29 -1.34 -19.34
C SER E 60 17.93 -2.47 -18.39
N ASN E 61 18.82 -2.74 -17.43
CA ASN E 61 18.62 -3.82 -16.47
C ASN E 61 18.92 -3.31 -15.06
N GLU E 62 18.62 -4.15 -14.08
CA GLU E 62 18.84 -3.81 -12.67
C GLU E 62 19.47 -5.03 -12.00
N ILE E 63 20.73 -4.90 -11.62
CA ILE E 63 21.49 -6.01 -11.05
C ILE E 63 22.09 -5.56 -9.73
N ALA E 64 21.77 -6.29 -8.65
CA ALA E 64 22.35 -6.06 -7.33
C ALA E 64 22.12 -4.62 -6.86
N GLY E 65 20.95 -4.08 -7.19
CA GLY E 65 20.64 -2.71 -6.81
C GLY E 65 21.29 -1.65 -7.65
N ARG E 66 21.85 -2.00 -8.81
CA ARG E 66 22.48 -1.05 -9.70
C ARG E 66 21.72 -1.01 -11.01
N PRO E 67 21.43 0.18 -11.55
CA PRO E 67 20.86 0.26 -12.91
C PRO E 67 21.96 0.26 -13.95
N LEU E 68 21.76 -0.54 -15.01
CA LEU E 68 22.77 -0.76 -16.02
C LEU E 68 22.19 -0.51 -17.41
N ILE E 69 23.02 0.05 -18.28
CA ILE E 69 22.74 0.15 -19.71
C ILE E 69 23.67 -0.82 -20.42
N VAL E 70 23.08 -1.74 -21.19
CA VAL E 70 23.84 -2.65 -22.04
C VAL E 70 23.54 -2.24 -23.48
N ALA E 71 24.59 -1.83 -24.19
CA ALA E 71 24.43 -1.17 -25.48
C ALA E 71 25.35 -1.78 -26.52
N ARG E 72 25.00 -1.55 -27.78
CA ARG E 72 25.80 -1.99 -28.91
C ARG E 72 26.60 -0.81 -29.43
N HIS E 73 27.91 -0.86 -29.26
CA HIS E 73 28.79 0.21 -29.69
C HIS E 73 28.85 0.27 -31.21
N SER E 74 29.46 1.34 -31.73
CA SER E 74 29.53 1.55 -33.17
C SER E 74 30.42 0.53 -33.86
N ASP E 75 31.32 -0.13 -33.13
CA ASP E 75 32.20 -1.14 -33.71
C ASP E 75 31.59 -2.53 -33.68
N GLY E 76 30.35 -2.67 -33.23
CA GLY E 76 29.68 -3.95 -33.20
C GLY E 76 29.80 -4.72 -31.90
N SER E 77 30.60 -4.23 -30.94
CA SER E 77 30.77 -4.92 -29.68
C SER E 77 29.61 -4.60 -28.74
N VAL E 78 29.65 -5.17 -27.54
CA VAL E 78 28.64 -4.98 -26.52
C VAL E 78 29.31 -4.37 -25.29
N ARG E 79 28.75 -3.28 -24.79
CA ARG E 79 29.31 -2.56 -23.65
C ARG E 79 28.27 -2.43 -22.55
N ALA E 80 28.74 -2.32 -21.32
CA ALA E 80 27.88 -2.15 -20.16
C ALA E 80 28.35 -0.96 -19.34
N MET E 81 27.44 -0.08 -18.97
CA MET E 81 27.76 1.08 -18.17
C MET E 81 26.67 1.33 -17.14
N MET E 82 26.97 2.21 -16.19
CA MET E 82 25.98 2.59 -15.19
C MET E 82 24.98 3.58 -15.80
N ASN E 83 23.70 3.36 -15.52
CA ASN E 83 22.65 4.29 -15.96
C ASN E 83 22.57 5.49 -15.02
N ARG E 84 23.66 6.26 -15.00
CA ARG E 84 23.81 7.35 -14.05
C ARG E 84 24.70 8.41 -14.67
N CYS E 85 24.13 9.60 -14.90
CA CYS E 85 24.88 10.68 -15.53
C CYS E 85 26.02 11.15 -14.64
N ALA E 86 27.10 11.61 -15.29
CA ALA E 86 28.29 12.02 -14.57
C ALA E 86 28.13 13.36 -13.86
N HIS E 87 27.06 14.10 -14.14
CA HIS E 87 26.91 15.43 -13.54
C HIS E 87 26.35 15.34 -12.13
N LYS E 88 25.12 14.83 -11.99
CA LYS E 88 24.48 14.77 -10.69
C LYS E 88 23.72 13.47 -10.44
N GLY E 89 23.76 12.50 -11.34
CA GLY E 89 23.23 11.18 -11.08
C GLY E 89 21.96 10.81 -11.81
N SER E 90 21.35 11.72 -12.56
CA SER E 90 20.10 11.41 -13.23
C SER E 90 20.30 10.33 -14.29
N ARG E 91 19.27 9.52 -14.49
CA ARG E 91 19.32 8.47 -15.50
C ARG E 91 19.40 9.09 -16.90
N LEU E 92 20.05 8.35 -17.81
CA LEU E 92 20.17 8.81 -19.19
C LEU E 92 19.06 8.27 -20.08
N VAL E 93 18.59 7.06 -19.81
CA VAL E 93 17.58 6.40 -20.63
C VAL E 93 16.48 5.87 -19.73
N ASN E 94 15.24 6.14 -20.09
CA ASN E 94 14.07 5.69 -19.34
C ASN E 94 13.32 4.68 -20.18
N GLY E 95 13.11 3.48 -19.64
CA GLY E 95 12.41 2.44 -20.32
C GLY E 95 13.19 1.14 -20.36
N PRO E 96 12.61 0.10 -20.94
CA PRO E 96 13.29 -1.21 -20.98
C PRO E 96 14.30 -1.34 -22.11
N CYS E 97 14.07 -0.66 -23.22
CA CYS E 97 14.94 -0.77 -24.38
C CYS E 97 14.79 0.48 -25.23
N GLY E 98 15.72 0.66 -26.17
CA GLY E 98 15.63 1.80 -27.06
C GLY E 98 16.85 1.91 -27.96
N ASN E 99 16.93 3.06 -28.63
CA ASN E 99 18.01 3.37 -29.56
C ASN E 99 18.34 4.85 -29.45
N THR E 100 19.59 5.18 -29.15
CA THR E 100 20.02 6.55 -28.92
C THR E 100 20.85 7.12 -30.06
N GLY E 101 20.98 6.41 -31.17
CA GLY E 101 21.75 6.92 -32.29
C GLY E 101 23.25 6.87 -32.05
N LYS E 102 23.87 8.03 -31.83
CA LYS E 102 25.32 8.10 -31.70
C LYS E 102 25.82 8.46 -30.32
N PHE E 103 24.98 9.03 -29.46
CA PHE E 103 25.44 9.43 -28.14
C PHE E 103 24.26 9.47 -27.17
N PHE E 104 24.60 9.44 -25.88
CA PHE E 104 23.63 9.61 -24.81
C PHE E 104 23.59 11.07 -24.39
N ARG E 105 22.38 11.59 -24.15
CA ARG E 105 22.18 12.98 -23.76
C ARG E 105 21.32 13.00 -22.50
N CYS E 106 21.87 13.52 -21.41
CA CYS E 106 21.14 13.55 -20.16
C CYS E 106 19.91 14.45 -20.28
N PRO E 107 18.76 14.01 -19.78
CA PRO E 107 17.55 14.83 -19.86
C PRO E 107 17.42 15.89 -18.77
N TYR E 108 18.47 16.14 -17.99
CA TYR E 108 18.43 17.18 -16.96
C TYR E 108 19.16 18.45 -17.40
N HIS E 109 20.45 18.35 -17.74
CA HIS E 109 21.22 19.49 -18.21
C HIS E 109 21.92 19.21 -19.52
N ALA E 110 21.54 18.13 -20.21
CA ALA E 110 21.99 17.83 -21.57
C ALA E 110 23.51 17.64 -21.64
N TRP E 111 24.08 17.00 -20.62
CA TRP E 111 25.41 16.46 -20.79
C TRP E 111 25.36 15.31 -21.80
N THR E 112 26.46 15.13 -22.52
CA THR E 112 26.47 14.16 -23.61
C THR E 112 27.69 13.25 -23.49
N PHE E 113 27.48 11.96 -23.74
CA PHE E 113 28.50 10.94 -23.61
C PHE E 113 28.44 10.01 -24.81
N LYS E 114 29.55 9.34 -25.09
CA LYS E 114 29.58 8.39 -26.17
C LYS E 114 28.90 7.08 -25.75
N THR E 115 28.62 6.24 -26.75
CA THR E 115 27.94 4.98 -26.49
C THR E 115 28.77 4.01 -25.65
N ASP E 116 30.10 4.15 -25.68
CA ASP E 116 30.96 3.37 -24.79
C ASP E 116 31.09 3.99 -23.41
N GLY E 117 30.44 5.13 -23.16
CA GLY E 117 30.42 5.75 -21.85
C GLY E 117 31.35 6.94 -21.69
N SER E 118 32.29 7.15 -22.61
CA SER E 118 33.22 8.25 -22.47
C SER E 118 32.52 9.59 -22.72
N LEU E 119 33.05 10.64 -22.08
CA LEU E 119 32.46 11.96 -22.19
C LEU E 119 32.63 12.52 -23.60
N LEU E 120 31.62 13.24 -24.08
CA LEU E 120 31.65 13.86 -25.39
C LEU E 120 31.65 15.38 -25.33
N ALA E 121 30.68 15.98 -24.65
CA ALA E 121 30.58 17.43 -24.61
C ALA E 121 29.79 17.85 -23.38
N ILE E 122 30.17 18.98 -22.81
CA ILE E 122 29.47 19.61 -21.70
C ILE E 122 28.96 20.97 -22.18
N PRO E 123 27.66 21.23 -22.15
CA PRO E 123 27.16 22.53 -22.61
C PRO E 123 27.66 23.67 -21.74
N LEU E 124 27.94 24.80 -22.38
CA LEU E 124 28.49 25.98 -21.73
C LEU E 124 29.74 25.62 -20.92
N LYS E 125 30.70 25.01 -21.62
CA LYS E 125 31.94 24.56 -20.98
C LYS E 125 32.73 25.72 -20.38
N THR E 126 32.53 26.94 -20.88
CA THR E 126 33.29 28.10 -20.42
C THR E 126 33.16 28.34 -18.92
N GLY E 127 32.24 27.66 -18.24
CA GLY E 127 32.08 27.78 -16.81
C GLY E 127 32.92 26.84 -15.98
N TYR E 128 33.84 26.08 -16.59
CA TYR E 128 34.63 25.10 -15.86
C TYR E 128 36.14 25.30 -16.05
N GLU E 129 36.56 26.48 -16.49
CA GLU E 129 37.97 26.68 -16.85
C GLU E 129 38.88 26.58 -15.63
N ASN E 130 38.58 27.32 -14.57
CA ASN E 130 39.45 27.41 -13.42
C ASN E 130 39.00 26.50 -12.27
N THR E 131 38.18 25.51 -12.56
CA THR E 131 37.65 24.60 -11.55
C THR E 131 38.41 23.28 -11.57
N ALA E 132 37.92 22.32 -10.80
CA ALA E 132 38.55 21.02 -10.67
C ALA E 132 37.65 19.88 -11.16
N LEU E 133 36.81 20.16 -12.16
CA LEU E 133 36.00 19.10 -12.75
C LEU E 133 36.86 18.08 -13.47
N HIS E 134 37.90 18.54 -14.17
CA HIS E 134 38.73 17.65 -14.98
C HIS E 134 39.60 16.72 -14.17
N GLU E 135 39.70 16.92 -12.85
CA GLU E 135 40.47 16.02 -12.00
C GLU E 135 39.64 14.88 -11.42
N CYS E 136 38.35 15.11 -11.18
CA CYS E 136 37.51 14.09 -10.58
C CYS E 136 37.15 13.03 -11.60
N GLU E 137 36.29 12.10 -11.20
CA GLU E 137 35.88 10.99 -12.05
C GLU E 137 34.70 11.35 -12.95
N SER E 138 34.14 12.54 -12.82
CA SER E 138 33.09 12.97 -13.74
C SER E 138 33.64 13.31 -15.12
N ALA E 139 34.94 13.52 -15.23
CA ALA E 139 35.54 13.81 -16.54
C ALA E 139 35.65 12.57 -17.41
N LYS E 140 35.78 11.39 -16.81
CA LYS E 140 35.92 10.17 -17.59
C LYS E 140 34.63 9.81 -18.32
N GLY E 141 33.49 10.26 -17.81
CA GLY E 141 32.21 9.88 -18.38
C GLY E 141 31.45 8.92 -17.50
N LEU E 142 30.61 8.08 -18.09
CA LEU E 142 29.90 7.08 -17.32
C LEU E 142 30.85 6.00 -16.82
N THR E 143 30.55 5.47 -15.64
CA THR E 143 31.31 4.35 -15.11
C THR E 143 30.97 3.10 -15.91
N THR E 144 31.99 2.41 -16.39
CA THR E 144 31.81 1.25 -17.25
C THR E 144 32.07 -0.04 -16.49
N LEU E 145 31.61 -1.14 -17.07
CA LEU E 145 31.85 -2.48 -16.56
C LEU E 145 32.76 -3.20 -17.54
N ARG E 146 33.92 -3.65 -17.06
CA ARG E 146 34.86 -4.36 -17.91
C ARG E 146 34.70 -5.86 -17.84
N TYR E 147 33.75 -6.35 -17.05
CA TYR E 147 33.40 -7.77 -17.02
C TYR E 147 32.07 -7.96 -17.75
N VAL E 148 32.16 -8.04 -19.08
CA VAL E 148 31.02 -8.35 -19.93
C VAL E 148 31.45 -9.43 -20.89
N ARG E 149 30.68 -10.52 -20.95
CA ARG E 149 31.02 -11.63 -21.81
C ARG E 149 29.76 -12.15 -22.50
N SER E 150 29.95 -12.82 -23.63
CA SER E 150 28.86 -13.34 -24.41
C SER E 150 29.15 -14.76 -24.84
N HIS E 151 28.15 -15.63 -24.72
CA HIS E 151 28.22 -17.00 -25.19
C HIS E 151 26.95 -17.31 -25.97
N ARG E 152 27.10 -17.55 -27.28
CA ARG E 152 25.97 -17.82 -28.17
C ARG E 152 24.88 -16.77 -28.05
N GLY E 153 25.27 -15.53 -27.73
CA GLY E 153 24.37 -14.42 -27.62
C GLY E 153 23.99 -14.04 -26.21
N PHE E 154 24.19 -14.94 -25.24
CA PHE E 154 23.86 -14.64 -23.85
C PHE E 154 24.93 -13.72 -23.27
N ILE E 155 24.50 -12.64 -22.61
CA ILE E 155 25.41 -11.65 -22.04
C ILE E 155 25.43 -11.80 -20.53
N PHE E 156 26.62 -11.94 -19.97
CA PHE E 156 26.83 -12.05 -18.53
C PHE E 156 27.75 -10.93 -18.07
N VAL E 157 27.42 -10.33 -16.92
CA VAL E 157 28.22 -9.27 -16.33
C VAL E 157 28.56 -9.64 -14.89
N LYS E 158 29.62 -9.02 -14.39
CA LYS E 158 30.04 -9.16 -13.00
C LYS E 158 30.47 -7.79 -12.50
N ILE E 159 29.77 -7.29 -11.48
CA ILE E 159 29.92 -5.89 -11.09
C ILE E 159 31.33 -5.63 -10.56
N SER E 160 31.82 -6.50 -9.68
CA SER E 160 33.08 -6.26 -8.99
C SER E 160 34.19 -7.08 -9.64
N ASP E 161 35.39 -6.97 -9.07
CA ASP E 161 36.57 -7.66 -9.56
C ASP E 161 36.98 -8.83 -8.69
N ALA E 162 36.14 -9.24 -7.74
CA ALA E 162 36.43 -10.35 -6.85
C ALA E 162 35.64 -11.58 -7.27
N GLY E 163 36.35 -12.70 -7.43
CA GLY E 163 35.73 -13.93 -7.85
C GLY E 163 36.38 -14.51 -9.09
N PRO E 164 36.08 -15.77 -9.38
CA PRO E 164 36.66 -16.41 -10.57
C PRO E 164 36.13 -15.79 -11.85
N ASP E 165 36.94 -15.87 -12.90
CA ASP E 165 36.56 -15.33 -14.19
C ASP E 165 35.49 -16.20 -14.85
N PHE E 166 34.95 -15.70 -15.96
CA PHE E 166 33.84 -16.34 -16.66
C PHE E 166 34.13 -17.81 -16.96
N ASP E 167 35.30 -18.10 -17.54
CA ASP E 167 35.61 -19.45 -17.97
C ASP E 167 35.65 -20.42 -16.80
N ASP E 168 36.38 -20.06 -15.75
CA ASP E 168 36.45 -20.92 -14.58
C ASP E 168 35.16 -20.88 -13.77
N TYR E 169 34.41 -19.78 -13.83
CA TYR E 169 33.14 -19.71 -13.12
C TYR E 169 32.12 -20.69 -13.68
N PHE E 170 32.05 -20.81 -15.01
CA PHE E 170 31.01 -21.64 -15.60
C PHE E 170 31.47 -23.04 -15.99
N GLY E 171 32.76 -23.24 -16.25
CA GLY E 171 33.25 -24.58 -16.53
C GLY E 171 32.65 -25.15 -17.80
N ASP E 172 32.09 -26.36 -17.70
CA ASP E 172 31.55 -27.08 -18.85
C ASP E 172 30.03 -27.06 -18.90
N SER E 173 29.38 -26.30 -18.02
CA SER E 173 27.92 -26.20 -18.07
C SER E 173 27.44 -25.48 -19.33
N LEU E 174 28.31 -24.69 -19.96
CA LEU E 174 27.92 -23.93 -21.14
C LEU E 174 27.43 -24.82 -22.26
N SER E 175 27.79 -26.12 -22.23
CA SER E 175 27.30 -27.05 -23.24
C SER E 175 25.79 -27.01 -23.34
N SER E 176 25.10 -26.85 -22.21
CA SER E 176 23.64 -26.73 -22.24
C SER E 176 23.22 -25.63 -23.20
N ILE E 177 23.79 -24.44 -23.04
CA ILE E 177 23.48 -23.32 -23.94
C ILE E 177 23.75 -23.73 -25.37
N ASP E 178 24.88 -24.41 -25.62
CA ASP E 178 25.21 -24.81 -26.98
C ASP E 178 24.11 -25.66 -27.57
N ASN E 179 23.58 -26.62 -26.80
CA ASN E 179 22.49 -27.43 -27.31
C ASN E 179 21.29 -26.56 -27.66
N MET E 180 20.95 -25.63 -26.77
CA MET E 180 19.86 -24.70 -27.04
C MET E 180 20.07 -23.95 -28.35
N ALA E 181 21.34 -23.70 -28.71
CA ALA E 181 21.62 -23.01 -29.95
C ALA E 181 21.82 -23.96 -31.13
N ASP E 182 22.15 -25.22 -30.87
CA ASP E 182 22.41 -26.17 -31.95
C ASP E 182 21.14 -26.79 -32.51
N ARG E 183 20.00 -26.52 -31.90
CA ARG E 183 18.72 -27.05 -32.37
C ARG E 183 18.11 -26.21 -33.48
N SER E 184 18.83 -25.22 -33.99
CA SER E 184 18.48 -24.35 -35.10
C SER E 184 19.32 -24.67 -36.31
N PRO E 185 18.71 -24.76 -37.50
CA PRO E 185 19.51 -24.98 -38.72
C PRO E 185 20.55 -23.91 -38.96
N GLU E 186 20.28 -22.67 -38.56
CA GLU E 186 21.25 -21.58 -38.71
C GLU E 186 22.16 -21.43 -37.49
N GLY E 187 21.89 -22.17 -36.41
CA GLY E 187 22.71 -22.06 -35.22
C GLY E 187 22.52 -20.76 -34.45
N GLU E 188 21.40 -20.08 -34.63
CA GLU E 188 21.16 -18.79 -34.00
C GLU E 188 19.80 -18.78 -33.32
N LEU E 189 19.71 -18.01 -32.24
CA LEU E 189 18.47 -17.80 -31.51
C LEU E 189 18.06 -16.35 -31.64
N GLU E 190 16.74 -16.10 -31.56
CA GLU E 190 16.29 -14.72 -31.44
C GLU E 190 15.18 -14.66 -30.39
N ILE E 191 15.01 -13.47 -29.81
CA ILE E 191 13.99 -13.28 -28.78
C ILE E 191 12.65 -12.99 -29.45
N ALA E 192 11.65 -13.81 -29.12
CA ALA E 192 10.32 -13.63 -29.68
C ALA E 192 9.30 -14.29 -28.77
N GLY E 193 8.08 -13.80 -28.80
CA GLY E 193 6.98 -14.37 -28.05
C GLY E 193 6.59 -13.61 -26.80
N GLY E 194 7.37 -12.63 -26.37
CA GLY E 194 7.05 -11.85 -25.19
C GLY E 194 7.63 -12.43 -23.92
N CYS E 195 7.49 -11.67 -22.84
CA CYS E 195 8.04 -12.02 -21.53
C CYS E 195 6.93 -12.07 -20.50
N LEU E 196 6.94 -13.13 -19.68
CA LEU E 196 5.98 -13.28 -18.60
C LEU E 196 6.64 -12.90 -17.28
N ARG E 197 6.00 -11.98 -16.55
CA ARG E 197 6.55 -11.47 -15.30
C ARG E 197 5.63 -11.86 -14.16
N PHE E 198 6.19 -12.53 -13.15
CA PHE E 198 5.44 -13.12 -12.05
C PHE E 198 6.07 -12.69 -10.75
N MET E 199 5.28 -12.12 -9.85
CA MET E 199 5.78 -11.64 -8.56
C MET E 199 5.46 -12.67 -7.48
N HIS E 200 6.49 -13.12 -6.78
CA HIS E 200 6.38 -14.10 -5.73
C HIS E 200 6.65 -13.44 -4.38
N GLN E 201 5.77 -13.71 -3.42
CA GLN E 201 5.96 -13.22 -2.05
C GLN E 201 6.81 -14.19 -1.25
N CYS E 202 8.00 -14.47 -1.79
CA CYS E 202 8.93 -15.39 -1.17
C CYS E 202 10.35 -14.99 -1.55
N ASN E 203 11.30 -15.47 -0.75
CA ASN E 203 12.70 -15.26 -1.08
C ASN E 203 13.05 -15.98 -2.38
N TRP E 204 13.99 -15.41 -3.12
CA TRP E 204 14.41 -16.02 -4.38
C TRP E 204 15.02 -17.39 -4.18
N LYS E 205 15.57 -17.66 -2.99
CA LYS E 205 16.28 -18.91 -2.76
C LYS E 205 15.35 -20.10 -2.95
N MET E 206 14.12 -20.03 -2.42
CA MET E 206 13.20 -21.15 -2.55
C MET E 206 12.86 -21.44 -4.00
N PHE E 207 12.67 -20.39 -4.80
CA PHE E 207 12.43 -20.60 -6.23
C PHE E 207 13.63 -21.26 -6.89
N VAL E 208 14.84 -20.88 -6.50
CA VAL E 208 16.02 -21.49 -7.10
C VAL E 208 16.13 -22.97 -6.70
N GLU E 209 15.67 -23.31 -5.49
CA GLU E 209 15.71 -24.72 -5.07
C GLU E 209 14.64 -25.55 -5.75
N ASN E 210 13.46 -24.99 -6.02
CA ASN E 210 12.38 -25.79 -6.61
C ASN E 210 12.74 -26.34 -7.98
N LEU E 211 13.80 -25.83 -8.60
CA LEU E 211 14.12 -26.21 -9.98
C LEU E 211 14.63 -27.63 -10.09
N ASN E 212 15.44 -28.07 -9.12
CA ASN E 212 16.03 -29.41 -9.15
C ASN E 212 15.51 -30.29 -8.02
N ASP E 213 14.25 -30.11 -7.63
CA ASP E 213 13.62 -30.90 -6.57
C ASP E 213 12.65 -31.87 -7.22
N THR E 214 12.99 -33.16 -7.20
CA THR E 214 12.20 -34.19 -7.86
C THR E 214 11.23 -34.89 -6.92
N MET E 215 11.25 -34.58 -5.62
CA MET E 215 10.31 -35.19 -4.68
C MET E 215 9.02 -34.40 -4.53
N HIS E 216 9.00 -33.15 -4.98
CA HIS E 216 7.83 -32.28 -4.87
C HIS E 216 6.72 -32.50 -5.90
N PRO E 217 7.00 -32.78 -7.18
CA PRO E 217 5.93 -32.66 -8.19
C PRO E 217 4.75 -33.58 -7.96
N MET E 218 4.95 -34.77 -7.39
CA MET E 218 3.85 -35.71 -7.20
C MET E 218 3.01 -35.38 -5.98
N VAL E 219 3.43 -34.43 -5.15
CA VAL E 219 2.70 -34.04 -3.95
C VAL E 219 2.01 -32.68 -4.13
N ALA E 220 2.78 -31.63 -4.38
CA ALA E 220 2.20 -30.29 -4.49
C ALA E 220 1.38 -30.14 -5.76
N HIS E 221 1.88 -30.66 -6.88
CA HIS E 221 1.22 -30.52 -8.17
C HIS E 221 0.22 -31.64 -8.44
N GLU E 222 -0.29 -32.28 -7.39
CA GLU E 222 -1.19 -33.42 -7.59
C GLU E 222 -2.56 -32.97 -8.11
N SER E 223 -3.12 -31.90 -7.52
CA SER E 223 -4.49 -31.50 -7.84
C SER E 223 -4.66 -31.10 -9.30
N SER E 224 -3.58 -30.75 -10.00
CA SER E 224 -3.65 -30.37 -11.41
C SER E 224 -3.11 -31.44 -12.34
N ALA E 225 -1.87 -31.90 -12.13
CA ALA E 225 -1.31 -32.92 -12.98
C ALA E 225 -2.06 -34.24 -12.85
N GLY E 226 -2.39 -34.64 -11.62
CA GLY E 226 -3.19 -35.83 -11.43
C GLY E 226 -4.58 -35.70 -12.03
N THR E 227 -5.16 -34.50 -11.92
CA THR E 227 -6.48 -34.28 -12.54
C THR E 227 -6.40 -34.45 -14.05
N ALA E 228 -5.35 -33.91 -14.68
CA ALA E 228 -5.19 -34.08 -16.11
C ALA E 228 -4.98 -35.54 -16.48
N LYS E 229 -4.16 -36.26 -15.70
CA LYS E 229 -3.90 -37.66 -15.97
C LYS E 229 -5.18 -38.48 -15.89
N ARG E 230 -6.00 -38.23 -14.85
N ARG E 230 -6.01 -38.21 -14.87
CA ARG E 230 -7.28 -38.92 -14.75
CA ARG E 230 -7.27 -38.92 -14.74
C ARG E 230 -8.22 -38.54 -15.88
C ARG E 230 -8.26 -38.53 -15.84
N MET E 231 -8.24 -37.27 -16.27
CA MET E 231 -9.14 -36.84 -17.33
C MET E 231 -8.81 -37.50 -18.66
N TRP E 232 -7.51 -37.68 -18.94
CA TRP E 232 -7.14 -38.35 -20.18
C TRP E 232 -7.28 -39.86 -20.07
N ALA E 233 -7.45 -40.38 -18.86
CA ALA E 233 -7.67 -41.81 -18.69
C ALA E 233 -9.00 -42.21 -19.30
N ASP E 234 -9.12 -43.50 -19.65
CA ASP E 234 -10.30 -44.11 -20.26
C ASP E 234 -10.42 -43.68 -21.73
N LYS E 235 -9.54 -42.81 -22.19
CA LYS E 235 -9.49 -42.49 -23.60
C LYS E 235 -8.81 -43.61 -24.36
N PRO E 236 -9.17 -43.85 -25.62
CA PRO E 236 -8.47 -44.86 -26.42
C PRO E 236 -6.98 -44.58 -26.52
N GLU E 237 -6.16 -45.64 -26.45
CA GLU E 237 -4.71 -45.49 -26.46
C GLU E 237 -4.20 -45.00 -27.81
N ASP E 238 -5.06 -45.03 -28.83
CA ASP E 238 -4.70 -44.59 -30.17
C ASP E 238 -4.99 -43.12 -30.41
N GLU E 239 -5.93 -42.54 -29.68
CA GLU E 239 -6.26 -41.13 -29.87
C GLU E 239 -5.07 -40.25 -29.50
N PRO E 240 -4.74 -39.25 -30.30
CA PRO E 240 -3.60 -38.39 -29.98
C PRO E 240 -3.82 -37.62 -28.69
N LYS E 241 -2.74 -37.49 -27.91
CA LYS E 241 -2.80 -36.70 -26.68
C LYS E 241 -2.71 -35.22 -27.00
N PRO E 242 -3.61 -34.39 -26.48
CA PRO E 242 -3.41 -32.94 -26.57
C PRO E 242 -2.11 -32.55 -25.88
N MET E 243 -1.43 -31.54 -26.44
CA MET E 243 -0.12 -31.15 -25.93
C MET E 243 -0.17 -30.73 -24.47
N ALA E 244 -1.32 -30.24 -24.00
CA ALA E 244 -1.47 -29.92 -22.59
C ALA E 244 -1.34 -31.17 -21.74
N VAL E 245 -2.04 -32.25 -22.13
CA VAL E 245 -1.91 -33.50 -21.40
C VAL E 245 -0.50 -34.08 -21.54
N GLU E 246 0.10 -33.93 -22.71
CA GLU E 246 1.46 -34.41 -22.92
C GLU E 246 2.45 -33.72 -21.97
N GLN E 247 2.30 -32.41 -21.79
CA GLN E 247 3.20 -31.68 -20.91
C GLN E 247 2.82 -31.80 -19.44
N PHE E 248 1.59 -32.20 -19.13
CA PHE E 248 1.17 -32.32 -17.74
C PHE E 248 1.39 -33.71 -17.15
N ALA E 249 1.26 -34.76 -17.95
CA ALA E 249 1.34 -36.12 -17.43
C ALA E 249 2.65 -36.45 -16.72
N PRO E 250 3.84 -36.08 -17.22
CA PRO E 250 5.08 -36.53 -16.55
C PRO E 250 5.24 -36.04 -15.12
N PHE E 251 4.48 -35.03 -14.69
CA PHE E 251 4.63 -34.53 -13.33
C PHE E 251 4.21 -35.56 -12.30
N MET E 252 3.28 -36.45 -12.64
CA MET E 252 2.74 -37.43 -11.70
C MET E 252 3.37 -38.81 -11.86
N SER E 253 4.66 -38.86 -12.22
CA SER E 253 5.35 -40.12 -12.35
C SER E 253 5.72 -40.69 -10.97
N ASP E 254 6.11 -41.96 -10.97
CA ASP E 254 6.51 -42.62 -9.73
C ASP E 254 7.91 -42.17 -9.31
N TYR E 255 8.37 -42.68 -8.17
CA TYR E 255 9.67 -42.27 -7.64
C TYR E 255 10.81 -42.84 -8.46
N LYS E 256 10.65 -44.05 -8.98
CA LYS E 256 11.73 -44.68 -9.75
C LYS E 256 12.05 -43.91 -11.01
N PHE E 257 11.03 -43.36 -11.67
CA PHE E 257 11.24 -42.57 -12.88
C PHE E 257 12.16 -41.39 -12.61
N PHE E 258 11.82 -40.59 -11.59
CA PHE E 258 12.64 -39.43 -11.27
C PHE E 258 14.01 -39.83 -10.76
N GLU E 259 14.09 -40.93 -10.00
CA GLU E 259 15.38 -41.38 -9.48
C GLU E 259 16.31 -41.79 -10.61
N ASP E 260 15.80 -42.51 -11.60
CA ASP E 260 16.60 -42.93 -12.74
C ASP E 260 16.81 -41.82 -13.76
N MET E 261 16.06 -40.72 -13.66
CA MET E 261 16.16 -39.66 -14.65
C MET E 261 17.51 -38.96 -14.59
N GLY E 262 18.07 -38.78 -13.40
CA GLY E 262 19.47 -38.44 -13.25
C GLY E 262 19.70 -36.95 -13.00
N ILE E 263 20.91 -36.65 -12.53
CA ILE E 263 21.32 -35.29 -12.15
C ILE E 263 22.83 -35.17 -12.30
N ARG E 264 23.29 -34.03 -12.80
CA ARG E 264 24.72 -33.71 -12.80
C ARG E 264 24.94 -32.31 -12.23
N THR E 265 26.00 -32.17 -11.44
CA THR E 265 26.36 -30.91 -10.80
C THR E 265 27.80 -30.54 -11.14
N TYR E 266 28.03 -29.24 -11.30
CA TYR E 266 29.33 -28.65 -11.56
C TYR E 266 29.77 -27.85 -10.34
N ASP E 267 30.88 -27.13 -10.49
CA ASP E 267 31.30 -26.19 -9.46
C ASP E 267 30.44 -24.93 -9.52
N ASN E 268 30.57 -24.09 -8.49
CA ASN E 268 29.95 -22.77 -8.44
C ASN E 268 28.43 -22.83 -8.62
N GLY E 269 27.80 -23.89 -8.14
CA GLY E 269 26.35 -23.95 -8.08
C GLY E 269 25.64 -24.16 -9.39
N HIS E 270 26.34 -24.49 -10.46
CA HIS E 270 25.71 -24.77 -11.75
C HIS E 270 25.38 -26.25 -11.84
N SER E 271 24.15 -26.57 -12.23
CA SER E 271 23.79 -27.99 -12.27
C SER E 271 22.62 -28.19 -13.21
N PHE E 272 22.61 -29.34 -13.89
CA PHE E 272 21.49 -29.68 -14.75
C PHE E 272 20.90 -31.02 -14.34
N THR E 273 19.64 -31.21 -14.70
CA THR E 273 18.88 -32.37 -14.28
C THR E 273 18.43 -33.14 -15.53
N GLY E 274 18.42 -34.47 -15.43
CA GLY E 274 17.99 -35.29 -16.54
C GLY E 274 19.10 -35.69 -17.49
N VAL E 275 20.15 -36.34 -16.95
CA VAL E 275 21.29 -36.72 -17.76
C VAL E 275 20.96 -37.81 -18.78
N HIS E 276 20.14 -38.79 -18.43
CA HIS E 276 19.79 -39.89 -19.33
C HIS E 276 18.55 -39.60 -20.16
N PHE E 277 17.44 -39.25 -19.51
CA PHE E 277 16.22 -38.85 -20.17
C PHE E 277 15.57 -37.76 -19.34
N SER E 278 14.37 -37.33 -19.76
CA SER E 278 13.68 -36.26 -19.06
C SER E 278 12.19 -36.31 -19.33
N ILE E 279 11.48 -35.33 -18.77
CA ILE E 279 10.04 -35.20 -18.91
C ILE E 279 9.69 -34.63 -20.28
N HIS E 280 10.70 -34.15 -20.99
CA HIS E 280 10.54 -33.62 -22.34
C HIS E 280 10.94 -34.64 -23.41
N SER E 281 11.04 -35.91 -23.03
CA SER E 281 11.64 -36.90 -23.93
C SER E 281 10.69 -37.30 -25.05
N LYS E 282 9.39 -37.43 -24.77
CA LYS E 282 8.49 -37.95 -25.79
C LYS E 282 8.06 -36.85 -26.77
N TYR E 283 7.28 -35.89 -26.28
CA TYR E 283 6.90 -34.67 -27.01
C TYR E 283 6.65 -34.87 -28.50
N LYS E 284 6.03 -35.97 -28.88
CA LYS E 284 5.66 -36.27 -30.26
C LYS E 284 6.91 -36.11 -31.15
N ALA E 285 6.72 -35.76 -32.42
CA ALA E 285 7.83 -35.58 -33.35
C ALA E 285 7.35 -34.79 -34.56
N ILE E 286 8.22 -33.93 -35.07
CA ILE E 286 7.93 -33.07 -36.23
C ILE E 286 8.81 -33.53 -37.38
N PRO E 287 8.26 -33.91 -38.52
CA PRO E 287 9.11 -34.41 -39.61
C PRO E 287 9.85 -33.31 -40.36
N ALA E 288 9.23 -32.15 -40.56
CA ALA E 288 9.89 -31.10 -41.34
C ALA E 288 11.12 -30.55 -40.63
N TYR E 289 11.03 -30.37 -39.30
CA TYR E 289 12.17 -29.92 -38.54
C TYR E 289 13.31 -30.92 -38.60
N ASP E 290 12.99 -32.21 -38.50
CA ASP E 290 14.00 -33.25 -38.63
C ASP E 290 14.64 -33.24 -40.01
N ASP E 291 13.82 -33.04 -41.05
CA ASP E 291 14.36 -32.96 -42.41
C ASP E 291 15.31 -31.79 -42.56
N ALA E 292 14.95 -30.63 -42.01
CA ALA E 292 15.83 -29.46 -42.10
C ALA E 292 17.14 -29.69 -41.36
N MET E 293 17.07 -30.24 -40.15
CA MET E 293 18.30 -30.52 -39.41
C MET E 293 19.13 -31.59 -40.11
N LYS E 294 18.49 -32.55 -40.77
CA LYS E 294 19.20 -33.53 -41.58
C LYS E 294 19.94 -32.86 -42.72
N ALA E 295 19.28 -31.92 -43.40
CA ALA E 295 19.90 -31.23 -44.52
C ALA E 295 21.07 -30.38 -44.06
N ARG E 296 20.98 -29.77 -42.88
CA ARG E 296 22.04 -28.88 -42.43
C ARG E 296 23.21 -29.64 -41.82
N TYR E 297 22.93 -30.61 -40.95
CA TYR E 297 23.98 -31.29 -40.20
C TYR E 297 24.30 -32.67 -40.77
N GLY E 298 23.29 -33.51 -40.92
CA GLY E 298 23.48 -34.86 -41.41
C GLY E 298 22.64 -35.84 -40.60
N GLU E 299 23.15 -37.07 -40.48
CA GLU E 299 22.45 -38.11 -39.74
C GLU E 299 22.95 -38.20 -38.30
N ALA E 300 24.24 -38.49 -38.13
CA ALA E 300 24.78 -38.71 -36.79
C ALA E 300 24.72 -37.44 -35.96
N LYS E 301 25.06 -36.29 -36.54
CA LYS E 301 25.03 -35.04 -35.78
C LYS E 301 23.61 -34.67 -35.39
N THR E 302 22.66 -34.84 -36.29
CA THR E 302 21.26 -34.55 -35.97
C THR E 302 20.75 -35.47 -34.86
N ALA E 303 21.07 -36.76 -34.95
CA ALA E 303 20.64 -37.70 -33.91
C ALA E 303 21.27 -37.35 -32.56
N GLN E 304 22.54 -36.97 -32.56
CA GLN E 304 23.21 -36.60 -31.32
C GLN E 304 22.60 -35.32 -30.73
N ILE E 305 22.29 -34.35 -31.58
CA ILE E 305 21.74 -33.08 -31.08
C ILE E 305 20.34 -33.29 -30.52
N LEU E 306 19.47 -33.98 -31.27
CA LEU E 306 18.11 -34.18 -30.83
C LEU E 306 17.96 -35.24 -29.75
N GLY E 307 18.99 -36.05 -29.52
CA GLY E 307 18.99 -36.99 -28.42
C GLY E 307 19.45 -36.42 -27.10
N MET E 308 19.82 -35.15 -27.07
CA MET E 308 20.23 -34.47 -25.85
C MET E 308 19.01 -33.75 -25.29
N ALA E 309 18.48 -34.25 -24.17
CA ALA E 309 17.17 -33.86 -23.67
C ALA E 309 17.23 -33.53 -22.19
N ARG E 310 18.15 -32.66 -21.81
CA ARG E 310 18.28 -32.24 -20.42
C ARG E 310 16.98 -31.61 -19.93
N HIS E 311 16.66 -31.84 -18.66
CA HIS E 311 15.38 -31.38 -18.12
C HIS E 311 15.41 -29.88 -17.88
N ASN E 312 16.30 -29.41 -17.00
CA ASN E 312 16.56 -27.99 -16.89
C ASN E 312 17.94 -27.78 -16.29
N THR E 313 18.51 -26.61 -16.58
CA THR E 313 19.86 -26.25 -16.17
C THR E 313 19.81 -24.98 -15.35
N VAL E 314 20.62 -24.94 -14.29
CA VAL E 314 20.69 -23.82 -13.38
C VAL E 314 22.08 -23.23 -13.47
N TYR E 315 22.17 -21.97 -13.91
CA TYR E 315 23.36 -21.14 -13.81
C TYR E 315 23.16 -20.22 -12.61
N TYR E 316 23.91 -20.48 -11.55
CA TYR E 316 23.81 -19.70 -10.33
C TYR E 316 24.35 -18.28 -10.57
N PRO E 317 23.73 -17.26 -9.96
CA PRO E 317 22.59 -17.31 -9.04
C PRO E 317 21.25 -16.90 -9.62
N ASN E 318 21.10 -16.62 -10.92
CA ASN E 318 19.84 -16.05 -11.36
C ASN E 318 19.31 -16.58 -12.68
N LEU E 319 19.93 -17.58 -13.30
CA LEU E 319 19.47 -18.03 -14.61
C LEU E 319 19.12 -19.51 -14.59
N THR E 320 18.02 -19.87 -15.25
CA THR E 320 17.73 -21.26 -15.53
C THR E 320 17.21 -21.39 -16.95
N ILE E 321 17.57 -22.49 -17.62
CA ILE E 321 17.20 -22.68 -19.02
C ILE E 321 16.67 -24.10 -19.24
N LYS E 322 15.92 -24.26 -20.32
CA LYS E 322 15.47 -25.56 -20.79
C LYS E 322 15.98 -25.79 -22.20
N GLY E 323 16.43 -27.02 -22.47
CA GLY E 323 17.03 -27.32 -23.76
C GLY E 323 16.06 -27.52 -24.90
N ALA E 324 15.16 -28.51 -24.76
CA ALA E 324 14.27 -28.88 -25.84
C ALA E 324 13.00 -28.03 -25.93
N ILE E 325 12.83 -27.07 -25.03
CA ILE E 325 11.62 -26.25 -25.00
C ILE E 325 11.98 -24.83 -25.45
N GLN E 326 13.26 -24.47 -25.29
CA GLN E 326 13.76 -23.14 -25.67
C GLN E 326 13.08 -22.05 -24.85
N ALA E 327 13.18 -22.17 -23.53
CA ALA E 327 12.64 -21.18 -22.62
C ALA E 327 13.57 -21.03 -21.43
N ILE E 328 13.72 -19.79 -20.97
CA ILE E 328 14.59 -19.46 -19.85
C ILE E 328 13.80 -18.68 -18.81
N ARG E 329 14.30 -18.71 -17.58
CA ARG E 329 13.74 -17.95 -16.48
C ARG E 329 14.85 -17.22 -15.75
N VAL E 330 14.58 -15.96 -15.40
CA VAL E 330 15.53 -15.08 -14.73
C VAL E 330 14.97 -14.72 -13.36
N VAL E 331 15.84 -14.70 -12.36
CA VAL E 331 15.47 -14.40 -10.99
C VAL E 331 15.87 -12.96 -10.69
N LYS E 332 14.90 -12.15 -10.24
CA LYS E 332 15.12 -10.76 -9.89
C LYS E 332 14.74 -10.56 -8.42
N PRO E 333 15.69 -10.72 -7.50
CA PRO E 333 15.39 -10.46 -6.08
C PRO E 333 14.99 -9.01 -5.86
N ILE E 334 14.00 -8.81 -4.99
CA ILE E 334 13.51 -7.49 -4.62
C ILE E 334 13.74 -7.20 -3.15
N SER E 335 13.33 -8.13 -2.28
CA SER E 335 13.54 -7.97 -0.85
C SER E 335 13.71 -9.35 -0.24
N ALA E 336 13.62 -9.42 1.09
CA ALA E 336 13.72 -10.71 1.75
C ALA E 336 12.49 -11.58 1.49
N ASP E 337 11.35 -10.95 1.20
CA ASP E 337 10.10 -11.68 0.97
C ASP E 337 9.41 -11.20 -0.30
N ARG E 338 10.19 -10.81 -1.31
CA ARG E 338 9.63 -10.37 -2.58
C ARG E 338 10.63 -10.66 -3.69
N THR E 339 10.18 -11.36 -4.73
CA THR E 339 11.01 -11.74 -5.86
C THR E 339 10.21 -11.60 -7.14
N LEU E 340 10.90 -11.30 -8.23
CA LEU E 340 10.27 -11.19 -9.55
C LEU E 340 10.92 -12.19 -10.50
N ILE E 341 10.09 -12.98 -11.19
CA ILE E 341 10.55 -14.01 -12.11
C ILE E 341 10.10 -13.63 -13.51
N GLU E 342 11.05 -13.59 -14.44
CA GLU E 342 10.78 -13.26 -15.83
C GLU E 342 11.08 -14.47 -16.70
N SER E 343 10.12 -14.84 -17.54
CA SER E 343 10.23 -15.98 -18.43
C SER E 343 10.21 -15.50 -19.88
N TRP E 344 11.27 -15.81 -20.62
CA TRP E 344 11.41 -15.47 -22.02
C TRP E 344 11.33 -16.75 -22.87
N THR E 345 11.12 -16.54 -24.16
CA THR E 345 11.12 -17.62 -25.13
C THR E 345 11.99 -17.23 -26.32
N PHE E 346 12.51 -18.23 -27.01
CA PHE E 346 13.37 -18.03 -28.15
C PHE E 346 12.75 -18.63 -29.40
N ARG E 347 13.06 -18.04 -30.55
CA ARG E 347 12.77 -18.63 -31.84
C ARG E 347 14.07 -19.14 -32.44
N LEU E 348 14.06 -20.40 -32.88
CA LEU E 348 15.16 -20.99 -33.61
C LEU E 348 15.12 -20.51 -35.06
N LYS E 349 16.24 -20.02 -35.55
CA LYS E 349 16.29 -19.47 -36.91
C LYS E 349 16.22 -20.61 -37.93
N GLY E 350 15.32 -20.46 -38.90
CA GLY E 350 15.17 -21.44 -39.96
C GLY E 350 14.29 -22.62 -39.65
N ALA E 351 13.63 -22.65 -38.50
CA ALA E 351 12.79 -23.77 -38.11
C ALA E 351 11.32 -23.49 -38.43
N PRO E 352 10.53 -24.54 -38.62
CA PRO E 352 9.09 -24.35 -38.85
C PRO E 352 8.41 -23.75 -37.64
N PRO E 353 7.24 -23.10 -37.82
CA PRO E 353 6.60 -22.41 -36.69
C PRO E 353 6.13 -23.33 -35.57
N GLU E 354 6.01 -24.63 -35.81
CA GLU E 354 5.51 -25.53 -34.78
C GLU E 354 6.39 -25.51 -33.53
N LEU E 355 7.70 -25.34 -33.70
CA LEU E 355 8.60 -25.29 -32.56
C LEU E 355 8.25 -24.12 -31.65
N LEU E 356 8.07 -22.93 -32.23
CA LEU E 356 7.75 -21.76 -31.43
C LEU E 356 6.35 -21.87 -30.84
N GLN E 357 5.41 -22.47 -31.58
CA GLN E 357 4.07 -22.66 -31.04
C GLN E 357 4.10 -23.55 -29.80
N ARG E 358 4.85 -24.65 -29.87
CA ARG E 358 4.99 -25.53 -28.71
C ARG E 358 5.66 -24.81 -27.55
N THR E 359 6.71 -24.03 -27.84
CA THR E 359 7.41 -23.31 -26.78
C THR E 359 6.48 -22.31 -26.09
N THR E 360 5.71 -21.55 -26.87
CA THR E 360 4.80 -20.58 -26.26
C THR E 360 3.71 -21.27 -25.46
N MET E 361 3.20 -22.41 -25.96
CA MET E 361 2.18 -23.13 -25.21
C MET E 361 2.72 -23.60 -23.86
N TYR E 362 3.94 -24.16 -23.85
CA TYR E 362 4.53 -24.59 -22.59
C TYR E 362 4.76 -23.42 -21.65
N ASN E 363 5.24 -22.29 -22.19
CA ASN E 363 5.48 -21.11 -21.36
C ASN E 363 4.19 -20.63 -20.71
N ARG E 364 3.12 -20.53 -21.49
CA ARG E 364 1.84 -20.12 -20.92
C ARG E 364 1.36 -21.11 -19.87
N LEU E 365 1.49 -22.40 -20.14
CA LEU E 365 0.94 -23.41 -19.23
C LEU E 365 1.69 -23.45 -17.91
N ILE E 366 2.99 -23.20 -17.90
CA ILE E 366 3.80 -23.42 -16.71
C ILE E 366 4.15 -22.12 -16.00
N ASN E 367 4.55 -21.09 -16.73
CA ASN E 367 5.18 -19.93 -16.12
C ASN E 367 4.26 -18.73 -15.94
N SER E 368 3.05 -18.78 -16.44
CA SER E 368 2.16 -17.63 -16.34
C SER E 368 1.67 -17.43 -14.91
N PRO E 369 1.40 -16.19 -14.51
CA PRO E 369 0.76 -15.97 -13.20
C PRO E 369 -0.64 -16.57 -13.10
N PHE E 370 -1.26 -16.90 -14.23
CA PHE E 370 -2.56 -17.55 -14.26
C PHE E 370 -2.46 -19.07 -14.26
N SER E 371 -1.26 -19.62 -14.12
CA SER E 371 -1.06 -21.06 -14.22
C SER E 371 -1.27 -21.74 -12.88
N VAL E 372 -1.94 -22.90 -12.93
CA VAL E 372 -2.25 -23.63 -11.70
C VAL E 372 -0.99 -24.21 -11.07
N VAL E 373 -0.05 -24.68 -11.89
CA VAL E 373 1.21 -25.20 -11.37
C VAL E 373 1.97 -24.10 -10.64
N GLY E 374 2.02 -22.91 -11.23
CA GLY E 374 2.60 -21.78 -10.55
C GLY E 374 1.88 -21.44 -9.26
N HIS E 375 0.55 -21.58 -9.26
CA HIS E 375 -0.21 -21.33 -8.04
C HIS E 375 0.22 -22.28 -6.93
N ASP E 376 0.34 -23.57 -7.23
CA ASP E 376 0.75 -24.54 -6.21
C ASP E 376 2.16 -24.27 -5.71
N ASP E 377 3.09 -24.00 -6.63
CA ASP E 377 4.46 -23.74 -6.20
C ASP E 377 4.56 -22.47 -5.36
N LEU E 378 3.83 -21.43 -5.75
CA LEU E 378 3.82 -20.19 -4.97
C LEU E 378 3.19 -20.41 -3.61
N GLN E 379 2.14 -21.25 -3.53
CA GLN E 379 1.56 -21.56 -2.23
C GLN E 379 2.57 -22.27 -1.33
N ALA E 380 3.35 -23.18 -1.90
CA ALA E 380 4.40 -23.84 -1.12
C ALA E 380 5.44 -22.83 -0.63
N TYR E 381 5.85 -21.91 -1.50
CA TYR E 381 6.83 -20.89 -1.09
C TYR E 381 6.28 -20.02 0.02
N ARG E 382 5.04 -19.57 -0.13
CA ARG E 382 4.42 -18.70 0.88
C ARG E 382 4.27 -19.45 2.21
N GLY E 383 3.88 -20.72 2.15
CA GLY E 383 3.81 -21.51 3.37
C GLY E 383 5.15 -21.62 4.06
N MET E 384 6.22 -21.86 3.29
CA MET E 384 7.55 -21.93 3.89
C MET E 384 7.94 -20.59 4.51
N GLN E 385 7.67 -19.49 3.81
CA GLN E 385 8.03 -18.17 4.31
C GLN E 385 7.30 -17.85 5.60
N ALA E 386 6.01 -18.21 5.68
CA ALA E 386 5.24 -17.95 6.89
C ALA E 386 5.67 -18.87 8.03
N GLY E 387 5.93 -20.15 7.73
CA GLY E 387 6.27 -21.09 8.78
C GLY E 387 7.69 -21.02 9.28
N LEU E 388 8.59 -20.37 8.54
CA LEU E 388 9.95 -20.33 9.07
C LEU E 388 10.12 -19.34 10.21
N HIS E 389 9.06 -18.76 10.77
CA HIS E 389 9.19 -17.88 11.93
C HIS E 389 8.94 -18.59 13.24
N ALA E 390 8.55 -19.87 13.22
CA ALA E 390 8.33 -20.61 14.44
C ALA E 390 9.65 -20.86 15.16
N SER E 391 9.56 -21.01 16.48
CA SER E 391 10.75 -21.23 17.30
C SER E 391 10.96 -22.73 17.49
N GLY E 392 11.93 -23.09 18.32
CA GLY E 392 12.26 -24.48 18.56
C GLY E 392 13.28 -25.01 17.56
N ASN E 393 12.79 -25.72 16.54
CA ASN E 393 13.65 -26.20 15.47
C ASN E 393 13.90 -25.05 14.51
N GLU E 394 15.14 -24.56 14.46
CA GLU E 394 15.52 -23.40 13.67
C GLU E 394 16.46 -23.78 12.52
N TRP E 395 16.20 -24.91 11.88
CA TRP E 395 17.07 -25.40 10.82
C TRP E 395 16.22 -25.96 9.69
N VAL E 396 16.86 -26.09 8.52
CA VAL E 396 16.27 -26.66 7.33
C VAL E 396 17.16 -27.81 6.87
N SER E 397 16.56 -28.98 6.70
CA SER E 397 17.29 -30.22 6.47
C SER E 397 17.62 -30.40 4.99
N LEU E 398 18.88 -30.73 4.72
CA LEU E 398 19.34 -31.09 3.38
C LEU E 398 20.12 -32.40 3.45
N HIS E 399 19.57 -33.39 4.15
CA HIS E 399 20.25 -34.65 4.40
C HIS E 399 20.00 -35.70 3.33
N ARG E 400 19.10 -35.48 2.39
CA ARG E 400 18.71 -36.53 1.46
C ARG E 400 19.89 -36.89 0.55
N ASN E 401 20.22 -38.19 0.52
CA ASN E 401 21.28 -38.72 -0.33
C ASN E 401 22.62 -38.03 -0.10
N TYR E 402 22.88 -37.63 1.13
CA TYR E 402 24.10 -36.91 1.46
C TYR E 402 25.25 -37.88 1.70
N ASP E 403 26.43 -37.52 1.19
CA ASP E 403 27.64 -38.32 1.41
C ASP E 403 28.83 -37.38 1.45
N PRO E 404 29.73 -37.52 2.42
CA PRO E 404 30.86 -36.59 2.53
C PRO E 404 31.81 -36.63 1.35
N SER E 405 31.82 -37.72 0.56
CA SER E 405 32.71 -37.80 -0.60
C SER E 405 32.38 -36.73 -1.63
N GLU E 406 31.21 -36.11 -1.56
CA GLU E 406 30.85 -35.02 -2.44
C GLU E 406 31.62 -33.74 -2.15
N LEU E 407 32.35 -33.68 -1.03
CA LEU E 407 33.09 -32.47 -0.70
C LEU E 407 34.34 -32.26 -1.57
N LYS E 408 34.71 -33.24 -2.38
CA LYS E 408 35.84 -33.05 -3.28
C LYS E 408 35.49 -32.15 -4.46
N GLY E 409 34.21 -31.99 -4.78
CA GLY E 409 33.80 -31.08 -5.82
C GLY E 409 33.94 -31.68 -7.22
N GLY E 410 33.90 -30.80 -8.21
CA GLY E 410 33.99 -31.20 -9.59
C GLY E 410 32.66 -31.60 -10.18
N GLU E 411 32.74 -32.24 -11.34
CA GLU E 411 31.56 -32.74 -12.03
C GLU E 411 31.11 -34.05 -11.37
N ILE E 412 29.88 -34.06 -10.86
CA ILE E 412 29.35 -35.22 -10.15
C ILE E 412 28.02 -35.62 -10.78
N THR E 413 27.89 -36.89 -11.13
CA THR E 413 26.66 -37.45 -11.67
C THR E 413 26.04 -38.39 -10.64
N THR E 414 24.73 -38.29 -10.45
CA THR E 414 24.05 -39.06 -9.42
C THR E 414 22.57 -39.17 -9.80
N GLY E 415 21.80 -39.78 -8.91
CA GLY E 415 20.39 -40.01 -9.17
C GLY E 415 19.56 -38.75 -9.12
N GLY E 416 18.27 -38.91 -9.43
CA GLY E 416 17.40 -37.77 -9.58
C GLY E 416 16.87 -37.17 -8.30
N THR E 417 16.80 -37.95 -7.22
CA THR E 417 16.25 -37.47 -5.97
C THR E 417 17.31 -36.97 -5.00
N ASN E 418 18.55 -36.85 -5.44
CA ASN E 418 19.61 -36.37 -4.57
C ASN E 418 19.40 -34.90 -4.23
N GLU E 419 19.71 -34.54 -2.98
CA GLU E 419 19.66 -33.15 -2.55
C GLU E 419 21.04 -32.48 -2.60
N LEU E 420 21.94 -33.03 -3.40
CA LEU E 420 23.26 -32.43 -3.57
C LEU E 420 23.23 -31.01 -4.14
N PRO E 421 22.44 -30.69 -5.18
CA PRO E 421 22.54 -29.34 -5.76
C PRO E 421 22.32 -28.22 -4.77
N MET E 422 21.39 -28.36 -3.82
CA MET E 422 21.19 -27.31 -2.83
C MET E 422 22.41 -27.14 -1.95
N ARG E 423 23.03 -28.25 -1.54
CA ARG E 423 24.22 -28.17 -0.71
C ARG E 423 25.36 -27.47 -1.45
N ASN E 424 25.55 -27.81 -2.73
CA ASN E 424 26.57 -27.13 -3.52
C ASN E 424 26.25 -25.65 -3.67
N GLN E 425 24.98 -25.31 -3.89
CA GLN E 425 24.57 -23.92 -4.01
C GLN E 425 24.93 -23.14 -2.76
N TYR E 426 24.64 -23.70 -1.59
CA TYR E 426 24.92 -22.96 -0.36
C TYR E 426 26.41 -22.91 -0.04
N ARG E 427 27.18 -23.94 -0.41
CA ARG E 427 28.63 -23.83 -0.28
C ARG E 427 29.16 -22.68 -1.12
N ALA E 428 28.69 -22.57 -2.37
CA ALA E 428 29.12 -21.46 -3.22
C ALA E 428 28.67 -20.12 -2.66
N TRP E 429 27.45 -20.06 -2.11
CA TRP E 429 26.94 -18.81 -1.55
C TRP E 429 27.78 -18.38 -0.36
N VAL E 430 28.15 -19.32 0.51
CA VAL E 430 29.03 -18.99 1.64
C VAL E 430 30.37 -18.47 1.14
N GLN E 431 30.95 -19.14 0.13
CA GLN E 431 32.23 -18.70 -0.40
C GLN E 431 32.14 -17.28 -0.94
N ARG E 432 31.10 -16.99 -1.72
CA ARG E 432 30.98 -15.68 -2.35
C ARG E 432 30.69 -14.59 -1.32
N MET E 433 29.93 -14.91 -0.27
CA MET E 433 29.79 -13.96 0.83
C MET E 433 31.13 -13.67 1.49
N THR E 434 31.85 -14.72 1.89
CA THR E 434 33.01 -14.54 2.74
C THR E 434 34.26 -14.08 1.99
N GLU E 435 34.26 -14.14 0.65
CA GLU E 435 35.46 -13.71 -0.06
C GLU E 435 35.72 -12.22 0.09
N THR E 436 34.68 -11.40 0.21
CA THR E 436 34.84 -9.96 0.24
C THR E 436 34.61 -9.35 1.62
N MET E 437 34.41 -10.16 2.64
CA MET E 437 34.28 -9.66 4.01
C MET E 437 35.60 -9.03 4.49
N VAL F 6 -30.80 -12.03 -30.96
CA VAL F 6 -31.96 -11.56 -31.73
C VAL F 6 -32.15 -10.07 -31.51
N THR F 7 -32.06 -9.63 -30.26
CA THR F 7 -32.15 -8.23 -29.89
C THR F 7 -30.92 -7.82 -29.09
N ARG F 8 -30.62 -6.52 -29.13
CA ARG F 8 -29.43 -6.01 -28.45
C ARG F 8 -29.52 -6.22 -26.94
N GLN F 9 -30.71 -5.96 -26.37
CA GLN F 9 -30.89 -6.16 -24.94
C GLN F 9 -30.64 -7.59 -24.52
N ASP F 10 -30.93 -8.55 -25.40
CA ASP F 10 -30.61 -9.94 -25.11
C ASP F 10 -29.11 -10.15 -24.96
N LEU F 11 -28.31 -9.52 -25.82
CA LEU F 11 -26.86 -9.64 -25.71
C LEU F 11 -26.34 -8.97 -24.44
N ILE F 12 -26.89 -7.79 -24.10
CA ILE F 12 -26.50 -7.14 -22.85
C ILE F 12 -26.80 -8.05 -21.66
N ASP F 13 -28.00 -8.63 -21.65
CA ASP F 13 -28.38 -9.53 -20.57
C ASP F 13 -27.49 -10.77 -20.55
N PHE F 14 -27.09 -11.26 -21.73
CA PHE F 14 -26.18 -12.41 -21.78
C PHE F 14 -24.87 -12.10 -21.09
N VAL F 15 -24.27 -10.94 -21.40
CA VAL F 15 -23.00 -10.59 -20.77
C VAL F 15 -23.17 -10.42 -19.27
N VAL F 16 -24.24 -9.73 -18.86
CA VAL F 16 -24.47 -9.49 -17.43
C VAL F 16 -24.66 -10.82 -16.69
N ASN F 17 -25.46 -11.72 -17.27
CA ASN F 17 -25.72 -13.00 -16.64
C ASN F 17 -24.48 -13.88 -16.60
N GLU F 18 -23.60 -13.79 -17.60
CA GLU F 18 -22.35 -14.53 -17.55
C GLU F 18 -21.49 -14.04 -16.40
N ALA F 19 -21.39 -12.72 -16.22
CA ALA F 19 -20.66 -12.19 -15.08
C ALA F 19 -21.27 -12.66 -13.76
N HIS F 20 -22.61 -12.66 -13.69
CA HIS F 20 -23.28 -13.10 -12.47
C HIS F 20 -23.01 -14.57 -12.18
N LEU F 21 -23.03 -15.41 -13.22
CA LEU F 21 -22.71 -16.83 -13.06
C LEU F 21 -21.30 -17.01 -12.54
N LEU F 22 -20.35 -16.24 -13.08
CA LEU F 22 -18.99 -16.32 -12.57
C LEU F 22 -18.91 -15.90 -11.10
N ASP F 23 -19.71 -14.90 -10.72
CA ASP F 23 -19.63 -14.39 -9.35
C ASP F 23 -20.19 -15.37 -8.32
N THR F 24 -21.14 -16.22 -8.73
CA THR F 24 -21.85 -17.10 -7.81
C THR F 24 -21.21 -18.48 -7.71
N ARG F 25 -20.11 -18.70 -8.44
CA ARG F 25 -19.38 -19.98 -8.45
C ARG F 25 -20.17 -21.10 -9.09
N ARG F 26 -20.98 -20.79 -10.10
CA ARG F 26 -21.68 -21.80 -10.88
C ARG F 26 -20.91 -22.09 -12.16
N TYR F 27 -19.73 -22.70 -11.97
CA TYR F 27 -18.81 -22.91 -13.08
C TYR F 27 -19.37 -23.90 -14.10
N GLU F 28 -20.11 -24.91 -13.64
CA GLU F 28 -20.63 -25.91 -14.56
C GLU F 28 -21.63 -25.29 -15.54
N GLU F 29 -22.42 -24.33 -15.10
CA GLU F 29 -23.33 -23.64 -15.99
C GLU F 29 -22.61 -22.62 -16.87
N TRP F 30 -21.56 -22.00 -16.33
CA TRP F 30 -20.81 -21.01 -17.09
C TRP F 30 -20.08 -21.65 -18.27
N ASN F 31 -19.41 -22.78 -18.03
CA ASN F 31 -18.67 -23.44 -19.09
C ASN F 31 -19.58 -23.99 -20.19
N ALA F 32 -20.87 -24.20 -19.90
CA ALA F 32 -21.78 -24.71 -20.91
C ALA F 32 -22.20 -23.65 -21.91
N LEU F 33 -21.91 -22.38 -21.63
CA LEU F 33 -22.26 -21.31 -22.58
C LEU F 33 -21.32 -21.26 -23.77
N PHE F 34 -20.12 -21.81 -23.64
CA PHE F 34 -19.16 -21.80 -24.72
C PHE F 34 -19.55 -22.78 -25.82
N THR F 35 -19.03 -22.52 -27.02
CA THR F 35 -19.07 -23.51 -28.08
C THR F 35 -17.95 -24.52 -27.87
N ASP F 36 -18.07 -25.66 -28.55
CA ASP F 36 -17.11 -26.74 -28.35
C ASP F 36 -15.69 -26.33 -28.74
N ASP F 37 -15.55 -25.46 -29.75
CA ASP F 37 -14.25 -25.00 -30.21
C ASP F 37 -13.97 -23.56 -29.80
N ALA F 38 -14.67 -23.04 -28.80
CA ALA F 38 -14.47 -21.68 -28.36
C ALA F 38 -13.19 -21.53 -27.54
N PHE F 39 -12.76 -20.30 -27.36
CA PHE F 39 -11.53 -20.00 -26.64
C PHE F 39 -11.76 -18.90 -25.62
N TYR F 40 -11.07 -19.03 -24.50
CA TYR F 40 -11.04 -18.03 -23.44
C TYR F 40 -9.63 -17.47 -23.41
N TRP F 41 -9.47 -16.24 -23.89
CA TRP F 41 -8.17 -15.66 -24.23
C TRP F 41 -7.88 -14.46 -23.34
N VAL F 42 -6.68 -14.45 -22.75
CA VAL F 42 -6.15 -13.29 -22.05
C VAL F 42 -4.84 -12.90 -22.71
N PRO F 43 -4.83 -11.86 -23.54
CA PRO F 43 -3.59 -11.47 -24.22
C PRO F 43 -2.53 -10.99 -23.24
N LEU F 44 -1.28 -11.12 -23.66
CA LEU F 44 -0.15 -10.72 -22.83
C LEU F 44 0.35 -9.32 -23.18
N VAL F 45 0.20 -8.88 -24.42
CA VAL F 45 0.65 -7.56 -24.84
C VAL F 45 -0.52 -6.82 -25.48
N PRO F 46 -0.54 -5.49 -25.44
CA PRO F 46 -1.61 -4.75 -26.11
C PRO F 46 -1.57 -4.97 -27.62
N ASP F 47 -2.77 -5.03 -28.21
CA ASP F 47 -2.93 -5.22 -29.66
C ASP F 47 -2.24 -6.49 -30.14
N GLN F 48 -2.33 -7.56 -29.35
CA GLN F 48 -1.74 -8.84 -29.73
C GLN F 48 -2.46 -9.41 -30.94
N GLU F 49 -1.70 -10.02 -31.85
CA GLU F 49 -2.27 -10.48 -33.11
C GLU F 49 -3.11 -11.74 -32.90
N ASP F 50 -2.50 -12.78 -32.35
CA ASP F 50 -3.21 -14.03 -32.10
C ASP F 50 -2.54 -14.76 -30.94
N GLY F 51 -3.24 -15.76 -30.42
CA GLY F 51 -2.76 -16.57 -29.32
C GLY F 51 -2.00 -17.80 -29.70
N LEU F 52 -1.66 -17.97 -30.98
CA LEU F 52 -0.97 -19.17 -31.44
C LEU F 52 0.55 -18.98 -31.46
N ASN F 53 1.03 -17.94 -32.12
CA ASN F 53 2.46 -17.69 -32.25
C ASN F 53 3.00 -16.72 -31.21
N HIS F 54 2.18 -16.29 -30.25
CA HIS F 54 2.60 -15.37 -29.22
C HIS F 54 2.07 -15.86 -27.87
N THR F 55 2.85 -15.61 -26.83
CA THR F 55 2.47 -16.06 -25.50
C THR F 55 1.29 -15.24 -24.97
N SER F 56 0.49 -15.87 -24.12
CA SER F 56 -0.65 -15.22 -23.50
C SER F 56 -0.74 -15.65 -22.04
N HIS F 57 -1.56 -14.92 -21.27
CA HIS F 57 -1.78 -15.33 -19.88
C HIS F 57 -2.68 -16.55 -19.81
N LEU F 58 -3.67 -16.63 -20.70
CA LEU F 58 -4.61 -17.74 -20.74
C LEU F 58 -5.12 -17.89 -22.16
N TYR F 59 -5.01 -19.10 -22.71
CA TYR F 59 -5.62 -19.44 -23.99
C TYR F 59 -6.20 -20.84 -23.83
N GLU F 60 -7.44 -20.91 -23.35
CA GLU F 60 -8.04 -22.15 -22.89
C GLU F 60 -9.11 -22.63 -23.86
N ASP F 61 -9.03 -23.90 -24.24
CA ASP F 61 -10.10 -24.58 -24.95
C ASP F 61 -10.99 -25.29 -23.94
N LYS F 62 -11.88 -26.17 -24.43
CA LYS F 62 -12.82 -26.85 -23.54
C LYS F 62 -12.10 -27.71 -22.52
N LEU F 63 -11.04 -28.42 -22.94
CA LEU F 63 -10.35 -29.33 -22.04
C LEU F 63 -9.69 -28.59 -20.88
N LEU F 64 -9.02 -27.48 -21.17
CA LEU F 64 -8.33 -26.74 -20.12
C LEU F 64 -9.32 -26.07 -19.17
N ARG F 65 -10.43 -25.56 -19.70
CA ARG F 65 -11.47 -25.00 -18.84
C ARG F 65 -12.05 -26.07 -17.92
N GLU F 66 -12.31 -27.27 -18.47
CA GLU F 66 -12.81 -28.36 -17.65
C GLU F 66 -11.81 -28.75 -16.58
N LEU F 67 -10.52 -28.80 -16.93
CA LEU F 67 -9.49 -29.12 -15.95
C LEU F 67 -9.47 -28.09 -14.82
N ARG F 68 -9.51 -26.81 -15.17
CA ARG F 68 -9.47 -25.76 -14.16
C ARG F 68 -10.70 -25.80 -13.26
N ILE F 69 -11.87 -26.05 -13.84
CA ILE F 69 -13.09 -26.13 -13.04
C ILE F 69 -13.05 -27.35 -12.12
N GLU F 70 -12.58 -28.49 -12.63
CA GLU F 70 -12.56 -29.71 -11.85
C GLU F 70 -11.53 -29.66 -10.72
N ARG F 71 -10.42 -28.94 -10.93
CA ARG F 71 -9.41 -28.84 -9.87
C ARG F 71 -9.95 -28.13 -8.64
N LEU F 72 -10.93 -27.23 -8.82
CA LEU F 72 -11.43 -26.47 -7.69
C LEU F 72 -12.18 -27.34 -6.69
N LYS F 73 -12.76 -28.45 -7.15
CA LYS F 73 -13.47 -29.35 -6.25
C LYS F 73 -12.55 -30.33 -5.54
N SER F 74 -11.27 -30.34 -5.87
CA SER F 74 -10.36 -31.30 -5.25
C SER F 74 -10.12 -30.92 -3.79
N PRO F 75 -9.97 -31.91 -2.90
CA PRO F 75 -9.64 -31.61 -1.51
C PRO F 75 -8.17 -31.32 -1.26
N ARG F 76 -7.34 -31.37 -2.30
CA ARG F 76 -5.90 -31.14 -2.15
C ARG F 76 -5.42 -29.96 -2.99
N ALA F 77 -6.33 -29.07 -3.39
CA ALA F 77 -5.96 -27.82 -4.03
C ALA F 77 -5.44 -26.88 -2.95
N PHE F 78 -4.17 -27.07 -2.60
CA PHE F 78 -3.59 -26.41 -1.44
C PHE F 78 -3.66 -24.89 -1.55
N SER F 79 -3.54 -24.35 -2.76
CA SER F 79 -3.57 -22.91 -2.93
C SER F 79 -4.96 -22.32 -2.77
N GLN F 80 -6.00 -23.15 -2.68
CA GLN F 80 -7.37 -22.69 -2.55
C GLN F 80 -7.95 -23.00 -1.17
N GLN F 81 -7.13 -22.87 -0.14
CA GLN F 81 -7.56 -23.07 1.24
C GLN F 81 -7.11 -21.86 2.06
N PRO F 82 -8.02 -20.96 2.44
CA PRO F 82 -9.47 -20.95 2.18
C PRO F 82 -9.79 -20.54 0.75
N PRO F 83 -10.98 -20.86 0.24
CA PRO F 83 -11.32 -20.51 -1.14
C PRO F 83 -11.36 -19.01 -1.35
N SER F 84 -11.06 -18.58 -2.57
CA SER F 84 -11.08 -17.18 -2.93
C SER F 84 -12.47 -16.76 -3.39
N ARG F 85 -12.71 -15.45 -3.37
CA ARG F 85 -13.97 -14.87 -3.81
C ARG F 85 -13.69 -13.78 -4.84
N CYS F 86 -14.61 -13.62 -5.78
CA CYS F 86 -14.44 -12.69 -6.88
C CYS F 86 -15.70 -11.87 -7.08
N HIS F 87 -15.53 -10.66 -7.59
CA HIS F 87 -16.62 -9.75 -7.88
C HIS F 87 -16.34 -9.00 -9.17
N HIS F 88 -17.37 -8.86 -9.99
CA HIS F 88 -17.30 -8.14 -11.26
C HIS F 88 -18.20 -6.91 -11.18
N LEU F 89 -17.66 -5.76 -11.57
CA LEU F 89 -18.44 -4.55 -11.73
C LEU F 89 -18.30 -4.10 -13.18
N LEU F 90 -19.43 -4.04 -13.90
CA LEU F 90 -19.43 -3.85 -15.33
C LEU F 90 -20.05 -2.51 -15.71
N GLN F 91 -19.43 -1.85 -16.68
CA GLN F 91 -20.11 -0.81 -17.42
C GLN F 91 -21.11 -1.45 -18.38
N VAL F 92 -22.10 -0.66 -18.79
CA VAL F 92 -23.12 -1.21 -19.69
C VAL F 92 -22.47 -1.66 -20.99
N PRO F 93 -22.73 -2.87 -21.47
CA PRO F 93 -22.09 -3.35 -22.70
C PRO F 93 -22.48 -2.51 -23.91
N VAL F 94 -21.54 -2.38 -24.84
CA VAL F 94 -21.74 -1.65 -26.08
C VAL F 94 -21.64 -2.64 -27.22
N VAL F 95 -22.66 -2.69 -28.07
CA VAL F 95 -22.69 -3.58 -29.21
C VAL F 95 -22.01 -2.89 -30.38
N GLU F 96 -20.82 -3.38 -30.77
CA GLU F 96 -20.13 -2.76 -31.90
C GLU F 96 -20.65 -3.29 -33.23
N GLN F 97 -20.58 -4.60 -33.42
CA GLN F 97 -21.02 -5.24 -34.64
C GLN F 97 -22.25 -6.10 -34.34
N PHE F 98 -23.25 -6.00 -35.21
CA PHE F 98 -24.53 -6.69 -35.05
C PHE F 98 -24.94 -7.19 -36.42
N ASP F 99 -24.58 -8.43 -36.73
CA ASP F 99 -24.89 -9.05 -38.01
C ASP F 99 -26.00 -10.07 -37.78
N ALA F 100 -27.25 -9.61 -37.88
CA ALA F 100 -28.38 -10.50 -37.68
C ALA F 100 -28.41 -11.60 -38.74
N GLU F 101 -28.13 -11.24 -39.99
CA GLU F 101 -28.11 -12.23 -41.06
C GLU F 101 -26.84 -13.07 -40.99
N GLY F 102 -25.71 -12.44 -40.67
CA GLY F 102 -24.44 -13.15 -40.66
C GLY F 102 -24.17 -13.99 -39.43
N ASN F 103 -25.00 -13.87 -38.39
CA ASN F 103 -24.86 -14.65 -37.16
C ASN F 103 -23.50 -14.44 -36.51
N ARG F 104 -23.26 -13.20 -36.11
CA ARG F 104 -22.00 -12.85 -35.45
C ARG F 104 -22.18 -11.52 -34.73
N PHE F 105 -21.97 -11.51 -33.41
CA PHE F 105 -22.16 -10.31 -32.60
C PHE F 105 -20.91 -10.03 -31.78
N VAL F 106 -20.51 -8.76 -31.73
CA VAL F 106 -19.33 -8.32 -31.01
C VAL F 106 -19.73 -7.26 -29.98
N LEU F 107 -19.33 -7.48 -28.73
CA LEU F 107 -19.67 -6.59 -27.62
C LEU F 107 -18.40 -6.17 -26.90
N ARG F 108 -18.39 -4.91 -26.43
CA ARG F 108 -17.28 -4.32 -25.70
C ARG F 108 -17.78 -3.83 -24.35
N THR F 109 -17.10 -4.21 -23.28
CA THR F 109 -17.58 -3.92 -21.93
C THR F 109 -16.41 -3.58 -21.02
N GLY F 110 -16.43 -2.38 -20.44
CA GLY F 110 -15.45 -2.06 -19.42
C GLY F 110 -15.75 -2.81 -18.13
N PHE F 111 -14.70 -3.18 -17.40
CA PHE F 111 -14.90 -3.96 -16.20
C PHE F 111 -13.87 -3.60 -15.13
N HIS F 112 -14.32 -3.73 -13.88
CA HIS F 112 -13.48 -3.68 -12.69
C HIS F 112 -13.67 -5.00 -11.96
N TYR F 113 -12.59 -5.74 -11.77
CA TYR F 113 -12.63 -7.09 -11.22
C TYR F 113 -11.87 -7.12 -9.90
N THR F 114 -12.49 -7.66 -8.87
CA THR F 114 -11.88 -7.74 -7.55
C THR F 114 -11.80 -9.19 -7.10
N GLU F 115 -10.65 -9.57 -6.54
CA GLU F 115 -10.45 -10.92 -6.04
C GLU F 115 -9.84 -10.84 -4.65
N SER F 116 -10.46 -11.55 -3.70
CA SER F 116 -10.05 -11.51 -2.31
C SER F 116 -9.91 -12.92 -1.75
N GLN F 117 -8.87 -13.12 -0.96
CA GLN F 117 -8.65 -14.37 -0.24
C GLN F 117 -8.05 -14.06 1.11
N GLY F 118 -8.68 -14.56 2.17
CA GLY F 118 -8.22 -14.24 3.50
C GLY F 118 -8.29 -12.76 3.75
N ASP F 119 -7.15 -12.17 4.15
CA ASP F 119 -7.05 -10.74 4.36
C ASP F 119 -6.36 -10.03 3.20
N GLU F 120 -6.30 -10.67 2.03
CA GLU F 120 -5.65 -10.10 0.87
C GLU F 120 -6.69 -9.80 -0.21
N LEU F 121 -6.50 -8.69 -0.92
CA LEU F 121 -7.45 -8.27 -1.94
C LEU F 121 -6.70 -7.55 -3.05
N GLN F 122 -7.07 -7.84 -4.30
CA GLN F 122 -6.51 -7.18 -5.46
C GLN F 122 -7.61 -6.84 -6.43
N PHE F 123 -7.34 -5.86 -7.29
CA PHE F 123 -8.31 -5.44 -8.29
C PHE F 123 -7.61 -5.13 -9.61
N TYR F 124 -8.35 -5.28 -10.68
CA TYR F 124 -7.87 -5.03 -12.05
C TYR F 124 -8.97 -4.34 -12.81
N VAL F 125 -8.58 -3.62 -13.86
CA VAL F 125 -9.52 -2.95 -14.73
C VAL F 125 -9.18 -3.30 -16.17
N GLY F 126 -10.19 -3.26 -17.03
CA GLY F 126 -9.93 -3.55 -18.43
C GLY F 126 -11.20 -3.64 -19.25
N THR F 127 -11.11 -4.37 -20.35
CA THR F 127 -12.19 -4.47 -21.32
C THR F 127 -12.43 -5.92 -21.72
N PHE F 128 -13.70 -6.29 -21.81
CA PHE F 128 -14.14 -7.57 -22.33
C PHE F 128 -14.59 -7.39 -23.77
N PHE F 129 -14.15 -8.30 -24.65
CA PHE F 129 -14.66 -8.41 -26.00
C PHE F 129 -15.36 -9.75 -26.12
N HIS F 130 -16.63 -9.73 -26.52
CA HIS F 130 -17.46 -10.92 -26.59
C HIS F 130 -17.87 -11.17 -28.04
N HIS F 131 -17.64 -12.38 -28.51
CA HIS F 131 -18.15 -12.85 -29.80
C HIS F 131 -19.24 -13.87 -29.54
N LEU F 132 -20.46 -13.56 -29.98
CA LEU F 132 -21.63 -14.38 -29.70
C LEU F 132 -22.30 -14.81 -31.00
N THR F 133 -22.89 -16.00 -30.95
CA THR F 133 -23.64 -16.57 -32.07
C THR F 133 -24.85 -17.29 -31.48
N VAL F 134 -25.72 -17.79 -32.36
CA VAL F 134 -26.93 -18.50 -31.95
C VAL F 134 -26.81 -19.95 -32.42
N ARG F 135 -26.83 -20.88 -31.44
CA ARG F 135 -26.84 -22.31 -31.71
C ARG F 135 -28.15 -22.88 -31.19
N ASP F 136 -28.99 -23.37 -32.10
CA ASP F 136 -30.26 -24.02 -31.76
C ASP F 136 -31.11 -23.12 -30.86
N GLY F 137 -31.12 -21.83 -31.19
CA GLY F 137 -31.93 -20.87 -30.45
C GLY F 137 -31.35 -20.40 -29.13
N ALA F 138 -30.11 -20.77 -28.81
CA ALA F 138 -29.47 -20.35 -27.59
C ALA F 138 -28.23 -19.53 -27.92
N LEU F 139 -28.05 -18.41 -27.23
CA LEU F 139 -26.86 -17.59 -27.43
C LEU F 139 -25.65 -18.27 -26.83
N ARG F 140 -24.57 -18.36 -27.60
CA ARG F 140 -23.38 -19.07 -27.18
C ARG F 140 -22.14 -18.29 -27.61
N MET F 141 -21.09 -18.42 -26.81
CA MET F 141 -19.86 -17.67 -27.03
C MET F 141 -18.92 -18.45 -27.94
N THR F 142 -18.25 -17.74 -28.84
CA THR F 142 -17.20 -18.34 -29.66
C THR F 142 -15.81 -17.87 -29.31
N LEU F 143 -15.69 -16.77 -28.56
CA LEU F 143 -14.40 -16.29 -28.10
C LEU F 143 -14.61 -15.23 -27.01
N LYS F 144 -13.90 -15.34 -25.90
CA LYS F 144 -13.95 -14.34 -24.85
C LYS F 144 -12.55 -13.78 -24.63
N ARG F 145 -12.32 -12.56 -25.08
CA ARG F 145 -11.02 -11.91 -24.98
C ARG F 145 -11.05 -10.92 -23.82
N VAL F 146 -10.02 -10.96 -22.98
CA VAL F 146 -9.95 -10.14 -21.78
C VAL F 146 -8.72 -9.26 -21.89
N ASN F 147 -8.91 -7.99 -22.23
CA ASN F 147 -7.82 -7.03 -22.34
C ASN F 147 -7.59 -6.36 -20.99
N LEU F 148 -6.43 -6.59 -20.40
CA LEU F 148 -6.06 -5.95 -19.15
C LEU F 148 -5.30 -4.66 -19.42
N LEU F 149 -5.50 -3.67 -18.55
CA LEU F 149 -4.80 -2.40 -18.70
C LEU F 149 -3.30 -2.59 -18.48
N ASN F 150 -2.90 -3.40 -17.51
CA ASN F 150 -1.51 -3.59 -17.17
C ASN F 150 -1.08 -5.03 -17.44
N CYS F 151 -1.46 -5.55 -18.61
CA CYS F 151 -1.20 -6.96 -18.93
C CYS F 151 0.28 -7.29 -18.88
N ASP F 152 1.14 -6.37 -19.33
CA ASP F 152 2.57 -6.63 -19.39
C ASP F 152 3.30 -6.18 -18.13
N ALA F 153 2.59 -5.84 -17.07
CA ALA F 153 3.22 -5.49 -15.81
C ALA F 153 3.39 -6.73 -14.94
N ALA F 154 4.14 -6.57 -13.84
CA ALA F 154 4.31 -7.66 -12.90
C ALA F 154 3.01 -7.88 -12.13
N LEU F 155 2.57 -9.13 -12.07
CA LEU F 155 1.31 -9.47 -11.45
C LEU F 155 1.49 -10.54 -10.39
N PRO F 156 0.63 -10.57 -9.39
CA PRO F 156 0.59 -11.69 -8.45
C PRO F 156 -0.30 -12.80 -9.00
N ALA F 157 -0.46 -13.85 -8.20
CA ALA F 157 -1.25 -14.99 -8.64
C ALA F 157 -2.72 -14.61 -8.77
N VAL F 158 -3.32 -14.98 -9.91
CA VAL F 158 -4.74 -14.79 -10.16
C VAL F 158 -5.34 -16.19 -10.30
N GLN F 159 -6.19 -16.56 -9.35
CA GLN F 159 -6.60 -17.95 -9.18
C GLN F 159 -8.01 -18.25 -9.65
N LEU F 160 -8.74 -17.27 -10.18
CA LEU F 160 -10.11 -17.50 -10.62
C LEU F 160 -10.30 -16.92 -12.01
N PHE F 161 -11.45 -17.23 -12.59
CA PHE F 161 -11.79 -16.75 -13.94
C PHE F 161 -12.15 -15.27 -13.88
N ILE F 162 -11.59 -14.49 -14.79
CA ILE F 162 -11.90 -13.07 -14.87
C ILE F 162 -13.05 -12.84 -15.85
FE1 FES G . -6.17 12.66 29.25
FE2 FES G . -5.76 14.68 27.50
S1 FES G . -7.13 14.64 29.23
S2 FES G . -4.94 12.63 27.42
C IAC H . 13.69 27.73 -12.14
C1 IAC H . 12.40 27.98 -12.68
C2 IAC H . 12.33 28.63 -13.90
C3 IAC H . 13.50 28.99 -14.55
C4 IAC H . 14.76 28.73 -13.98
C5 IAC H . 14.87 28.10 -12.78
C7 IAC H . 11.44 27.46 -11.72
C8 IAC H . 12.19 26.92 -10.67
C17 IAC H . 9.99 27.45 -11.77
C18 IAC H . 9.24 28.79 -11.55
N IAC H . 13.52 27.11 -10.98
O2 IAC H . 9.60 29.51 -10.60
O3 IAC H . 8.33 29.06 -12.37
FE FE I . 12.52 22.72 -12.94
FE1 FES J . 9.37 -30.95 3.05
FE2 FES J . 7.36 -30.48 4.80
S1 FES J . 7.80 -32.36 3.73
S2 FES J . 8.82 -29.04 4.00
C IAC K . -14.97 1.26 29.61
C1 IAC K . -16.17 0.98 28.93
C2 IAC K . -17.35 1.54 29.42
C3 IAC K . -17.28 2.34 30.54
C4 IAC K . -16.07 2.60 31.19
C5 IAC K . -14.89 2.07 30.74
C7 IAC K . -15.82 0.10 27.82
C8 IAC K . -14.44 -0.08 27.89
C17 IAC K . -16.69 -0.49 26.80
C18 IAC K . -17.61 -1.67 27.21
N IAC K . -13.98 0.62 28.97
O2 IAC K . -17.18 -2.46 28.08
O3 IAC K . -18.71 -1.74 26.65
FE FE L . -13.48 3.82 25.36
FE1 FES M . 23.13 17.17 -14.86
FE2 FES M . 22.99 14.76 -16.07
S1 FES M . 23.49 16.70 -16.97
S2 FES M . 22.49 15.25 -13.99
C IAC N . 10.73 -29.33 -11.25
C1 IAC N . 9.76 -29.22 -12.28
C2 IAC N . 9.15 -30.37 -12.72
C3 IAC N . 9.52 -31.58 -12.17
C4 IAC N . 10.48 -31.67 -11.14
C5 IAC N . 11.09 -30.55 -10.68
C7 IAC N . 9.67 -27.79 -12.59
C8 IAC N . 10.57 -27.14 -11.74
C17 IAC N . 8.84 -27.11 -13.57
C18 IAC N . 9.24 -27.19 -15.07
N IAC N . 11.17 -28.10 -10.97
O2 IAC N . 10.46 -27.08 -15.35
O3 IAC N . 8.32 -27.37 -15.88
FE FE O . 7.39 -26.81 -8.21
#